data_8WK6
#
_entry.id   8WK6
#
_cell.length_a   1.00
_cell.length_b   1.00
_cell.length_c   1.00
_cell.angle_alpha   90.00
_cell.angle_beta   90.00
_cell.angle_gamma   90.00
#
_symmetry.space_group_name_H-M   'P 1'
#
loop_
_entity.id
_entity.type
_entity.pdbx_description
1 polymer 'Amino acid transporter heavy chain SLC3A1'
2 polymer 'Solute carrier family 7 member 13'
3 branched 2-acetamido-2-deoxy-beta-D-glucopyranose-(1-4)-2-acetamido-2-deoxy-beta-D-glucopyranose
4 non-polymer 'CALCIUM ION'
#
loop_
_entity_poly.entity_id
_entity_poly.type
_entity_poly.pdbx_seq_one_letter_code
_entity_poly.pdbx_strand_id
1 'polypeptide(L)'
;SGGTMASGHSAWSHPQFEKGGGSGGGSGGSAWSHPQFEKVGSEEVDAGSSGRAEDKSKRDSIEMSMKGCQTNNGFVHNED
ILEQTPDPGSSTDNLKHSTRGILGSQEPDFKGVQPYAGMPKEVLFQFSGQARYRIPREILFWLTVASVLVLIAATIAIIA
LSPKCLDWWQEGPMYQIYPRSFKDSNKDGNGDLKGIQDKLDYITALNIKTVWITSFYKSSLKDFRYGVEDFREVDPIFGT
MEDFENLVAAIHDKGLKLIIDFIPNHTSDKHIWFQLSRTRTGKYTDYYIWHDCTHENGKTIPPNNWLSVYGNSSWHFDEV
RNQCYFHQFMKEQPDLNFRNPDVQEEIKEILRFWLTKGVDGFSLDAVKFLLEAKHLRDEIQVNKTQIPDTVTQYSELYHD
FTTTQVGMHDIVRSFRQTMDQYSTEPGRYRFMGTEAYAESIDRTVMYYGLPFIQEADFPFNNYLSMLDTVSGNSVYEVIT
SWMENMPEGKWPNWMIGGPDSSRLTSRLGNQYVNVMNMLLFTLPGTPITYYGEEIGMGNIVAANLNESYDINTLRSKSPM
QWDNSSNAGFSEASNTWLPTNSDYHTVNVDVQKTQPRSALKLYQDLSLLHANELLLNRGWFCHLRNDSHYVVYTRELDGI
DRIFIVVLNFGESTLLNLHNMISGLPAKMRIRLSTNSADKGSKVDTSGIFLDKGEGLIFEHNTKNLLHRQTAFRDRCFVS
NRACYSSVLNILYTSC
;
C,D
2 'polypeptide(L)'
;DYRSGGTMADYKDDDDKSGPDEVDASGRMDRGEKIQLKRVFGYWWGTSFLLINIIGAGIFVSPKGVLAYSCMNVGVSLCV
WAGCAILAMTSTLCSAEISISFPCSGAQYYFLKRYFGSTVAFLNLWTSLFLGSGVVAGQALLLAEYSIQPFFPSCSVPKL
PKKCLALAMLWIVGILTSRGVKEVTWLQIASSVLKVSILSFISLTGVVFLIRGKKENVERFQNAFDAELPDISHLIQAIF
QGYFAYSGGACFTLIAGELKKPRTTIPKCIFTALPLVTVVYLLVNISYLTVLTPREILSSDAVAITWADRAFPSLAWIMP
FAISTSLFSNLLISIFKSSRPIYLASQEGQLPLLFNTLNSHSSPFTAVLLLVTLGSLAIILTSLIDLINYIFFTGSLWSI
LLMIGILRRRYQEPNLSIPYKVFLSFPLATIVIDVGLVVIPLVKSPNVHYVYVLLLVLSGLLFYIPLIHFKIRLAWFEKM
TCYLQLLFNICLPDVSEE
;
B,A
#
loop_
_chem_comp.id
_chem_comp.type
_chem_comp.name
_chem_comp.formula
CA non-polymer 'CALCIUM ION' 'Ca 2'
NAG D-saccharide, beta linking 2-acetamido-2-deoxy-beta-D-glucopyranose 'C8 H15 N O6'
#
# COMPACT_ATOMS: atom_id res chain seq x y z
N PRO A 115 20.27 -40.03 -46.86
CA PRO A 115 20.73 -39.42 -45.61
C PRO A 115 22.21 -39.66 -45.35
N TYR A 116 22.98 -39.81 -46.42
CA TYR A 116 24.41 -40.07 -46.29
C TYR A 116 25.13 -38.84 -45.74
N ALA A 117 26.43 -39.02 -45.46
CA ALA A 117 27.24 -37.92 -44.93
C ALA A 117 27.30 -36.77 -45.92
N GLY A 118 27.10 -35.55 -45.42
CA GLY A 118 27.01 -34.41 -46.29
C GLY A 118 25.80 -34.39 -47.19
N MET A 119 24.66 -34.87 -46.69
CA MET A 119 23.47 -34.96 -47.51
C MET A 119 22.94 -33.57 -47.85
N PRO A 120 22.61 -33.30 -49.11
CA PRO A 120 22.15 -31.95 -49.50
C PRO A 120 20.66 -31.72 -49.28
N LYS A 121 20.18 -30.55 -49.73
CA LYS A 121 18.79 -30.18 -49.50
C LYS A 121 17.81 -31.11 -50.22
N GLU A 122 18.16 -31.53 -51.44
CA GLU A 122 17.21 -32.28 -52.25
C GLU A 122 16.81 -33.60 -51.60
N VAL A 123 17.77 -34.32 -51.01
CA VAL A 123 17.45 -35.57 -50.33
C VAL A 123 16.84 -35.34 -48.95
N LEU A 124 16.86 -34.11 -48.44
CA LEU A 124 16.21 -33.83 -47.16
C LEU A 124 14.70 -33.98 -47.26
N PHE A 125 14.12 -33.64 -48.42
CA PHE A 125 12.69 -33.82 -48.63
C PHE A 125 12.36 -35.23 -49.12
N GLN A 126 12.89 -36.22 -48.41
CA GLN A 126 12.63 -37.62 -48.70
C GLN A 126 12.21 -38.43 -47.49
N PHE A 127 12.63 -38.05 -46.28
CA PHE A 127 12.22 -38.73 -45.06
C PHE A 127 11.59 -37.80 -44.03
N SER A 128 11.72 -36.48 -44.19
CA SER A 128 11.08 -35.55 -43.27
C SER A 128 9.56 -35.64 -43.36
N GLY A 129 9.05 -35.94 -44.55
CA GLY A 129 7.60 -36.10 -44.70
C GLY A 129 7.04 -37.24 -43.87
N GLN A 130 7.84 -38.27 -43.62
CA GLN A 130 7.43 -39.36 -42.76
C GLN A 130 7.15 -38.84 -41.35
N ALA A 131 6.08 -39.38 -40.73
CA ALA A 131 5.70 -38.93 -39.40
C ALA A 131 6.82 -39.18 -38.39
N ARG A 132 7.53 -40.30 -38.53
CA ARG A 132 8.61 -40.66 -37.62
C ARG A 132 9.72 -39.60 -37.61
N TYR A 133 9.82 -38.79 -38.66
CA TYR A 133 10.73 -37.65 -38.67
C TYR A 133 10.02 -36.31 -38.76
N ARG A 134 8.68 -36.30 -38.79
CA ARG A 134 7.91 -35.07 -38.85
C ARG A 134 7.43 -34.62 -37.47
N ILE A 135 6.81 -35.53 -36.71
CA ILE A 135 6.22 -35.16 -35.43
C ILE A 135 7.24 -35.00 -34.30
N PRO A 136 8.33 -35.80 -34.23
CA PRO A 136 9.21 -35.67 -33.05
C PRO A 136 9.83 -34.29 -32.89
N ARG A 137 10.13 -33.59 -33.99
CA ARG A 137 10.70 -32.25 -33.90
C ARG A 137 9.73 -31.29 -33.21
N GLU A 138 8.48 -31.28 -33.65
CA GLU A 138 7.46 -30.43 -33.03
C GLU A 138 7.22 -30.83 -31.58
N ILE A 139 7.21 -32.14 -31.30
CA ILE A 139 7.01 -32.61 -29.93
C ILE A 139 8.14 -32.11 -29.04
N LEU A 140 9.39 -32.20 -29.51
CA LEU A 140 10.53 -31.74 -28.72
C LEU A 140 10.47 -30.23 -28.52
N PHE A 141 10.09 -29.48 -29.55
CA PHE A 141 9.99 -28.03 -29.41
C PHE A 141 8.98 -27.64 -28.34
N TRP A 142 7.78 -28.24 -28.40
CA TRP A 142 6.77 -27.91 -27.41
C TRP A 142 7.14 -28.44 -26.03
N LEU A 143 7.84 -29.56 -25.95
CA LEU A 143 8.31 -30.05 -24.66
C LEU A 143 9.32 -29.08 -24.05
N THR A 144 10.21 -28.53 -24.88
CA THR A 144 11.19 -27.57 -24.37
C THR A 144 10.50 -26.30 -23.86
N VAL A 145 9.54 -25.77 -24.64
CA VAL A 145 8.86 -24.57 -24.17
C VAL A 145 8.05 -24.86 -22.91
N ALA A 146 7.45 -26.06 -22.82
CA ALA A 146 6.74 -26.43 -21.61
C ALA A 146 7.68 -26.51 -20.42
N SER A 147 8.89 -27.04 -20.62
CA SER A 147 9.87 -27.09 -19.54
C SER A 147 10.27 -25.68 -19.10
N VAL A 148 10.40 -24.76 -20.05
CA VAL A 148 10.71 -23.38 -19.70
C VAL A 148 9.61 -22.78 -18.83
N LEU A 149 8.34 -23.00 -19.23
CA LEU A 149 7.23 -22.51 -18.42
C LEU A 149 7.20 -23.17 -17.04
N VAL A 150 7.52 -24.45 -16.97
CA VAL A 150 7.56 -25.14 -15.68
C VAL A 150 8.64 -24.54 -14.79
N LEU A 151 9.80 -24.23 -15.35
CA LEU A 151 10.86 -23.61 -14.56
C LEU A 151 10.42 -22.23 -14.05
N ILE A 152 9.78 -21.44 -14.91
CA ILE A 152 9.29 -20.13 -14.48
C ILE A 152 8.28 -20.28 -13.35
N ALA A 153 7.34 -21.21 -13.50
CA ALA A 153 6.33 -21.42 -12.46
C ALA A 153 6.96 -21.89 -11.16
N ALA A 154 7.94 -22.79 -11.24
CA ALA A 154 8.60 -23.26 -10.03
C ALA A 154 9.34 -22.11 -9.33
N THR A 155 10.02 -21.27 -10.10
CA THR A 155 10.72 -20.14 -9.51
C THR A 155 9.74 -19.19 -8.81
N ILE A 156 8.66 -18.82 -9.50
CA ILE A 156 7.70 -17.89 -8.92
C ILE A 156 6.97 -18.52 -7.74
N ALA A 157 6.86 -19.85 -7.69
CA ALA A 157 6.26 -20.50 -6.53
C ALA A 157 7.21 -20.51 -5.34
N ILE A 158 8.49 -20.77 -5.58
CA ILE A 158 9.46 -20.81 -4.47
C ILE A 158 9.69 -19.43 -3.89
N ILE A 159 9.69 -18.38 -4.73
CA ILE A 159 9.86 -17.03 -4.20
C ILE A 159 8.70 -16.66 -3.29
N ALA A 160 7.48 -16.94 -3.71
CA ALA A 160 6.36 -16.89 -2.79
C ALA A 160 6.42 -18.09 -1.86
N LEU A 161 5.45 -18.20 -0.95
CA LEU A 161 5.33 -19.33 -0.05
C LEU A 161 6.55 -19.50 0.87
N SER A 162 7.48 -18.54 0.85
CA SER A 162 8.71 -18.62 1.61
C SER A 162 8.65 -17.68 2.82
N PRO A 163 9.04 -18.14 4.00
CA PRO A 163 8.91 -17.29 5.19
C PRO A 163 9.84 -16.10 5.14
N LYS A 164 9.37 -15.00 5.74
CA LYS A 164 10.22 -13.83 5.89
C LYS A 164 11.32 -14.09 6.90
N CYS A 165 12.54 -13.68 6.56
CA CYS A 165 13.69 -13.97 7.39
C CYS A 165 13.70 -13.12 8.65
N LEU A 166 14.40 -13.60 9.67
CA LEU A 166 14.46 -12.91 10.94
C LEU A 166 15.21 -11.59 10.81
N ASP A 167 14.90 -10.66 11.71
CA ASP A 167 15.54 -9.36 11.72
C ASP A 167 16.82 -9.40 12.55
N TRP A 168 17.57 -8.29 12.50
CA TRP A 168 18.87 -8.25 13.17
C TRP A 168 18.72 -8.33 14.69
N TRP A 169 17.64 -7.77 15.24
CA TRP A 169 17.43 -7.81 16.67
C TRP A 169 16.79 -9.11 17.14
N GLN A 170 16.51 -10.04 16.23
CA GLN A 170 15.86 -11.29 16.58
C GLN A 170 16.79 -12.50 16.57
N GLU A 171 17.97 -12.38 15.96
CA GLU A 171 18.84 -13.53 15.76
C GLU A 171 20.02 -13.59 16.72
N GLY A 172 20.48 -12.46 17.23
CA GLY A 172 21.68 -12.43 18.03
C GLY A 172 21.46 -11.89 19.43
N PRO A 173 22.27 -12.34 20.38
CA PRO A 173 22.16 -11.83 21.75
C PRO A 173 22.67 -10.39 21.84
N MET A 174 22.25 -9.72 22.90
CA MET A 174 22.64 -8.34 23.18
C MET A 174 23.61 -8.29 24.35
N TYR A 175 24.49 -7.30 24.32
CA TYR A 175 25.47 -7.08 25.37
C TYR A 175 25.24 -5.71 25.99
N GLN A 176 25.07 -5.67 27.31
CA GLN A 176 24.80 -4.44 28.03
C GLN A 176 26.06 -3.99 28.75
N ILE A 177 26.46 -2.74 28.51
CA ILE A 177 27.73 -2.21 28.99
C ILE A 177 27.46 -0.97 29.82
N TYR A 178 28.07 -0.90 31.01
CA TYR A 178 28.08 0.32 31.80
C TYR A 178 29.29 1.14 31.40
N PRO A 179 29.11 2.32 30.78
CA PRO A 179 30.24 3.00 30.16
C PRO A 179 31.36 3.36 31.11
N ARG A 180 31.06 3.70 32.36
CA ARG A 180 32.08 4.18 33.28
C ARG A 180 32.93 3.06 33.88
N SER A 181 32.58 1.80 33.64
CA SER A 181 33.29 0.68 34.27
C SER A 181 33.58 -0.42 33.25
N PHE A 182 34.06 -0.04 32.07
CA PHE A 182 34.46 -1.00 31.06
C PHE A 182 35.95 -0.95 30.75
N LYS A 183 36.46 0.22 30.36
CA LYS A 183 37.86 0.34 29.99
C LYS A 183 38.26 1.81 29.99
N ASP A 184 39.35 2.12 30.67
CA ASP A 184 39.92 3.47 30.67
C ASP A 184 41.03 3.55 29.64
N SER A 185 41.10 4.68 28.93
CA SER A 185 42.06 4.84 27.85
C SER A 185 42.83 6.15 27.91
N ASN A 186 42.68 6.94 28.99
CA ASN A 186 43.45 8.17 29.11
C ASN A 186 43.98 8.39 30.52
N LYS A 187 44.05 7.34 31.33
CA LYS A 187 44.64 7.40 32.68
C LYS A 187 43.97 8.48 33.53
N ASP A 188 42.64 8.43 33.59
CA ASP A 188 41.87 9.35 34.42
C ASP A 188 41.03 8.68 35.49
N GLY A 189 40.81 7.36 35.39
CA GLY A 189 40.03 6.64 36.37
C GLY A 189 38.61 6.32 35.96
N ASN A 190 38.14 6.86 34.85
CA ASN A 190 36.78 6.64 34.38
C ASN A 190 36.80 6.03 32.98
N GLY A 191 35.92 5.06 32.75
CA GLY A 191 35.79 4.48 31.43
C GLY A 191 35.22 5.47 30.44
N ASP A 192 35.54 5.25 29.16
CA ASP A 192 35.13 6.16 28.10
C ASP A 192 34.85 5.37 26.83
N LEU A 193 34.36 6.09 25.82
CA LEU A 193 33.97 5.45 24.57
C LEU A 193 35.17 4.88 23.83
N LYS A 194 36.33 5.53 23.93
CA LYS A 194 37.53 5.03 23.27
C LYS A 194 37.92 3.66 23.80
N GLY A 195 37.82 3.47 25.12
CA GLY A 195 38.09 2.15 25.69
C GLY A 195 37.12 1.10 25.18
N ILE A 196 35.85 1.49 25.00
CA ILE A 196 34.87 0.55 24.43
C ILE A 196 35.25 0.18 23.01
N GLN A 197 35.67 1.17 22.22
CA GLN A 197 36.09 0.90 20.85
C GLN A 197 37.31 -0.02 20.81
N ASP A 198 38.26 0.18 21.72
CA ASP A 198 39.48 -0.60 21.73
C ASP A 198 39.27 -2.08 22.06
N LYS A 199 38.09 -2.44 22.57
CA LYS A 199 37.83 -3.82 23.00
C LYS A 199 36.74 -4.49 22.16
N LEU A 200 36.51 -4.02 20.95
CA LEU A 200 35.48 -4.62 20.11
C LEU A 200 35.84 -6.03 19.66
N ASP A 201 37.14 -6.36 19.60
CA ASP A 201 37.53 -7.72 19.23
C ASP A 201 37.05 -8.73 20.26
N TYR A 202 37.15 -8.39 21.55
CA TYR A 202 36.67 -9.28 22.60
C TYR A 202 35.17 -9.49 22.50
N ILE A 203 34.42 -8.42 22.20
CA ILE A 203 32.98 -8.54 22.04
C ILE A 203 32.64 -9.43 20.84
N THR A 204 33.38 -9.25 19.74
CA THR A 204 33.16 -10.09 18.57
C THR A 204 33.46 -11.55 18.87
N ALA A 205 34.49 -11.81 19.67
CA ALA A 205 34.84 -13.17 20.03
C ALA A 205 33.73 -13.85 20.86
N LEU A 206 32.82 -13.08 21.42
CA LEU A 206 31.71 -13.62 22.21
C LEU A 206 30.50 -13.95 21.36
N ASN A 207 30.57 -13.79 20.04
CA ASN A 207 29.46 -14.04 19.14
C ASN A 207 28.26 -13.16 19.48
N ILE A 208 28.53 -11.93 19.88
CA ILE A 208 27.50 -10.95 20.20
C ILE A 208 27.12 -10.22 18.92
N LYS A 209 25.84 -9.85 18.81
CA LYS A 209 25.32 -9.14 17.66
C LYS A 209 25.01 -7.68 17.93
N THR A 210 24.49 -7.36 19.11
CA THR A 210 24.08 -6.00 19.45
C THR A 210 24.79 -5.55 20.72
N VAL A 211 25.18 -4.28 20.74
CA VAL A 211 25.83 -3.67 21.89
C VAL A 211 24.89 -2.62 22.47
N TRP A 212 24.59 -2.74 23.76
CA TRP A 212 23.66 -1.84 24.44
C TRP A 212 24.45 -1.02 25.45
N ILE A 213 24.39 0.30 25.32
CA ILE A 213 25.10 1.23 26.17
C ILE A 213 24.09 2.06 26.94
N THR A 214 24.28 2.19 28.25
CA THR A 214 23.35 2.93 29.09
C THR A 214 23.56 4.43 28.87
N SER A 215 22.95 5.25 29.74
CA SER A 215 22.97 6.69 29.56
C SER A 215 24.39 7.24 29.67
N PHE A 216 24.72 8.15 28.75
CA PHE A 216 26.01 8.82 28.77
C PHE A 216 25.91 10.31 28.45
N TYR A 217 24.72 10.88 28.44
CA TYR A 217 24.56 12.29 28.12
C TYR A 217 25.17 13.16 29.21
N LYS A 218 25.37 14.43 28.86
CA LYS A 218 25.83 15.41 29.84
C LYS A 218 24.82 15.54 30.96
N SER A 219 25.21 15.14 32.16
CA SER A 219 24.28 15.03 33.28
C SER A 219 24.90 15.66 34.52
N SER A 220 24.01 16.07 35.44
CA SER A 220 24.42 16.54 36.76
C SER A 220 24.19 15.51 37.85
N LEU A 221 23.32 14.53 37.62
CA LEU A 221 23.09 13.43 38.55
C LEU A 221 23.11 12.14 37.76
N LYS A 222 24.04 11.24 38.09
CA LYS A 222 24.28 10.03 37.32
C LYS A 222 23.70 8.79 37.97
N ASP A 223 22.82 8.96 38.95
CA ASP A 223 22.13 7.84 39.57
C ASP A 223 20.71 8.28 39.91
N PHE A 224 19.95 7.36 40.50
CA PHE A 224 18.52 7.58 40.76
C PHE A 224 17.81 7.98 39.47
N ARG A 225 17.78 7.03 38.54
CA ARG A 225 17.52 7.32 37.12
C ARG A 225 18.58 8.32 36.68
N TYR A 226 18.24 9.35 35.92
CA TYR A 226 19.26 10.28 35.46
C TYR A 226 18.67 11.68 35.37
N GLY A 227 19.48 12.67 35.76
CA GLY A 227 19.15 14.05 35.55
C GLY A 227 20.00 14.64 34.43
N VAL A 228 19.40 14.81 33.26
CA VAL A 228 20.14 15.19 32.06
C VAL A 228 20.20 16.71 31.97
N GLU A 229 21.40 17.24 31.73
CA GLU A 229 21.61 18.66 31.54
C GLU A 229 21.60 19.08 30.08
N ASP A 230 21.82 18.15 29.16
CA ASP A 230 21.79 18.44 27.73
C ASP A 230 21.60 17.13 26.98
N PHE A 231 20.58 17.07 26.13
CA PHE A 231 20.23 15.84 25.42
C PHE A 231 21.02 15.66 24.13
N ARG A 232 21.85 16.63 23.75
CA ARG A 232 22.60 16.56 22.50
C ARG A 232 24.09 16.65 22.73
N GLU A 233 24.54 16.28 23.93
CA GLU A 233 25.96 16.34 24.27
C GLU A 233 26.37 15.07 25.00
N VAL A 234 27.66 14.78 24.95
CA VAL A 234 28.26 13.65 25.65
C VAL A 234 29.02 14.19 26.85
N ASP A 235 28.85 13.54 28.00
CA ASP A 235 29.49 14.02 29.21
C ASP A 235 31.01 14.03 29.03
N PRO A 236 31.69 15.08 29.51
CA PRO A 236 33.15 15.16 29.28
C PRO A 236 33.93 13.97 29.80
N ILE A 237 33.50 13.35 30.89
CA ILE A 237 34.21 12.19 31.43
C ILE A 237 34.15 10.98 30.51
N PHE A 238 33.24 10.98 29.53
CA PHE A 238 33.14 9.89 28.57
C PHE A 238 33.79 10.20 27.23
N GLY A 239 34.24 11.44 27.01
CA GLY A 239 34.87 11.82 25.76
C GLY A 239 34.13 12.99 25.12
N THR A 240 34.20 13.04 23.79
CA THR A 240 33.57 14.08 23.00
C THR A 240 32.69 13.43 21.94
N MET A 241 32.00 14.28 21.16
CA MET A 241 31.13 13.78 20.10
C MET A 241 31.94 13.08 19.00
N GLU A 242 33.16 13.55 18.75
CA GLU A 242 34.01 12.89 17.77
C GLU A 242 34.31 11.45 18.18
N ASP A 243 34.56 11.23 19.47
CA ASP A 243 34.77 9.88 19.96
C ASP A 243 33.54 9.01 19.75
N PHE A 244 32.35 9.57 19.98
CA PHE A 244 31.12 8.82 19.75
C PHE A 244 30.97 8.44 18.28
N GLU A 245 31.25 9.40 17.39
CA GLU A 245 31.14 9.10 15.96
C GLU A 245 32.14 8.03 15.53
N ASN A 246 33.37 8.12 16.04
CA ASN A 246 34.37 7.11 15.72
C ASN A 246 33.94 5.74 16.24
N LEU A 247 33.37 5.69 17.45
CA LEU A 247 32.90 4.43 18.00
C LEU A 247 31.77 3.84 17.16
N VAL A 248 30.84 4.69 16.73
CA VAL A 248 29.74 4.21 15.89
C VAL A 248 30.27 3.67 14.57
N ALA A 249 31.22 4.38 13.95
CA ALA A 249 31.80 3.90 12.71
C ALA A 249 32.51 2.57 12.90
N ALA A 250 33.26 2.43 13.99
CA ALA A 250 33.97 1.18 14.26
C ALA A 250 32.99 0.03 14.49
N ILE A 251 31.90 0.29 15.21
CA ILE A 251 30.90 -0.74 15.45
C ILE A 251 30.26 -1.17 14.14
N HIS A 252 29.91 -0.20 13.28
CA HIS A 252 29.26 -0.54 12.02
C HIS A 252 30.21 -1.26 11.07
N ASP A 253 31.50 -0.97 11.14
CA ASP A 253 32.46 -1.64 10.27
C ASP A 253 32.55 -3.13 10.59
N LYS A 254 32.50 -3.49 11.87
CA LYS A 254 32.66 -4.87 12.29
C LYS A 254 31.37 -5.67 12.24
N GLY A 255 30.31 -5.11 11.67
CA GLY A 255 29.05 -5.84 11.54
C GLY A 255 28.21 -5.88 12.79
N LEU A 256 28.50 -5.04 13.78
CA LEU A 256 27.71 -4.96 14.99
C LEU A 256 26.71 -3.81 14.89
N LYS A 257 25.84 -3.71 15.90
CA LYS A 257 24.83 -2.66 15.94
C LYS A 257 24.72 -2.13 17.35
N LEU A 258 24.30 -0.87 17.46
CA LEU A 258 24.36 -0.12 18.71
C LEU A 258 22.99 0.44 19.06
N ILE A 259 22.56 0.23 20.30
CA ILE A 259 21.35 0.84 20.83
C ILE A 259 21.72 1.58 22.12
N ILE A 260 20.97 2.64 22.42
CA ILE A 260 21.27 3.48 23.56
C ILE A 260 20.01 3.72 24.38
N ASP A 261 20.22 4.09 25.64
CA ASP A 261 19.10 4.40 26.54
C ASP A 261 18.54 5.79 26.26
N PHE A 262 17.27 5.97 26.56
CA PHE A 262 16.60 7.25 26.37
C PHE A 262 15.68 7.52 27.56
N ILE A 263 15.85 8.70 28.16
CA ILE A 263 15.07 9.12 29.31
C ILE A 263 14.19 10.30 28.92
N PRO A 264 12.91 10.07 28.58
CA PRO A 264 12.07 11.18 28.14
C PRO A 264 11.24 11.80 29.25
N ASN A 265 11.22 11.17 30.43
CA ASN A 265 10.27 11.57 31.46
C ASN A 265 10.66 12.88 32.16
N HIS A 266 11.95 13.13 32.36
CA HIS A 266 12.36 14.24 33.20
C HIS A 266 13.72 14.76 32.75
N THR A 267 14.03 15.97 33.20
CA THR A 267 15.33 16.57 32.97
C THR A 267 15.94 17.00 34.31
N SER A 268 17.07 17.69 34.27
CA SER A 268 17.69 18.21 35.48
C SER A 268 17.22 19.65 35.73
N ASP A 269 17.36 20.08 36.97
CA ASP A 269 17.01 21.46 37.32
C ASP A 269 18.03 22.47 36.82
N LYS A 270 19.17 22.01 36.31
CA LYS A 270 20.15 22.88 35.68
C LYS A 270 19.93 23.00 34.18
N HIS A 271 18.95 22.30 33.63
CA HIS A 271 18.63 22.42 32.22
C HIS A 271 18.14 23.82 31.90
N ILE A 272 18.44 24.28 30.69
CA ILE A 272 18.03 25.61 30.28
C ILE A 272 16.51 25.73 30.22
N TRP A 273 15.82 24.63 29.90
CA TRP A 273 14.37 24.66 29.85
C TRP A 273 13.78 25.00 31.22
N PHE A 274 14.29 24.37 32.28
CA PHE A 274 13.79 24.65 33.61
C PHE A 274 14.17 26.05 34.06
N GLN A 275 15.37 26.51 33.69
CA GLN A 275 15.80 27.86 34.05
C GLN A 275 14.89 28.91 33.41
N LEU A 276 14.49 28.70 32.17
CA LEU A 276 13.55 29.61 31.53
C LEU A 276 12.14 29.46 32.10
N SER A 277 11.74 28.23 32.43
CA SER A 277 10.41 27.99 32.94
C SER A 277 10.19 28.65 34.29
N ARG A 278 11.18 28.58 35.18
CA ARG A 278 11.02 29.11 36.52
C ARG A 278 10.91 30.63 36.55
N THR A 279 11.22 31.31 35.45
CA THR A 279 11.11 32.75 35.36
C THR A 279 9.95 33.20 34.47
N ARG A 280 9.11 32.25 34.01
CA ARG A 280 7.97 32.54 33.16
C ARG A 280 8.39 33.30 31.90
N THR A 281 9.22 32.62 31.09
CA THR A 281 9.78 33.20 29.88
C THR A 281 9.23 32.46 28.66
N GLY A 282 8.19 33.01 28.06
CA GLY A 282 7.67 32.50 26.80
C GLY A 282 7.04 31.12 26.92
N LYS A 283 7.09 30.38 25.81
CA LYS A 283 6.46 29.07 25.73
C LYS A 283 7.07 28.08 26.72
N TYR A 284 8.25 28.37 27.25
CA TYR A 284 8.87 27.52 28.26
C TYR A 284 8.12 27.55 29.59
N THR A 285 7.16 28.47 29.75
CA THR A 285 6.44 28.59 31.01
C THR A 285 5.69 27.31 31.37
N ASP A 286 5.29 26.53 30.39
CA ASP A 286 4.41 25.38 30.62
C ASP A 286 5.03 24.05 30.20
N TYR A 287 6.36 23.94 30.24
CA TYR A 287 6.98 22.64 30.04
C TYR A 287 7.01 21.79 31.29
N TYR A 288 6.70 22.36 32.45
CA TYR A 288 6.75 21.63 33.71
C TYR A 288 5.44 21.81 34.45
N ILE A 289 5.13 20.84 35.30
CA ILE A 289 3.88 20.82 36.04
C ILE A 289 4.04 21.72 37.25
N TRP A 290 3.43 22.91 37.20
CA TRP A 290 3.47 23.87 38.28
C TRP A 290 2.11 23.95 38.96
N HIS A 291 2.12 24.30 40.25
CA HIS A 291 0.89 24.41 41.01
C HIS A 291 1.12 25.32 42.20
N ASP A 292 0.05 25.95 42.66
CA ASP A 292 0.11 26.84 43.81
C ASP A 292 0.20 26.04 45.10
N CYS A 293 0.95 26.57 46.06
CA CYS A 293 1.11 25.92 47.35
C CYS A 293 1.39 26.98 48.41
N THR A 294 1.21 26.59 49.66
CA THR A 294 1.38 27.48 50.81
C THR A 294 2.72 27.17 51.47
N HIS A 295 3.64 28.14 51.41
CA HIS A 295 4.94 28.03 52.07
C HIS A 295 5.08 29.14 53.09
N GLU A 296 5.39 28.77 54.33
CA GLU A 296 5.57 29.74 55.40
C GLU A 296 6.43 29.13 56.48
N ASN A 297 7.15 29.99 57.19
CA ASN A 297 8.04 29.65 58.31
C ASN A 297 8.81 28.35 58.07
N GLY A 298 9.39 28.24 56.87
CA GLY A 298 10.20 27.09 56.52
C GLY A 298 9.44 25.79 56.47
N LYS A 299 8.25 25.81 55.87
CA LYS A 299 7.40 24.64 55.78
C LYS A 299 6.43 24.83 54.63
N THR A 300 6.24 23.77 53.85
CA THR A 300 5.42 23.81 52.65
C THR A 300 4.29 22.79 52.77
N ILE A 301 3.07 23.21 52.42
CA ILE A 301 1.91 22.34 52.41
C ILE A 301 1.70 21.86 50.98
N PRO A 302 1.90 20.59 50.67
CA PRO A 302 1.77 20.12 49.29
C PRO A 302 0.32 20.14 48.84
N PRO A 303 0.08 20.22 47.53
CA PRO A 303 -1.32 20.16 47.05
C PRO A 303 -2.04 18.88 47.44
N ASN A 304 -1.33 17.76 47.49
CA ASN A 304 -1.94 16.48 47.83
C ASN A 304 -0.91 15.66 48.60
N ASN A 305 -1.19 14.36 48.75
CA ASN A 305 -0.36 13.46 49.54
C ASN A 305 0.49 12.53 48.68
N TRP A 306 0.70 12.89 47.42
CA TRP A 306 1.52 12.05 46.53
C TRP A 306 2.95 12.00 47.05
N LEU A 307 3.55 10.82 46.97
CA LEU A 307 4.89 10.59 47.48
C LEU A 307 5.85 10.27 46.34
N SER A 308 7.10 10.64 46.54
CA SER A 308 8.15 10.34 45.57
C SER A 308 8.63 8.90 45.73
N VAL A 309 9.25 8.39 44.67
CA VAL A 309 9.75 7.02 44.70
C VAL A 309 10.84 6.87 45.75
N TYR A 310 11.73 7.85 45.84
CA TYR A 310 12.90 7.77 46.70
C TYR A 310 12.76 8.53 48.01
N GLY A 311 11.57 9.06 48.33
CA GLY A 311 11.48 9.83 49.54
C GLY A 311 10.13 10.38 49.96
N ASN A 312 10.13 11.62 50.43
CA ASN A 312 9.05 12.17 51.22
C ASN A 312 7.86 12.67 50.39
N SER A 313 8.08 13.65 49.52
CA SER A 313 6.97 14.26 48.79
C SER A 313 7.39 14.49 47.35
N SER A 314 6.39 14.52 46.47
CA SER A 314 6.61 14.77 45.05
C SER A 314 6.54 16.24 44.67
N TRP A 315 6.14 17.11 45.59
CA TRP A 315 6.00 18.54 45.31
C TRP A 315 7.08 19.31 46.07
N HIS A 316 7.82 20.15 45.34
CA HIS A 316 8.88 20.94 45.93
C HIS A 316 8.68 22.42 45.60
N PHE A 317 8.81 23.27 46.62
CA PHE A 317 8.61 24.70 46.44
C PHE A 317 9.80 25.33 45.73
N ASP A 318 9.54 26.42 45.02
CA ASP A 318 10.57 27.18 44.34
C ASP A 318 10.44 28.65 44.75
N GLU A 319 11.58 29.34 44.73
CA GLU A 319 11.63 30.73 45.19
C GLU A 319 11.31 31.73 44.08
N VAL A 320 11.89 31.55 42.90
CA VAL A 320 11.69 32.52 41.81
C VAL A 320 10.23 32.56 41.37
N ARG A 321 9.63 31.39 41.18
CA ARG A 321 8.25 31.31 40.71
C ARG A 321 7.23 31.37 41.84
N ASN A 322 7.65 31.12 43.08
CA ASN A 322 6.75 31.07 44.24
C ASN A 322 5.64 30.06 44.00
N GLN A 323 6.02 28.90 43.49
CA GLN A 323 5.08 27.80 43.26
C GLN A 323 5.80 26.49 43.54
N CYS A 324 5.03 25.40 43.51
CA CYS A 324 5.55 24.06 43.74
C CYS A 324 5.57 23.30 42.43
N TYR A 325 6.70 22.65 42.14
CA TYR A 325 6.85 21.83 40.96
C TYR A 325 6.86 20.35 41.34
N PHE A 326 6.62 19.51 40.34
CA PHE A 326 6.35 18.09 40.51
C PHE A 326 7.55 17.28 40.07
N HIS A 327 8.00 16.35 40.92
CA HIS A 327 9.12 15.47 40.59
C HIS A 327 8.78 14.06 41.02
N GLN A 328 8.96 13.10 40.12
CA GLN A 328 8.67 11.71 40.44
C GLN A 328 9.76 11.09 41.31
N PHE A 329 11.02 11.44 41.07
CA PHE A 329 12.14 10.72 41.66
C PHE A 329 12.87 11.53 42.72
N MET A 330 13.38 12.72 42.37
CA MET A 330 14.17 13.52 43.29
C MET A 330 13.89 14.99 43.06
N LYS A 331 14.16 15.79 44.10
CA LYS A 331 13.89 17.22 44.02
C LYS A 331 14.70 17.92 42.94
N GLU A 332 15.78 17.30 42.47
CA GLU A 332 16.61 17.86 41.41
C GLU A 332 16.24 17.33 40.03
N GLN A 333 15.10 16.65 39.91
CA GLN A 333 14.67 16.04 38.64
C GLN A 333 13.25 16.48 38.34
N PRO A 334 13.06 17.71 37.87
CA PRO A 334 11.71 18.15 37.52
C PRO A 334 11.10 17.29 36.42
N ASP A 335 9.81 17.04 36.53
CA ASP A 335 9.09 16.18 35.60
C ASP A 335 8.49 17.00 34.48
N LEU A 336 8.62 16.50 33.25
CA LEU A 336 8.13 17.21 32.08
C LEU A 336 6.60 17.08 31.98
N ASN A 337 6.03 17.90 31.12
CA ASN A 337 4.59 17.96 30.89
C ASN A 337 4.31 17.44 29.48
N PHE A 338 3.82 16.22 29.38
CA PHE A 338 3.50 15.61 28.10
C PHE A 338 2.09 15.93 27.63
N ARG A 339 1.35 16.74 28.38
CA ARG A 339 0.08 17.28 27.90
C ARG A 339 0.28 18.55 27.08
N ASN A 340 1.53 19.00 26.94
CA ASN A 340 1.86 20.13 26.09
C ASN A 340 2.50 19.61 24.81
N PRO A 341 1.92 19.87 23.64
CA PRO A 341 2.50 19.31 22.40
C PRO A 341 3.92 19.78 22.11
N ASP A 342 4.32 20.94 22.65
CA ASP A 342 5.68 21.43 22.39
C ASP A 342 6.72 20.48 22.98
N VAL A 343 6.45 19.92 24.16
CA VAL A 343 7.39 18.97 24.76
C VAL A 343 7.51 17.74 23.88
N GLN A 344 6.39 17.26 23.34
CA GLN A 344 6.43 16.12 22.43
C GLN A 344 7.23 16.45 21.17
N GLU A 345 7.09 17.66 20.65
CA GLU A 345 7.86 18.07 19.49
C GLU A 345 9.35 18.09 19.81
N GLU A 346 9.72 18.59 20.99
CA GLU A 346 11.12 18.60 21.40
C GLU A 346 11.67 17.19 21.52
N ILE A 347 10.88 16.27 22.10
CA ILE A 347 11.33 14.89 22.23
C ILE A 347 11.52 14.25 20.85
N LYS A 348 10.60 14.54 19.93
CA LYS A 348 10.75 14.02 18.57
C LYS A 348 12.00 14.59 17.89
N GLU A 349 12.28 15.88 18.13
CA GLU A 349 13.50 16.46 17.56
C GLU A 349 14.75 15.79 18.12
N ILE A 350 14.77 15.52 19.43
CA ILE A 350 15.91 14.83 20.02
C ILE A 350 16.05 13.43 19.44
N LEU A 351 14.94 12.72 19.27
CA LEU A 351 14.97 11.39 18.69
C LEU A 351 15.52 11.42 17.27
N ARG A 352 15.08 12.39 16.47
CA ARG A 352 15.59 12.51 15.11
C ARG A 352 17.07 12.85 15.10
N PHE A 353 17.51 13.72 16.00
CA PHE A 353 18.92 14.10 16.07
C PHE A 353 19.79 12.88 16.39
N TRP A 354 19.34 12.05 17.33
CA TRP A 354 20.12 10.86 17.65
C TRP A 354 20.00 9.78 16.59
N LEU A 355 18.88 9.72 15.88
CA LEU A 355 18.72 8.70 14.84
C LEU A 355 19.56 9.01 13.62
N THR A 356 19.69 10.29 13.26
CA THR A 356 20.43 10.66 12.06
C THR A 356 21.94 10.49 12.22
N LYS A 357 22.43 10.23 13.44
CA LYS A 357 23.85 10.05 13.65
C LYS A 357 24.30 8.60 13.50
N GLY A 358 23.38 7.67 13.31
CA GLY A 358 23.71 6.27 13.10
C GLY A 358 23.27 5.32 14.20
N VAL A 359 22.65 5.82 15.28
CA VAL A 359 22.18 4.93 16.33
C VAL A 359 21.12 3.98 15.77
N ASP A 360 21.23 2.71 16.12
CA ASP A 360 20.35 1.68 15.57
C ASP A 360 19.14 1.38 16.44
N GLY A 361 19.03 1.98 17.62
CA GLY A 361 17.87 1.72 18.45
C GLY A 361 17.94 2.42 19.78
N PHE A 362 16.77 2.51 20.40
CA PHE A 362 16.59 3.16 21.68
C PHE A 362 15.93 2.21 22.66
N SER A 363 16.26 2.42 23.95
CA SER A 363 15.60 1.72 25.05
C SER A 363 15.03 2.80 25.96
N LEU A 364 13.70 2.93 25.96
CA LEU A 364 13.05 3.97 26.74
C LEU A 364 12.95 3.57 28.20
N ASP A 365 13.33 4.48 29.09
CA ASP A 365 13.35 4.21 30.52
C ASP A 365 12.21 4.95 31.21
N ALA A 366 11.51 4.24 32.09
CA ALA A 366 10.46 4.81 32.94
C ALA A 366 9.33 5.42 32.11
N VAL A 367 8.72 4.59 31.25
CA VAL A 367 7.59 5.05 30.46
C VAL A 367 6.29 5.01 31.24
N LYS A 368 6.22 4.24 32.33
CA LYS A 368 5.00 4.18 33.12
C LYS A 368 4.77 5.44 33.95
N PHE A 369 5.77 6.31 34.07
CA PHE A 369 5.66 7.52 34.88
C PHE A 369 5.39 8.76 34.05
N LEU A 370 5.02 8.60 32.79
CA LEU A 370 4.90 9.75 31.89
C LEU A 370 3.74 10.65 32.31
N LEU A 371 2.53 10.12 32.33
CA LEU A 371 1.33 10.92 32.57
C LEU A 371 0.81 10.70 33.99
N GLU A 372 0.16 11.74 34.52
CA GLU A 372 -0.47 11.71 35.83
C GLU A 372 -1.87 12.30 35.72
N ALA A 373 -2.71 11.98 36.70
CA ALA A 373 -4.09 12.45 36.71
C ALA A 373 -4.15 13.96 36.85
N LYS A 374 -5.14 14.57 36.20
CA LYS A 374 -5.31 16.01 36.23
C LYS A 374 -6.16 16.51 37.39
N HIS A 375 -6.99 15.64 37.99
CA HIS A 375 -7.86 16.08 39.07
C HIS A 375 -7.10 16.28 40.37
N LEU A 376 -5.89 15.75 40.49
CA LEU A 376 -5.01 15.97 41.65
C LEU A 376 -5.71 15.56 42.95
N ARG A 377 -6.13 14.30 43.00
CA ARG A 377 -6.82 13.75 44.14
C ARG A 377 -5.89 12.84 44.93
N ASP A 378 -6.15 12.73 46.23
CA ASP A 378 -5.32 11.91 47.10
C ASP A 378 -5.43 10.44 46.73
N GLU A 379 -4.35 9.70 46.98
CA GLU A 379 -4.31 8.28 46.69
C GLU A 379 -4.69 7.48 47.93
N ILE A 380 -5.15 6.25 47.71
CA ILE A 380 -5.67 5.43 48.78
C ILE A 380 -4.52 4.84 49.58
N GLN A 381 -4.58 5.00 50.90
CA GLN A 381 -3.58 4.43 51.78
C GLN A 381 -3.73 2.92 51.88
N VAL A 382 -2.61 2.22 52.03
CA VAL A 382 -2.67 0.79 52.27
C VAL A 382 -3.19 0.51 53.68
N ASN A 383 -2.77 1.31 54.66
CA ASN A 383 -3.24 1.20 56.05
C ASN A 383 -4.22 2.35 56.27
N LYS A 384 -5.52 2.04 56.19
CA LYS A 384 -6.54 3.07 56.23
C LYS A 384 -6.57 3.83 57.55
N THR A 385 -6.10 3.22 58.63
CA THR A 385 -6.14 3.86 59.95
C THR A 385 -4.84 4.58 60.29
N GLN A 386 -3.86 4.57 59.39
CA GLN A 386 -2.60 5.27 59.64
C GLN A 386 -2.84 6.78 59.62
N ILE A 387 -2.15 7.49 60.50
CA ILE A 387 -2.30 8.95 60.59
C ILE A 387 -1.82 9.58 59.28
N PRO A 388 -2.58 10.51 58.70
CA PRO A 388 -2.22 11.02 57.36
C PRO A 388 -0.88 11.73 57.28
N ASP A 389 -0.37 12.28 58.38
CA ASP A 389 0.89 13.01 58.33
C ASP A 389 2.10 12.15 58.66
N THR A 390 1.90 10.86 58.91
CA THR A 390 3.00 9.94 59.21
C THR A 390 3.29 8.99 58.05
N VAL A 391 2.79 9.29 56.86
CA VAL A 391 3.02 8.46 55.67
C VAL A 391 4.12 9.12 54.84
N THR A 392 5.25 8.42 54.69
CA THR A 392 6.37 8.94 53.92
C THR A 392 7.00 7.91 52.99
N GLN A 393 6.69 6.63 53.12
CA GLN A 393 7.28 5.59 52.28
C GLN A 393 6.45 5.38 51.03
N TYR A 394 7.15 5.23 49.90
CA TYR A 394 6.47 5.07 48.61
C TYR A 394 5.63 3.80 48.57
N SER A 395 5.89 2.83 49.44
CA SER A 395 5.16 1.58 49.45
C SER A 395 3.92 1.61 50.33
N GLU A 396 3.59 2.78 50.91
CA GLU A 396 2.44 2.91 51.79
C GLU A 396 1.24 3.53 51.09
N LEU A 397 1.27 3.63 49.77
CA LEU A 397 0.17 4.20 49.01
C LEU A 397 -0.05 3.40 47.75
N TYR A 398 -1.31 3.19 47.39
CA TYR A 398 -1.64 2.61 46.09
C TYR A 398 -1.51 3.69 45.02
N HIS A 399 -0.77 3.38 43.96
CA HIS A 399 -0.44 4.37 42.93
C HIS A 399 -1.34 4.15 41.73
N ASP A 400 -2.55 4.73 41.80
CA ASP A 400 -3.51 4.65 40.72
C ASP A 400 -3.61 5.94 39.91
N PHE A 401 -3.19 7.07 40.47
CA PHE A 401 -3.28 8.36 39.81
C PHE A 401 -1.94 8.88 39.30
N THR A 402 -0.86 8.13 39.51
CA THR A 402 0.46 8.58 39.11
C THR A 402 1.19 7.64 38.15
N THR A 403 0.67 6.44 37.93
CA THR A 403 1.30 5.46 37.05
C THR A 403 0.28 4.88 36.08
N THR A 404 0.67 4.74 34.82
CA THR A 404 -0.13 4.11 33.79
C THR A 404 -1.50 4.78 33.67
N GLN A 405 -1.48 6.05 33.27
CA GLN A 405 -2.69 6.80 33.01
C GLN A 405 -3.15 6.57 31.56
N VAL A 406 -4.26 7.18 31.20
CA VAL A 406 -4.82 7.02 29.85
C VAL A 406 -4.08 7.95 28.90
N GLY A 407 -3.52 7.39 27.84
CA GLY A 407 -2.82 8.15 26.83
C GLY A 407 -1.32 7.92 26.76
N MET A 408 -0.74 7.24 27.75
CA MET A 408 0.69 6.96 27.72
C MET A 408 1.05 6.04 26.56
N HIS A 409 0.25 5.00 26.34
CA HIS A 409 0.50 4.10 25.22
C HIS A 409 0.41 4.83 23.89
N ASP A 410 -0.45 5.85 23.80
CA ASP A 410 -0.49 6.67 22.59
C ASP A 410 0.82 7.43 22.40
N ILE A 411 1.43 7.90 23.49
CA ILE A 411 2.72 8.57 23.38
C ILE A 411 3.80 7.60 22.92
N VAL A 412 3.78 6.38 23.45
CA VAL A 412 4.75 5.37 23.00
C VAL A 412 4.57 5.05 21.53
N ARG A 413 3.31 4.92 21.09
CA ARG A 413 3.04 4.66 19.68
C ARG A 413 3.46 5.84 18.81
N SER A 414 3.33 7.07 19.31
CA SER A 414 3.83 8.22 18.59
C SER A 414 5.34 8.17 18.44
N PHE A 415 6.04 7.75 19.50
CA PHE A 415 7.48 7.57 19.40
C PHE A 415 7.84 6.53 18.35
N ARG A 416 7.10 5.41 18.32
CA ARG A 416 7.34 4.39 17.32
C ARG A 416 7.09 4.91 15.91
N GLN A 417 6.02 5.69 15.73
CA GLN A 417 5.73 6.28 14.44
C GLN A 417 6.85 7.22 14.00
N THR A 418 7.38 8.02 14.94
CA THR A 418 8.49 8.90 14.62
C THR A 418 9.71 8.11 14.20
N MET A 419 10.01 7.01 14.90
CA MET A 419 11.16 6.19 14.55
C MET A 419 10.95 5.47 13.22
N ASP A 420 9.71 5.23 12.82
CA ASP A 420 9.43 4.51 11.58
C ASP A 420 9.89 5.26 10.34
N GLN A 421 10.14 6.57 10.44
CA GLN A 421 10.56 7.33 9.27
C GLN A 421 11.96 6.91 8.80
N TYR A 422 12.84 6.58 9.74
CA TYR A 422 14.22 6.21 9.43
C TYR A 422 14.39 4.70 9.24
N SER A 423 13.29 3.95 9.20
CA SER A 423 13.36 2.49 9.11
C SER A 423 12.87 1.96 7.76
N THR A 424 12.87 2.80 6.73
CA THR A 424 12.41 2.38 5.42
C THR A 424 13.49 1.68 4.60
N GLU A 425 14.75 2.10 4.75
CA GLU A 425 15.83 1.47 4.01
C GLU A 425 16.01 0.02 4.45
N PRO A 426 16.07 -0.93 3.52
CA PRO A 426 16.24 -2.34 3.93
C PRO A 426 17.56 -2.55 4.64
N GLY A 427 17.54 -3.42 5.65
CA GLY A 427 18.71 -3.71 6.44
C GLY A 427 19.02 -2.73 7.54
N ARG A 428 18.19 -1.68 7.70
CA ARG A 428 18.41 -0.66 8.72
C ARG A 428 17.15 -0.45 9.54
N TYR A 429 16.48 -1.54 9.93
CA TYR A 429 15.35 -1.42 10.84
C TYR A 429 15.82 -0.91 12.19
N ARG A 430 15.00 -0.06 12.81
CA ARG A 430 15.33 0.57 14.07
C ARG A 430 14.54 -0.10 15.19
N PHE A 431 15.26 -0.61 16.19
CA PHE A 431 14.67 -1.29 17.32
C PHE A 431 14.32 -0.29 18.43
N MET A 432 13.29 -0.62 19.20
CA MET A 432 12.93 0.20 20.36
C MET A 432 12.20 -0.67 21.37
N GLY A 433 12.69 -0.66 22.61
CA GLY A 433 12.06 -1.42 23.67
C GLY A 433 11.83 -0.55 24.89
N THR A 434 10.99 -1.05 25.78
CA THR A 434 10.58 -0.32 26.96
C THR A 434 10.97 -1.09 28.22
N GLU A 435 11.14 -0.34 29.31
CA GLU A 435 11.53 -0.90 30.60
C GLU A 435 10.46 -0.54 31.64
N ALA A 436 9.80 -1.56 32.18
CA ALA A 436 8.86 -1.42 33.28
C ALA A 436 9.05 -2.61 34.20
N TYR A 437 9.47 -2.36 35.43
CA TYR A 437 10.01 -3.41 36.29
C TYR A 437 9.08 -3.75 37.45
N ALA A 438 8.70 -2.76 38.27
CA ALA A 438 7.82 -3.00 39.41
C ALA A 438 6.38 -2.99 38.90
N GLU A 439 6.00 -4.06 38.22
CA GLU A 439 4.70 -4.16 37.57
C GLU A 439 4.34 -5.64 37.41
N SER A 440 3.09 -5.89 37.05
CA SER A 440 2.57 -7.24 36.87
C SER A 440 2.71 -7.65 35.40
N ILE A 441 2.53 -8.95 35.16
CA ILE A 441 2.76 -9.51 33.83
C ILE A 441 1.69 -9.02 32.85
N ASP A 442 0.43 -8.93 33.29
CA ASP A 442 -0.64 -8.52 32.38
C ASP A 442 -0.46 -7.08 31.92
N ARG A 443 -0.02 -6.20 32.82
CA ARG A 443 0.27 -4.83 32.43
C ARG A 443 1.59 -4.70 31.69
N THR A 444 2.48 -5.67 31.82
CA THR A 444 3.76 -5.62 31.11
C THR A 444 3.62 -6.05 29.66
N VAL A 445 2.86 -7.12 29.41
CA VAL A 445 2.67 -7.60 28.05
C VAL A 445 1.88 -6.64 27.18
N MET A 446 1.26 -5.62 27.76
CA MET A 446 0.49 -4.65 26.97
C MET A 446 1.38 -3.82 26.06
N TYR A 447 2.68 -3.72 26.38
CA TYR A 447 3.60 -2.96 25.54
C TYR A 447 3.88 -3.66 24.21
N TYR A 448 3.49 -4.93 24.06
CA TYR A 448 3.69 -5.63 22.80
C TYR A 448 2.86 -5.04 21.67
N GLY A 449 1.81 -4.30 22.00
CA GLY A 449 0.98 -3.69 20.99
C GLY A 449 -0.26 -4.50 20.68
N LEU A 450 -0.77 -4.28 19.48
CA LEU A 450 -1.98 -4.92 18.98
C LEU A 450 -1.72 -5.47 17.59
N PRO A 451 -2.55 -6.41 17.11
CA PRO A 451 -2.34 -6.94 15.76
C PRO A 451 -2.39 -5.90 14.66
N PHE A 452 -3.06 -4.75 14.90
CA PHE A 452 -3.12 -3.69 13.91
C PHE A 452 -2.46 -2.40 14.36
N ILE A 453 -1.83 -2.38 15.54
CA ILE A 453 -1.10 -1.22 16.03
C ILE A 453 0.27 -1.67 16.49
N GLN A 454 1.32 -1.01 15.99
CA GLN A 454 2.69 -1.32 16.38
C GLN A 454 3.08 -0.40 17.53
N GLU A 455 3.47 -1.01 18.66
CA GLU A 455 3.87 -0.24 19.83
C GLU A 455 5.34 -0.42 20.17
N ALA A 456 5.80 -1.65 20.34
CA ALA A 456 7.20 -1.91 20.68
C ALA A 456 7.58 -3.29 20.16
N ASP A 457 8.88 -3.48 19.94
CA ASP A 457 9.37 -4.79 19.51
C ASP A 457 9.19 -5.83 20.60
N PHE A 458 9.65 -5.52 21.81
CA PHE A 458 9.34 -6.33 22.99
C PHE A 458 9.68 -5.50 24.22
N PRO A 459 8.91 -5.64 25.31
CA PRO A 459 9.33 -5.06 26.58
C PRO A 459 10.39 -5.94 27.23
N PHE A 460 11.35 -5.29 27.88
CA PHE A 460 12.46 -6.02 28.49
C PHE A 460 11.96 -6.88 29.65
N ASN A 461 12.39 -8.14 29.67
CA ASN A 461 11.96 -9.11 30.67
C ASN A 461 13.05 -9.27 31.71
N ASN A 462 12.74 -8.92 32.96
CA ASN A 462 13.69 -9.02 34.06
C ASN A 462 13.14 -9.84 35.21
N TYR A 463 12.13 -10.69 34.96
CA TYR A 463 11.56 -11.49 36.03
C TYR A 463 12.56 -12.52 36.56
N LEU A 464 13.41 -13.06 35.69
CA LEU A 464 14.43 -14.01 36.14
C LEU A 464 15.42 -13.35 37.09
N SER A 465 15.79 -12.11 36.81
CA SER A 465 16.75 -11.39 37.65
C SER A 465 16.18 -11.02 39.00
N MET A 466 14.87 -11.15 39.21
CA MET A 466 14.25 -10.83 40.48
C MET A 466 14.27 -12.00 41.45
N LEU A 467 14.75 -13.16 41.04
CA LEU A 467 14.77 -14.34 41.90
C LEU A 467 15.94 -14.27 42.86
N ASP A 468 15.66 -14.48 44.15
CA ASP A 468 16.69 -14.57 45.17
C ASP A 468 17.04 -16.01 45.54
N THR A 469 16.21 -16.97 45.14
CA THR A 469 16.50 -18.38 45.32
C THR A 469 15.95 -19.13 44.11
N VAL A 470 16.52 -20.30 43.85
CA VAL A 470 16.20 -21.04 42.63
C VAL A 470 15.66 -22.42 42.99
N SER A 471 14.61 -22.80 42.26
CA SER A 471 14.03 -24.14 42.34
C SER A 471 13.30 -24.38 41.03
N GLY A 472 12.98 -25.65 40.78
CA GLY A 472 12.28 -25.99 39.56
C GLY A 472 10.95 -25.30 39.45
N ASN A 473 10.20 -25.23 40.56
CA ASN A 473 8.86 -24.65 40.52
C ASN A 473 8.90 -23.16 40.17
N SER A 474 9.84 -22.41 40.78
CA SER A 474 9.87 -20.96 40.55
C SER A 474 10.23 -20.63 39.11
N VAL A 475 11.27 -21.26 38.58
CA VAL A 475 11.67 -21.03 37.20
C VAL A 475 10.56 -21.47 36.25
N TYR A 476 9.93 -22.61 36.55
CA TYR A 476 8.82 -23.08 35.73
C TYR A 476 7.69 -22.06 35.70
N GLU A 477 7.34 -21.51 36.87
CA GLU A 477 6.28 -20.51 36.93
C GLU A 477 6.63 -19.28 36.12
N VAL A 478 7.87 -18.79 36.26
CA VAL A 478 8.27 -17.60 35.52
C VAL A 478 8.17 -17.84 34.01
N ILE A 479 8.76 -18.95 33.55
CA ILE A 479 8.78 -19.24 32.12
C ILE A 479 7.36 -19.41 31.58
N THR A 480 6.54 -20.20 32.28
CA THR A 480 5.18 -20.45 31.82
C THR A 480 4.35 -19.17 31.82
N SER A 481 4.49 -18.35 32.86
CA SER A 481 3.72 -17.11 32.92
C SER A 481 4.08 -16.19 31.76
N TRP A 482 5.39 -16.00 31.51
CA TRP A 482 5.78 -15.12 30.41
C TRP A 482 5.34 -15.70 29.07
N MET A 483 5.48 -17.01 28.88
CA MET A 483 5.16 -17.60 27.58
C MET A 483 3.66 -17.72 27.34
N GLU A 484 2.85 -17.69 28.39
CA GLU A 484 1.40 -17.77 28.25
C GLU A 484 0.75 -16.40 28.14
N ASN A 485 1.25 -15.41 28.89
CA ASN A 485 0.66 -14.07 28.84
C ASN A 485 1.10 -13.28 27.62
N MET A 486 2.13 -13.73 26.91
CA MET A 486 2.57 -13.02 25.71
C MET A 486 1.59 -13.24 24.57
N PRO A 487 1.30 -12.20 23.77
CA PRO A 487 0.46 -12.40 22.59
C PRO A 487 1.07 -13.41 21.64
N GLU A 488 0.21 -14.18 20.98
CA GLU A 488 0.67 -15.23 20.09
C GLU A 488 1.41 -14.64 18.89
N GLY A 489 2.57 -15.23 18.57
CA GLY A 489 3.35 -14.79 17.43
C GLY A 489 4.37 -13.71 17.71
N LYS A 490 4.55 -13.31 18.97
CA LYS A 490 5.49 -12.27 19.33
C LYS A 490 6.83 -12.86 19.74
N TRP A 491 7.83 -12.00 19.87
CA TRP A 491 9.19 -12.42 20.15
C TRP A 491 9.51 -12.21 21.61
N PRO A 492 9.79 -13.24 22.39
CA PRO A 492 10.14 -13.07 23.80
C PRO A 492 11.60 -12.66 23.97
N ASN A 493 11.96 -12.37 25.22
CA ASN A 493 13.32 -12.02 25.58
C ASN A 493 13.54 -12.38 27.04
N TRP A 494 14.82 -12.47 27.43
CA TRP A 494 15.18 -12.89 28.78
C TRP A 494 16.40 -12.14 29.26
N MET A 495 16.39 -11.78 30.55
CA MET A 495 17.56 -11.25 31.23
C MET A 495 17.72 -11.97 32.56
N ILE A 496 18.98 -12.09 33.01
CA ILE A 496 19.30 -12.68 34.30
C ILE A 496 20.03 -11.74 35.22
N GLY A 497 20.31 -10.52 34.77
CA GLY A 497 21.00 -9.55 35.61
C GLY A 497 20.93 -8.18 34.99
N GLY A 498 21.44 -7.20 35.74
CA GLY A 498 21.44 -5.83 35.29
C GLY A 498 22.17 -4.90 36.24
N PRO A 499 22.27 -3.62 35.86
CA PRO A 499 22.98 -2.66 36.72
C PRO A 499 22.25 -2.33 38.01
N ASP A 500 21.00 -2.76 38.18
CA ASP A 500 20.22 -2.47 39.38
C ASP A 500 19.87 -3.74 40.14
N SER A 501 20.66 -4.80 39.95
CA SER A 501 20.43 -6.05 40.64
C SER A 501 21.77 -6.63 41.08
N SER A 502 21.75 -7.37 42.18
CA SER A 502 22.97 -8.03 42.65
C SER A 502 23.44 -9.06 41.64
N ARG A 503 24.75 -9.19 41.50
CA ARG A 503 25.31 -10.09 40.50
C ARG A 503 24.95 -11.54 40.83
N LEU A 504 24.89 -12.37 39.78
CA LEU A 504 24.29 -13.69 39.90
C LEU A 504 25.06 -14.58 40.87
N THR A 505 26.40 -14.56 40.79
CA THR A 505 27.17 -15.46 41.64
C THR A 505 27.07 -15.10 43.13
N SER A 506 26.63 -13.87 43.44
CA SER A 506 26.38 -13.50 44.83
C SER A 506 24.92 -13.64 45.22
N ARG A 507 24.00 -13.53 44.26
CA ARG A 507 22.59 -13.71 44.56
C ARG A 507 22.26 -15.18 44.80
N LEU A 508 22.78 -16.06 43.97
CA LEU A 508 22.43 -17.47 44.03
C LEU A 508 23.60 -18.39 44.38
N GLY A 509 24.83 -17.90 44.35
CA GLY A 509 25.98 -18.73 44.61
C GLY A 509 26.76 -19.04 43.33
N ASN A 510 28.00 -19.49 43.52
CA ASN A 510 28.88 -19.78 42.39
C ASN A 510 28.37 -20.98 41.60
N GLN A 511 27.85 -22.00 42.28
CA GLN A 511 27.48 -23.25 41.62
C GLN A 511 26.45 -23.07 40.53
N TYR A 512 25.66 -21.99 40.57
CA TYR A 512 24.62 -21.75 39.60
C TYR A 512 25.06 -20.85 38.45
N VAL A 513 26.34 -20.47 38.40
CA VAL A 513 26.79 -19.54 37.37
C VAL A 513 26.65 -20.16 35.99
N ASN A 514 27.13 -21.39 35.83
CA ASN A 514 27.14 -22.03 34.51
C ASN A 514 25.72 -22.32 34.03
N VAL A 515 24.92 -22.99 34.87
CA VAL A 515 23.64 -23.54 34.42
C VAL A 515 22.72 -22.42 33.95
N MET A 516 22.67 -21.31 34.69
CA MET A 516 21.84 -20.19 34.28
C MET A 516 22.20 -19.72 32.87
N ASN A 517 23.50 -19.65 32.58
CA ASN A 517 23.94 -19.28 31.24
C ASN A 517 23.32 -20.19 30.19
N MET A 518 23.33 -21.50 30.45
CA MET A 518 22.69 -22.44 29.53
C MET A 518 21.21 -22.12 29.39
N LEU A 519 20.54 -21.84 30.52
CA LEU A 519 19.14 -21.49 30.47
C LEU A 519 18.91 -20.25 29.61
N LEU A 520 19.91 -19.36 29.56
CA LEU A 520 19.76 -18.15 28.76
C LEU A 520 19.85 -18.45 27.28
N PHE A 521 20.57 -19.49 26.89
CA PHE A 521 20.88 -19.75 25.49
C PHE A 521 20.08 -20.88 24.88
N THR A 522 19.05 -21.37 25.56
CA THR A 522 18.18 -22.39 25.02
C THR A 522 16.70 -21.99 24.96
N LEU A 523 16.29 -21.02 25.76
CA LEU A 523 14.91 -20.55 25.70
C LEU A 523 14.68 -19.78 24.39
N PRO A 524 13.45 -19.81 23.87
CA PRO A 524 13.16 -19.05 22.66
C PRO A 524 13.24 -17.56 22.90
N GLY A 525 13.60 -16.83 21.86
CA GLY A 525 13.70 -15.38 21.93
C GLY A 525 15.13 -14.89 21.96
N THR A 526 15.27 -13.59 22.21
CA THR A 526 16.57 -12.94 22.22
C THR A 526 17.14 -12.93 23.64
N PRO A 527 18.31 -13.50 23.88
CA PRO A 527 18.94 -13.39 25.19
C PRO A 527 19.75 -12.11 25.34
N ILE A 528 19.77 -11.60 26.57
CA ILE A 528 20.47 -10.37 26.89
C ILE A 528 21.43 -10.66 28.03
N THR A 529 22.69 -10.23 27.86
CA THR A 529 23.75 -10.51 28.82
C THR A 529 24.28 -9.22 29.41
N TYR A 530 24.38 -9.17 30.73
CA TYR A 530 25.01 -8.05 31.41
C TYR A 530 26.52 -8.24 31.41
N TYR A 531 27.25 -7.14 31.28
CA TYR A 531 28.71 -7.22 31.17
C TYR A 531 29.30 -7.85 32.42
N GLY A 532 30.28 -8.73 32.21
CA GLY A 532 30.92 -9.43 33.30
C GLY A 532 30.24 -10.71 33.74
N GLU A 533 29.07 -11.02 33.19
CA GLU A 533 28.39 -12.25 33.57
C GLU A 533 29.08 -13.48 32.99
N GLU A 534 29.69 -13.35 31.81
CA GLU A 534 30.40 -14.49 31.22
C GLU A 534 31.58 -14.90 32.07
N ILE A 535 32.31 -13.93 32.63
CA ILE A 535 33.42 -14.25 33.52
C ILE A 535 32.90 -14.77 34.85
N GLY A 536 31.87 -14.12 35.40
CA GLY A 536 31.31 -14.54 36.67
C GLY A 536 31.72 -13.65 37.83
N MET A 537 31.65 -12.33 37.64
CA MET A 537 32.00 -11.39 38.70
C MET A 537 31.00 -11.46 39.85
N GLY A 538 31.46 -11.05 41.02
CA GLY A 538 30.62 -10.95 42.20
C GLY A 538 30.54 -9.50 42.67
N ASN A 539 29.65 -9.29 43.64
CA ASN A 539 29.48 -7.95 44.20
C ASN A 539 30.71 -7.54 45.00
N ILE A 540 30.87 -6.23 45.14
CA ILE A 540 31.95 -5.66 45.94
C ILE A 540 31.36 -5.08 47.21
N VAL A 541 32.18 -5.02 48.26
CA VAL A 541 31.73 -4.41 49.50
C VAL A 541 31.43 -2.94 49.26
N ALA A 542 30.33 -2.47 49.84
CA ALA A 542 29.88 -1.10 49.58
C ALA A 542 30.90 -0.08 50.08
N ALA A 543 31.12 0.95 49.27
CA ALA A 543 32.00 2.05 49.62
C ALA A 543 31.31 3.36 49.25
N ASN A 544 31.65 4.41 49.98
CA ASN A 544 31.04 5.72 49.79
C ASN A 544 31.90 6.57 48.86
N LEU A 545 31.23 7.32 47.98
CA LEU A 545 31.90 8.19 47.04
C LEU A 545 31.46 9.64 47.27
N ASN A 546 32.28 10.57 46.78
CA ASN A 546 31.93 11.98 46.88
C ASN A 546 30.71 12.32 46.05
N GLU A 547 30.62 11.75 44.84
CA GLU A 547 29.47 12.00 43.99
C GLU A 547 28.23 11.30 44.55
N SER A 548 27.07 11.84 44.19
CA SER A 548 25.80 11.31 44.67
C SER A 548 25.48 10.01 43.94
N TYR A 549 25.40 8.92 44.70
CA TYR A 549 25.11 7.61 44.12
C TYR A 549 24.30 6.81 45.13
N ASP A 550 23.64 5.77 44.62
CA ASP A 550 22.84 4.88 45.44
C ASP A 550 23.74 3.77 45.98
N ILE A 551 23.98 3.77 47.28
CA ILE A 551 24.88 2.81 47.89
C ILE A 551 24.34 1.38 47.79
N ASN A 552 23.02 1.23 47.63
CA ASN A 552 22.43 -0.11 47.54
C ASN A 552 22.57 -0.73 46.16
N THR A 553 23.04 0.02 45.17
CA THR A 553 23.23 -0.50 43.82
C THR A 553 24.65 -0.36 43.30
N LEU A 554 25.55 0.27 44.05
CA LEU A 554 26.94 0.38 43.62
C LEU A 554 27.65 -0.96 43.62
N ARG A 555 27.07 -1.97 44.27
CA ARG A 555 27.71 -3.28 44.37
C ARG A 555 27.82 -3.99 43.03
N SER A 556 27.04 -3.57 42.02
CA SER A 556 27.01 -4.26 40.73
C SER A 556 27.59 -3.42 39.61
N LYS A 557 28.42 -2.42 39.95
CA LYS A 557 29.01 -1.53 38.95
C LYS A 557 30.53 -1.51 39.03
N SER A 558 31.13 -2.60 39.50
CA SER A 558 32.59 -2.66 39.59
C SER A 558 33.20 -2.71 38.19
N PRO A 559 34.42 -2.21 38.03
CA PRO A 559 35.05 -2.18 36.70
C PRO A 559 35.31 -3.59 36.16
N MET A 560 35.34 -3.69 34.85
CA MET A 560 35.63 -4.96 34.18
C MET A 560 37.01 -5.46 34.57
N GLN A 561 37.11 -6.77 34.78
CA GLN A 561 38.37 -7.43 35.13
C GLN A 561 38.94 -8.08 33.89
N TRP A 562 40.11 -7.62 33.45
CA TRP A 562 40.73 -8.10 32.22
C TRP A 562 41.91 -9.04 32.48
N ASP A 563 42.83 -8.66 33.37
CA ASP A 563 43.99 -9.48 33.66
C ASP A 563 44.48 -9.14 35.07
N ASN A 564 45.56 -9.79 35.49
CA ASN A 564 46.10 -9.61 36.83
C ASN A 564 47.22 -8.58 36.85
N SER A 565 46.88 -7.37 36.39
CA SER A 565 47.84 -6.27 36.35
C SER A 565 47.21 -5.02 36.95
N SER A 566 47.82 -4.51 38.02
CA SER A 566 47.40 -3.29 38.69
C SER A 566 45.90 -3.30 38.99
N ASN A 567 45.17 -2.36 38.40
CA ASN A 567 43.73 -2.28 38.60
C ASN A 567 43.00 -3.24 37.66
N ALA A 568 43.39 -4.51 37.70
CA ALA A 568 42.81 -5.57 36.88
C ALA A 568 42.88 -5.25 35.38
N GLY A 569 43.79 -4.36 34.98
CA GLY A 569 43.88 -3.95 33.60
C GLY A 569 42.82 -2.97 33.15
N PHE A 570 41.93 -2.55 34.04
CA PHE A 570 40.89 -1.60 33.67
C PHE A 570 41.47 -0.22 33.39
N SER A 571 42.46 0.20 34.17
CA SER A 571 43.04 1.52 34.02
C SER A 571 44.51 1.46 34.41
N GLU A 572 45.26 2.46 33.95
CA GLU A 572 46.67 2.62 34.29
C GLU A 572 46.90 3.76 35.27
N ALA A 573 45.83 4.26 35.89
CA ALA A 573 45.91 5.35 36.84
C ALA A 573 46.08 4.83 38.26
N SER A 574 46.49 5.72 39.16
CA SER A 574 46.70 5.33 40.55
C SER A 574 45.41 4.92 41.22
N ASN A 575 44.33 5.65 40.96
CA ASN A 575 43.04 5.40 41.62
C ASN A 575 41.94 5.34 40.58
N THR A 576 41.01 4.41 40.79
CA THR A 576 39.81 4.29 39.97
C THR A 576 38.62 4.88 40.70
N TRP A 577 37.55 5.16 39.95
CA TRP A 577 36.37 5.77 40.56
C TRP A 577 35.68 4.82 41.52
N LEU A 578 35.82 3.51 41.30
CA LEU A 578 35.33 2.50 42.21
C LEU A 578 36.43 1.48 42.49
N PRO A 579 36.48 0.92 43.70
CA PRO A 579 37.46 -0.12 43.98
C PRO A 579 37.19 -1.37 43.16
N THR A 580 38.27 -2.05 42.80
CA THR A 580 38.18 -3.30 42.05
C THR A 580 38.02 -4.47 43.01
N ASN A 581 37.32 -5.50 42.55
CA ASN A 581 37.11 -6.68 43.37
C ASN A 581 38.43 -7.34 43.72
N SER A 582 38.52 -7.87 44.95
CA SER A 582 39.78 -8.38 45.48
C SER A 582 40.15 -9.75 44.94
N ASP A 583 39.27 -10.39 44.18
CA ASP A 583 39.54 -11.72 43.62
C ASP A 583 40.00 -11.66 42.17
N TYR A 584 40.34 -10.48 41.66
CA TYR A 584 40.75 -10.35 40.26
C TYR A 584 42.05 -11.08 39.97
N HIS A 585 42.84 -11.42 40.99
CA HIS A 585 44.08 -12.15 40.78
C HIS A 585 43.84 -13.56 40.24
N THR A 586 42.63 -14.10 40.41
CA THR A 586 42.31 -15.43 39.93
C THR A 586 41.05 -15.48 39.07
N VAL A 587 40.35 -14.36 38.91
CA VAL A 587 39.12 -14.30 38.12
C VAL A 587 39.25 -13.11 37.18
N ASN A 588 39.66 -13.37 35.94
CA ASN A 588 39.76 -12.32 34.92
C ASN A 588 39.71 -12.98 33.55
N VAL A 589 39.58 -12.14 32.52
CA VAL A 589 39.46 -12.63 31.16
C VAL A 589 40.71 -13.37 30.73
N ASP A 590 41.88 -12.84 31.07
CA ASP A 590 43.14 -13.38 30.54
C ASP A 590 43.36 -14.81 31.01
N VAL A 591 43.14 -15.09 32.29
CA VAL A 591 43.42 -16.43 32.80
C VAL A 591 42.41 -17.44 32.27
N GLN A 592 41.17 -17.01 32.03
CA GLN A 592 40.13 -17.94 31.61
C GLN A 592 40.23 -18.33 30.14
N LYS A 593 40.97 -17.57 29.33
CA LYS A 593 41.15 -17.93 27.93
C LYS A 593 42.07 -19.13 27.75
N THR A 594 42.81 -19.52 28.79
CA THR A 594 43.68 -20.68 28.74
C THR A 594 43.09 -21.90 29.44
N GLN A 595 42.35 -21.70 30.53
CA GLN A 595 41.73 -22.80 31.23
C GLN A 595 40.62 -23.40 30.37
N PRO A 596 40.59 -24.73 30.18
CA PRO A 596 39.53 -25.35 29.38
C PRO A 596 38.23 -25.60 30.13
N ARG A 597 38.18 -25.32 31.43
CA ARG A 597 36.99 -25.54 32.23
C ARG A 597 36.36 -24.24 32.71
N SER A 598 36.82 -23.10 32.21
CA SER A 598 36.33 -21.81 32.67
C SER A 598 34.94 -21.53 32.11
N ALA A 599 34.25 -20.57 32.74
CA ALA A 599 32.91 -20.19 32.31
C ALA A 599 32.94 -19.50 30.96
N LEU A 600 34.04 -18.81 30.62
CA LEU A 600 34.12 -18.13 29.33
C LEU A 600 34.05 -19.12 28.17
N LYS A 601 34.73 -20.26 28.30
CA LYS A 601 34.69 -21.27 27.25
C LYS A 601 33.28 -21.81 27.06
N LEU A 602 32.57 -22.08 28.17
CA LEU A 602 31.20 -22.57 28.09
C LEU A 602 30.29 -21.52 27.44
N TYR A 603 30.47 -20.25 27.81
CA TYR A 603 29.68 -19.18 27.21
C TYR A 603 29.92 -19.10 25.71
N GLN A 604 31.18 -19.18 25.29
CA GLN A 604 31.49 -19.12 23.86
C GLN A 604 30.89 -20.32 23.13
N ASP A 605 30.99 -21.50 23.72
CA ASP A 605 30.42 -22.69 23.09
C ASP A 605 28.90 -22.58 22.95
N LEU A 606 28.24 -22.10 24.01
CA LEU A 606 26.79 -21.93 23.94
C LEU A 606 26.39 -20.90 22.90
N SER A 607 27.12 -19.78 22.84
CA SER A 607 26.82 -18.75 21.84
C SER A 607 27.00 -19.28 20.43
N LEU A 608 28.09 -20.03 20.19
CA LEU A 608 28.32 -20.60 18.87
C LEU A 608 27.23 -21.60 18.50
N LEU A 609 26.84 -22.45 19.46
CA LEU A 609 25.80 -23.43 19.21
C LEU A 609 24.47 -22.74 18.89
N HIS A 610 24.14 -21.68 19.62
CA HIS A 610 22.92 -20.93 19.33
C HIS A 610 22.98 -20.26 17.97
N ALA A 611 24.15 -19.73 17.58
CA ALA A 611 24.27 -19.04 16.31
C ALA A 611 24.31 -19.98 15.10
N ASN A 612 24.74 -21.23 15.29
CA ASN A 612 24.91 -22.16 14.17
C ASN A 612 23.89 -23.29 14.18
N GLU A 613 22.71 -23.08 14.75
CA GLU A 613 21.68 -24.11 14.78
C GLU A 613 20.32 -23.46 14.57
N LEU A 614 19.57 -23.95 13.57
CA LEU A 614 18.21 -23.47 13.36
C LEU A 614 17.28 -23.87 14.51
N LEU A 615 17.57 -25.01 15.15
CA LEU A 615 16.72 -25.50 16.22
C LEU A 615 16.70 -24.58 17.44
N LEU A 616 17.72 -23.74 17.60
CA LEU A 616 17.83 -22.88 18.78
C LEU A 616 17.37 -21.45 18.52
N ASN A 617 17.78 -20.85 17.40
CA ASN A 617 17.33 -19.52 17.05
C ASN A 617 15.93 -19.51 16.45
N ARG A 618 15.34 -20.67 16.21
CA ARG A 618 14.01 -20.79 15.65
C ARG A 618 13.45 -22.16 16.05
N GLY A 619 12.16 -22.33 15.84
CA GLY A 619 11.51 -23.60 16.08
C GLY A 619 10.68 -23.60 17.36
N TRP A 620 9.99 -24.71 17.56
CA TRP A 620 9.07 -24.87 18.66
C TRP A 620 9.81 -24.94 20.00
N PHE A 621 9.09 -24.61 21.06
CA PHE A 621 9.58 -24.75 22.43
C PHE A 621 8.50 -25.50 23.21
N CYS A 622 8.77 -26.74 23.59
CA CYS A 622 7.78 -27.58 24.25
C CYS A 622 8.29 -27.94 25.63
N HIS A 623 7.52 -27.60 26.65
CA HIS A 623 7.91 -27.84 28.04
C HIS A 623 7.04 -28.92 28.65
N LEU A 624 7.63 -29.75 29.50
CA LEU A 624 6.93 -30.84 30.15
C LEU A 624 6.38 -30.37 31.49
N ARG A 625 5.95 -31.31 32.32
CA ARG A 625 5.33 -30.98 33.59
C ARG A 625 6.35 -30.37 34.55
N ASN A 626 5.83 -29.62 35.53
CA ASN A 626 6.66 -29.00 36.54
C ASN A 626 7.27 -30.04 37.47
N ASP A 627 8.37 -29.68 38.10
CA ASP A 627 9.02 -30.53 39.09
C ASP A 627 9.73 -29.65 40.10
N SER A 628 9.91 -30.20 41.31
CA SER A 628 10.56 -29.45 42.38
C SER A 628 12.07 -29.34 42.19
N HIS A 629 12.67 -30.30 41.49
CA HIS A 629 14.13 -30.37 41.36
C HIS A 629 14.63 -29.90 40.01
N TYR A 630 14.07 -30.40 38.91
CA TYR A 630 14.64 -30.20 37.60
C TYR A 630 13.62 -29.58 36.64
N VAL A 631 14.14 -28.94 35.61
CA VAL A 631 13.36 -28.38 34.51
C VAL A 631 13.83 -29.04 33.22
N VAL A 632 12.88 -29.60 32.47
CA VAL A 632 13.18 -30.32 31.24
C VAL A 632 12.28 -29.77 30.14
N TYR A 633 12.88 -29.44 29.00
CA TYR A 633 12.09 -29.02 27.84
C TYR A 633 12.80 -29.43 26.56
N THR A 634 12.14 -29.19 25.44
CA THR A 634 12.64 -29.63 24.14
C THR A 634 12.46 -28.52 23.11
N ARG A 635 13.39 -28.52 22.15
CA ARG A 635 13.34 -27.66 20.98
C ARG A 635 13.36 -28.55 19.73
N GLU A 636 12.50 -28.22 18.77
CA GLU A 636 12.35 -29.05 17.58
C GLU A 636 11.85 -28.19 16.43
N LEU A 637 11.96 -28.74 15.22
CA LEU A 637 11.46 -28.09 14.03
C LEU A 637 10.91 -29.14 13.08
N ASP A 638 10.02 -28.72 12.20
CA ASP A 638 9.36 -29.63 11.27
C ASP A 638 10.31 -29.96 10.12
N GLY A 639 10.55 -31.24 9.88
CA GLY A 639 11.38 -31.68 8.79
C GLY A 639 12.87 -31.71 9.06
N ILE A 640 13.27 -31.70 10.33
CA ILE A 640 14.68 -31.75 10.68
C ILE A 640 15.04 -33.15 11.14
N ASP A 641 14.07 -33.85 11.73
CA ASP A 641 14.22 -35.19 12.30
C ASP A 641 15.19 -35.22 13.47
N ARG A 642 15.50 -34.07 14.05
CA ARG A 642 16.34 -33.99 15.24
C ARG A 642 15.71 -33.06 16.25
N ILE A 643 15.91 -33.37 17.53
CA ILE A 643 15.40 -32.56 18.62
C ILE A 643 16.51 -32.33 19.63
N PHE A 644 16.41 -31.20 20.35
CA PHE A 644 17.28 -30.92 21.48
C PHE A 644 16.47 -31.06 22.76
N ILE A 645 16.99 -31.82 23.72
CA ILE A 645 16.38 -32.00 25.02
C ILE A 645 17.28 -31.34 26.05
N VAL A 646 16.77 -30.30 26.71
CA VAL A 646 17.51 -29.54 27.70
C VAL A 646 17.01 -29.95 29.08
N VAL A 647 17.92 -30.39 29.94
CA VAL A 647 17.63 -30.80 31.31
C VAL A 647 18.51 -30.00 32.24
N LEU A 648 17.90 -29.35 33.23
CA LEU A 648 18.62 -28.53 34.20
C LEU A 648 18.20 -28.93 35.60
N ASN A 649 19.16 -29.05 36.50
CA ASN A 649 18.91 -29.40 37.89
C ASN A 649 19.10 -28.15 38.75
N PHE A 650 17.99 -27.64 39.30
CA PHE A 650 18.03 -26.44 40.12
C PHE A 650 17.93 -26.74 41.61
N GLY A 651 17.75 -28.00 41.99
CA GLY A 651 17.66 -28.36 43.39
C GLY A 651 18.93 -28.97 43.93
N GLU A 652 18.82 -30.17 44.48
CA GLU A 652 19.97 -30.91 45.01
C GLU A 652 20.33 -32.05 44.07
N SER A 653 21.43 -32.72 44.39
CA SER A 653 21.83 -33.89 43.62
C SER A 653 20.77 -34.96 43.70
N THR A 654 20.43 -35.54 42.55
CA THR A 654 19.31 -36.48 42.48
C THR A 654 19.50 -37.39 41.27
N LEU A 655 18.48 -38.22 41.03
CA LEU A 655 18.46 -39.19 39.94
C LEU A 655 17.21 -38.96 39.10
N LEU A 656 17.35 -39.14 37.80
CA LEU A 656 16.27 -38.86 36.85
C LEU A 656 16.11 -40.03 35.90
N ASN A 657 14.86 -40.32 35.53
CA ASN A 657 14.53 -41.37 34.57
C ASN A 657 13.75 -40.71 33.44
N LEU A 658 14.41 -40.49 32.31
CA LEU A 658 13.77 -39.81 31.18
C LEU A 658 12.69 -40.66 30.53
N HIS A 659 12.69 -41.97 30.75
CA HIS A 659 11.68 -42.83 30.14
C HIS A 659 10.27 -42.47 30.60
N ASN A 660 10.13 -42.16 31.90
CA ASN A 660 8.81 -41.79 32.41
C ASN A 660 8.31 -40.50 31.78
N MET A 661 9.18 -39.50 31.68
CA MET A 661 8.77 -38.20 31.16
C MET A 661 8.58 -38.22 29.65
N ILE A 662 9.48 -38.87 28.91
CA ILE A 662 9.40 -38.96 27.46
C ILE A 662 9.49 -40.43 27.06
N SER A 663 8.60 -40.86 26.17
CA SER A 663 8.54 -42.23 25.71
C SER A 663 9.19 -42.34 24.33
N GLY A 664 9.88 -43.45 24.10
CA GLY A 664 10.51 -43.69 22.81
C GLY A 664 11.93 -43.21 22.74
N LEU A 665 12.77 -43.62 23.69
CA LEU A 665 14.16 -43.20 23.72
C LEU A 665 15.07 -44.43 23.86
N PRO A 666 16.28 -44.36 23.32
CA PRO A 666 17.21 -45.49 23.46
C PRO A 666 17.74 -45.59 24.89
N ALA A 667 18.32 -46.75 25.18
CA ALA A 667 18.86 -47.00 26.52
C ALA A 667 20.04 -46.08 26.84
N LYS A 668 20.82 -45.73 25.83
CA LYS A 668 21.99 -44.87 26.03
C LYS A 668 21.88 -43.65 25.13
N MET A 669 22.32 -42.50 25.65
CA MET A 669 22.28 -41.24 24.91
C MET A 669 23.62 -40.53 25.06
N ARG A 670 23.94 -39.72 24.05
CA ARG A 670 25.21 -39.01 23.98
C ARG A 670 24.98 -37.53 24.32
N ILE A 671 25.78 -37.02 25.25
CA ILE A 671 25.65 -35.62 25.65
C ILE A 671 26.26 -34.72 24.59
N ARG A 672 25.46 -33.81 24.06
CA ARG A 672 25.95 -32.81 23.13
C ARG A 672 26.70 -31.68 23.82
N LEU A 673 26.25 -31.28 25.00
CA LEU A 673 26.90 -30.21 25.76
C LEU A 673 26.47 -30.32 27.22
N SER A 674 27.38 -29.95 28.12
CA SER A 674 27.12 -30.03 29.55
C SER A 674 27.84 -28.89 30.25
N THR A 675 27.32 -28.51 31.42
CA THR A 675 27.97 -27.49 32.23
C THR A 675 29.35 -27.95 32.67
N ASN A 676 29.46 -29.22 33.09
CA ASN A 676 30.76 -29.82 33.41
C ASN A 676 31.39 -30.23 32.09
N SER A 677 32.36 -29.44 31.62
CA SER A 677 32.92 -29.61 30.29
C SER A 677 33.65 -30.94 30.12
N ALA A 678 34.01 -31.60 31.22
CA ALA A 678 34.73 -32.87 31.12
C ALA A 678 33.85 -34.01 30.59
N ASP A 679 32.53 -33.84 30.58
CA ASP A 679 31.60 -34.88 30.16
C ASP A 679 31.09 -34.68 28.74
N LYS A 680 31.67 -33.76 27.99
CA LYS A 680 31.23 -33.51 26.62
C LYS A 680 31.49 -34.73 25.74
N GLY A 681 30.47 -35.20 25.05
CA GLY A 681 30.59 -36.34 24.18
C GLY A 681 30.43 -37.70 24.86
N SER A 682 30.24 -37.72 26.17
CA SER A 682 30.14 -38.98 26.89
C SER A 682 28.76 -39.62 26.67
N LYS A 683 28.65 -40.87 27.10
CA LYS A 683 27.40 -41.63 27.02
C LYS A 683 26.82 -41.82 28.41
N VAL A 684 25.50 -41.66 28.51
CA VAL A 684 24.78 -41.84 29.77
C VAL A 684 23.60 -42.76 29.54
N ASP A 685 23.12 -43.36 30.62
CA ASP A 685 21.98 -44.26 30.56
C ASP A 685 20.70 -43.46 30.74
N THR A 686 19.69 -43.75 29.92
CA THR A 686 18.45 -42.98 29.94
C THR A 686 17.74 -43.09 31.29
N SER A 687 17.70 -44.28 31.86
CA SER A 687 17.06 -44.52 33.15
C SER A 687 18.14 -44.54 34.22
N GLY A 688 18.32 -43.41 34.92
CA GLY A 688 19.32 -43.34 35.95
C GLY A 688 20.33 -42.22 35.77
N ILE A 689 19.94 -41.14 35.09
CA ILE A 689 20.83 -40.00 34.95
C ILE A 689 21.06 -39.37 36.32
N PHE A 690 22.32 -39.24 36.71
CA PHE A 690 22.68 -38.71 38.02
C PHE A 690 23.09 -37.25 37.85
N LEU A 691 22.43 -36.35 38.59
CA LEU A 691 22.65 -34.92 38.46
C LEU A 691 23.13 -34.35 39.78
N ASP A 692 24.11 -33.45 39.70
CA ASP A 692 24.64 -32.74 40.85
C ASP A 692 23.93 -31.39 40.99
N LYS A 693 24.19 -30.74 42.13
CA LYS A 693 23.61 -29.43 42.40
C LYS A 693 24.11 -28.40 41.38
N GLY A 694 23.21 -27.93 40.53
CA GLY A 694 23.59 -26.98 39.50
C GLY A 694 24.24 -27.62 38.30
N GLU A 695 23.51 -28.52 37.62
CA GLU A 695 24.02 -29.24 36.47
C GLU A 695 23.07 -29.06 35.30
N GLY A 696 23.62 -29.13 34.09
CA GLY A 696 22.83 -28.98 32.89
C GLY A 696 23.31 -29.82 31.74
N LEU A 697 22.39 -30.47 31.04
CA LEU A 697 22.72 -31.33 29.91
C LEU A 697 21.85 -30.99 28.72
N ILE A 698 22.44 -31.06 27.53
CA ILE A 698 21.74 -30.88 26.27
C ILE A 698 21.95 -32.15 25.47
N PHE A 699 20.88 -32.91 25.25
CA PHE A 699 20.95 -34.11 24.42
C PHE A 699 20.42 -33.81 23.03
N GLU A 700 21.08 -34.39 22.03
CA GLU A 700 20.64 -34.31 20.64
C GLU A 700 20.09 -35.68 20.26
N HIS A 701 18.81 -35.71 19.88
CA HIS A 701 18.13 -36.98 19.63
C HIS A 701 17.60 -37.01 18.21
N ASN A 702 17.79 -38.15 17.55
CA ASN A 702 17.29 -38.37 16.19
C ASN A 702 16.00 -39.18 16.28
N THR A 703 14.90 -38.58 15.81
CA THR A 703 13.60 -39.23 15.86
C THR A 703 12.67 -38.51 14.88
N LYS A 704 11.41 -38.96 14.84
CA LYS A 704 10.41 -38.36 13.98
C LYS A 704 9.12 -38.05 14.72
N ASN A 705 9.04 -38.31 16.03
CA ASN A 705 7.82 -38.09 16.80
C ASN A 705 7.96 -36.75 17.53
N LEU A 706 7.71 -35.67 16.80
CA LEU A 706 7.75 -34.34 17.39
C LEU A 706 6.60 -34.17 18.39
N LEU A 707 6.92 -33.54 19.53
CA LEU A 707 5.93 -33.41 20.59
C LEU A 707 4.77 -32.51 20.18
N HIS A 708 5.06 -31.41 19.47
CA HIS A 708 4.03 -30.44 19.16
C HIS A 708 2.99 -30.97 18.19
N ARG A 709 3.23 -32.11 17.54
CA ARG A 709 2.23 -32.75 16.70
C ARG A 709 1.36 -33.73 17.46
N GLN A 710 1.80 -34.18 18.63
CA GLN A 710 1.00 -35.10 19.43
C GLN A 710 -0.16 -34.35 20.10
N THR A 711 -1.20 -35.11 20.45
CA THR A 711 -2.41 -34.51 20.99
C THR A 711 -2.25 -34.06 22.43
N ALA A 712 -1.36 -34.69 23.20
CA ALA A 712 -1.23 -34.34 24.61
C ALA A 712 -0.47 -33.04 24.80
N PHE A 713 0.31 -32.60 23.80
CA PHE A 713 1.22 -31.49 23.97
C PHE A 713 0.93 -30.31 23.05
N ARG A 714 -0.25 -30.24 22.43
CA ARG A 714 -0.55 -29.05 21.65
C ARG A 714 -0.78 -27.81 22.51
N ASP A 715 -1.01 -27.98 23.81
CA ASP A 715 -1.28 -26.86 24.71
C ASP A 715 -0.03 -26.34 25.41
N ARG A 716 1.15 -26.90 25.11
CA ARG A 716 2.38 -26.52 25.79
C ARG A 716 3.52 -26.35 24.80
N CYS A 717 3.22 -25.78 23.63
CA CYS A 717 4.24 -25.52 22.61
C CYS A 717 3.93 -24.18 21.96
N PHE A 718 4.99 -23.39 21.70
CA PHE A 718 4.82 -22.05 21.18
C PHE A 718 5.87 -21.79 20.10
N VAL A 719 5.52 -20.93 19.15
CA VAL A 719 6.42 -20.48 18.10
C VAL A 719 6.18 -19.02 17.78
N SER A 720 7.17 -18.42 17.11
CA SER A 720 7.01 -17.14 16.44
C SER A 720 7.68 -17.27 15.08
N ASN A 721 7.00 -16.80 14.03
CA ASN A 721 7.47 -16.93 12.65
C ASN A 721 7.67 -18.41 12.28
N ARG A 722 6.55 -19.12 12.28
CA ARG A 722 6.56 -20.55 11.99
C ARG A 722 7.09 -20.82 10.59
N ALA A 723 7.88 -21.88 10.47
CA ALA A 723 8.44 -22.27 9.18
C ALA A 723 8.75 -23.76 9.20
N CYS A 724 8.90 -24.33 8.01
CA CYS A 724 9.24 -25.74 7.85
C CYS A 724 10.43 -25.86 6.90
N TYR A 725 11.28 -26.85 7.16
CA TYR A 725 12.53 -27.02 6.43
C TYR A 725 12.44 -28.24 5.53
N SER A 726 12.86 -28.07 4.28
CA SER A 726 12.94 -29.15 3.30
C SER A 726 14.40 -29.46 3.04
N SER A 727 14.83 -30.67 3.42
CA SER A 727 16.21 -31.08 3.22
C SER A 727 16.48 -31.46 1.77
N VAL A 728 15.50 -32.05 1.09
CA VAL A 728 15.67 -32.41 -0.31
C VAL A 728 15.92 -31.16 -1.15
N LEU A 729 15.12 -30.12 -0.92
CA LEU A 729 15.34 -28.83 -1.55
C LEU A 729 16.24 -27.92 -0.73
N ASN A 730 16.45 -28.24 0.54
CA ASN A 730 17.30 -27.45 1.44
C ASN A 730 16.84 -25.99 1.50
N ILE A 731 15.54 -25.81 1.76
CA ILE A 731 14.92 -24.48 1.78
C ILE A 731 13.95 -24.43 2.95
N LEU A 732 13.29 -23.27 3.10
CA LEU A 732 12.27 -23.05 4.11
C LEU A 732 10.97 -22.62 3.43
N TYR A 733 9.86 -23.18 3.90
CA TYR A 733 8.55 -22.86 3.36
C TYR A 733 7.53 -22.75 4.49
N THR A 734 6.45 -22.02 4.22
CA THR A 734 5.46 -21.69 5.24
C THR A 734 4.36 -22.74 5.36
N SER A 735 3.82 -23.21 4.23
CA SER A 735 2.69 -24.13 4.27
C SER A 735 3.14 -25.51 4.74
N CYS A 736 2.60 -25.96 5.86
CA CYS A 736 2.94 -27.26 6.40
C CYS A 736 1.69 -28.07 6.72
N TRP B 44 36.28 11.31 -33.39
CA TRP B 44 35.79 10.27 -34.28
C TRP B 44 34.92 9.26 -33.53
N TRP B 45 34.00 8.63 -34.24
CA TRP B 45 33.06 7.69 -33.63
C TRP B 45 33.63 6.29 -33.47
N GLY B 46 34.80 6.01 -34.06
CA GLY B 46 35.39 4.69 -33.91
C GLY B 46 35.70 4.36 -32.46
N THR B 47 36.31 5.31 -31.75
CA THR B 47 36.55 5.11 -30.32
C THR B 47 35.25 5.02 -29.52
N SER B 48 34.19 5.68 -29.97
CA SER B 48 32.89 5.56 -29.30
C SER B 48 32.37 4.13 -29.43
N PHE B 49 32.39 3.58 -30.64
CA PHE B 49 31.97 2.18 -30.81
C PHE B 49 32.87 1.25 -30.02
N LEU B 50 34.18 1.52 -30.01
CA LEU B 50 35.12 0.68 -29.27
C LEU B 50 34.78 0.65 -27.78
N LEU B 51 34.55 1.83 -27.19
CA LEU B 51 34.25 1.86 -25.76
C LEU B 51 32.88 1.24 -25.47
N ILE B 52 31.91 1.45 -26.35
CA ILE B 52 30.59 0.84 -26.17
C ILE B 52 30.72 -0.68 -26.17
N ASN B 53 31.57 -1.22 -27.03
CA ASN B 53 31.82 -2.66 -27.01
C ASN B 53 32.57 -3.08 -25.75
N ILE B 54 33.53 -2.27 -25.32
CA ILE B 54 34.43 -2.67 -24.24
C ILE B 54 33.72 -2.71 -22.90
N ILE B 55 32.80 -1.76 -22.65
CA ILE B 55 32.26 -1.58 -21.29
C ILE B 55 31.66 -2.88 -20.76
N GLY B 56 30.93 -3.61 -21.61
CA GLY B 56 30.49 -4.94 -21.24
C GLY B 56 29.51 -4.94 -20.07
N ALA B 57 29.54 -6.01 -19.28
CA ALA B 57 28.60 -6.17 -18.18
C ALA B 57 29.22 -6.69 -16.89
N GLY B 58 30.53 -6.96 -16.85
CA GLY B 58 31.14 -7.47 -15.64
C GLY B 58 31.26 -6.47 -14.52
N ILE B 59 31.24 -5.17 -14.84
CA ILE B 59 31.43 -4.13 -13.84
C ILE B 59 30.37 -4.21 -12.74
N PHE B 60 29.24 -4.86 -13.02
CA PHE B 60 28.16 -4.96 -12.05
C PHE B 60 28.42 -6.02 -10.98
N VAL B 61 29.33 -6.96 -11.20
CA VAL B 61 29.53 -8.08 -10.29
C VAL B 61 30.90 -8.04 -9.62
N SER B 62 31.93 -7.61 -10.35
CA SER B 62 33.30 -7.67 -9.82
C SER B 62 33.53 -6.92 -8.51
N PRO B 63 32.96 -5.72 -8.26
CA PRO B 63 33.37 -4.97 -7.06
C PRO B 63 33.28 -5.75 -5.77
N LYS B 64 32.31 -6.66 -5.65
CA LYS B 64 32.25 -7.52 -4.47
C LYS B 64 33.39 -8.53 -4.49
N GLY B 65 33.52 -9.29 -5.58
CA GLY B 65 34.49 -10.37 -5.61
C GLY B 65 35.91 -9.92 -5.35
N VAL B 66 36.35 -8.84 -6.01
CA VAL B 66 37.66 -8.28 -5.75
C VAL B 66 37.78 -7.87 -4.29
N LEU B 67 36.73 -7.26 -3.76
CA LEU B 67 36.72 -6.92 -2.33
C LEU B 67 36.49 -8.15 -1.47
N ALA B 68 35.91 -9.22 -2.05
CA ALA B 68 35.80 -10.48 -1.32
C ALA B 68 37.19 -11.02 -0.99
N TYR B 69 38.10 -10.97 -1.96
CA TYR B 69 39.49 -11.26 -1.70
C TYR B 69 40.20 -10.00 -1.20
N SER B 70 41.48 -10.17 -0.85
CA SER B 70 42.34 -9.13 -0.27
C SER B 70 41.89 -8.72 1.12
N CYS B 71 40.79 -9.25 1.63
CA CYS B 71 40.33 -9.04 3.00
C CYS B 71 40.09 -7.55 3.28
N MET B 72 39.16 -6.97 2.52
CA MET B 72 38.63 -5.63 2.76
C MET B 72 39.71 -4.54 2.76
N ASN B 73 40.71 -4.64 1.90
CA ASN B 73 41.74 -3.62 1.77
C ASN B 73 41.47 -2.81 0.51
N VAL B 74 41.11 -1.53 0.69
CA VAL B 74 40.69 -0.71 -0.45
C VAL B 74 41.88 -0.41 -1.36
N GLY B 75 43.02 -0.05 -0.78
CA GLY B 75 44.18 0.28 -1.61
C GLY B 75 44.67 -0.92 -2.41
N VAL B 76 44.63 -2.10 -1.80
CA VAL B 76 45.00 -3.31 -2.54
C VAL B 76 44.08 -3.52 -3.72
N SER B 77 42.77 -3.31 -3.54
CA SER B 77 41.83 -3.48 -4.64
C SER B 77 42.07 -2.47 -5.76
N LEU B 78 42.36 -1.22 -5.38
CA LEU B 78 42.66 -0.20 -6.40
C LEU B 78 43.90 -0.59 -7.20
N CYS B 79 44.95 -1.04 -6.51
CA CYS B 79 46.15 -1.50 -7.21
C CYS B 79 45.84 -2.72 -8.08
N VAL B 80 44.95 -3.60 -7.60
CA VAL B 80 44.61 -4.79 -8.35
C VAL B 80 43.94 -4.44 -9.67
N TRP B 81 42.97 -3.54 -9.66
CA TRP B 81 42.38 -3.13 -10.93
C TRP B 81 43.35 -2.32 -11.78
N ALA B 82 44.27 -1.58 -11.15
CA ALA B 82 45.30 -0.91 -11.95
C ALA B 82 46.13 -1.93 -12.74
N GLY B 83 46.61 -2.97 -12.06
CA GLY B 83 47.35 -4.01 -12.74
C GLY B 83 46.53 -4.75 -13.77
N CYS B 84 45.26 -5.02 -13.46
CA CYS B 84 44.38 -5.67 -14.43
C CYS B 84 44.20 -4.81 -15.67
N ALA B 85 44.04 -3.50 -15.48
CA ALA B 85 43.91 -2.60 -16.62
C ALA B 85 45.16 -2.62 -17.48
N ILE B 86 46.34 -2.61 -16.85
CA ILE B 86 47.58 -2.64 -17.64
C ILE B 86 47.69 -3.97 -18.39
N LEU B 87 47.39 -5.08 -17.73
CA LEU B 87 47.44 -6.39 -18.38
C LEU B 87 46.48 -6.44 -19.57
N ALA B 88 45.28 -5.88 -19.39
CA ALA B 88 44.32 -5.83 -20.49
C ALA B 88 44.79 -4.92 -21.61
N MET B 89 45.48 -3.82 -21.28
CA MET B 89 46.10 -2.99 -22.31
C MET B 89 47.01 -3.84 -23.19
N THR B 90 47.92 -4.58 -22.55
CA THR B 90 48.87 -5.38 -23.32
C THR B 90 48.18 -6.48 -24.12
N SER B 91 47.22 -7.17 -23.50
CA SER B 91 46.53 -8.25 -24.21
C SER B 91 45.72 -7.71 -25.37
N THR B 92 45.08 -6.56 -25.20
CA THR B 92 44.32 -5.94 -26.29
C THR B 92 45.24 -5.53 -27.43
N LEU B 93 46.41 -4.98 -27.10
CA LEU B 93 47.36 -4.61 -28.16
C LEU B 93 47.82 -5.85 -28.94
N CYS B 94 48.14 -6.93 -28.24
CA CYS B 94 48.54 -8.16 -28.93
C CYS B 94 47.40 -8.73 -29.76
N SER B 95 46.17 -8.68 -29.24
CA SER B 95 45.02 -9.17 -29.99
C SER B 95 44.78 -8.33 -31.24
N ALA B 96 44.97 -7.02 -31.13
CA ALA B 96 44.86 -6.15 -32.31
C ALA B 96 45.93 -6.48 -33.34
N GLU B 97 47.15 -6.77 -32.88
CA GLU B 97 48.21 -7.22 -33.77
C GLU B 97 47.78 -8.49 -34.52
N ILE B 98 47.27 -9.47 -33.79
CA ILE B 98 46.86 -10.72 -34.44
C ILE B 98 45.70 -10.48 -35.39
N SER B 99 44.78 -9.59 -35.03
CA SER B 99 43.62 -9.32 -35.87
C SER B 99 44.01 -8.61 -37.16
N ILE B 100 44.95 -7.66 -37.08
CA ILE B 100 45.41 -7.01 -38.30
C ILE B 100 46.32 -7.93 -39.11
N SER B 101 46.88 -8.97 -38.48
CA SER B 101 47.62 -9.97 -39.23
C SER B 101 46.77 -11.18 -39.63
N PHE B 102 45.54 -11.28 -39.12
CA PHE B 102 44.70 -12.44 -39.41
C PHE B 102 43.22 -12.08 -39.31
N PRO B 103 42.42 -12.43 -40.33
CA PRO B 103 41.04 -11.93 -40.41
C PRO B 103 40.13 -12.23 -39.22
N CYS B 104 39.88 -13.51 -38.91
CA CYS B 104 38.81 -13.87 -37.99
C CYS B 104 39.30 -14.94 -37.03
N SER B 105 38.36 -15.55 -36.28
CA SER B 105 38.73 -16.58 -35.31
C SER B 105 39.37 -17.77 -35.99
N GLY B 106 38.79 -18.22 -37.11
CA GLY B 106 39.45 -19.23 -37.91
C GLY B 106 40.83 -18.80 -38.37
N ALA B 107 41.07 -17.50 -38.49
CA ALA B 107 42.40 -17.01 -38.82
C ALA B 107 43.38 -17.09 -37.64
N GLN B 108 42.91 -16.94 -36.39
CA GLN B 108 43.79 -17.29 -35.28
C GLN B 108 44.05 -18.79 -35.23
N TYR B 109 43.06 -19.59 -35.63
CA TYR B 109 43.29 -21.04 -35.76
C TYR B 109 44.38 -21.31 -36.78
N TYR B 110 44.34 -20.60 -37.93
CA TYR B 110 45.36 -20.75 -38.95
C TYR B 110 46.71 -20.21 -38.50
N PHE B 111 46.71 -19.15 -37.67
CA PHE B 111 47.94 -18.66 -37.07
C PHE B 111 48.59 -19.74 -36.21
N LEU B 112 47.78 -20.41 -35.39
CA LEU B 112 48.27 -21.55 -34.61
C LEU B 112 48.80 -22.64 -35.53
N LYS B 113 48.11 -22.89 -36.65
CA LYS B 113 48.58 -23.87 -37.62
C LYS B 113 49.95 -23.48 -38.17
N ARG B 114 50.14 -22.18 -38.45
CA ARG B 114 51.40 -21.71 -39.00
C ARG B 114 52.54 -21.89 -37.99
N TYR B 115 52.31 -21.52 -36.74
CA TYR B 115 53.39 -21.50 -35.75
C TYR B 115 53.35 -22.65 -34.76
N PHE B 116 52.34 -23.53 -34.83
CA PHE B 116 52.30 -24.73 -34.02
C PHE B 116 51.61 -25.83 -34.82
N GLY B 117 51.51 -27.02 -34.22
CA GLY B 117 50.84 -28.12 -34.85
C GLY B 117 49.33 -27.96 -34.86
N SER B 118 48.68 -28.83 -35.65
CA SER B 118 47.22 -28.81 -35.72
C SER B 118 46.59 -29.20 -34.38
N THR B 119 47.30 -30.00 -33.58
CA THR B 119 46.78 -30.38 -32.27
C THR B 119 46.59 -29.15 -31.39
N VAL B 120 47.53 -28.21 -31.44
CA VAL B 120 47.44 -26.99 -30.65
C VAL B 120 46.20 -26.18 -31.04
N ALA B 121 45.97 -26.05 -32.35
CA ALA B 121 44.82 -25.28 -32.81
C ALA B 121 43.50 -25.97 -32.45
N PHE B 122 43.43 -27.29 -32.58
CA PHE B 122 42.22 -28.01 -32.18
C PHE B 122 41.96 -27.87 -30.69
N LEU B 123 43.03 -27.96 -29.89
CA LEU B 123 42.90 -27.74 -28.45
C LEU B 123 42.39 -26.34 -28.15
N ASN B 124 42.91 -25.33 -28.85
CA ASN B 124 42.39 -23.97 -28.68
C ASN B 124 40.91 -23.91 -29.01
N LEU B 125 40.50 -24.54 -30.11
CA LEU B 125 39.09 -24.51 -30.49
C LEU B 125 38.21 -25.07 -29.39
N TRP B 126 38.56 -26.26 -28.89
CA TRP B 126 37.65 -26.91 -27.95
C TRP B 126 37.70 -26.19 -26.59
N THR B 127 38.86 -25.63 -26.24
CA THR B 127 38.94 -24.83 -25.01
C THR B 127 38.12 -23.56 -25.12
N SER B 128 38.16 -22.89 -26.28
CA SER B 128 37.35 -21.70 -26.47
C SER B 128 35.86 -22.03 -26.43
N LEU B 129 35.51 -23.24 -26.85
CA LEU B 129 34.13 -23.71 -26.66
C LEU B 129 33.72 -23.65 -25.19
N PHE B 130 34.53 -24.25 -24.31
CA PHE B 130 34.24 -24.20 -22.88
C PHE B 130 34.28 -22.78 -22.34
N LEU B 131 35.18 -21.96 -22.85
CA LEU B 131 35.24 -20.55 -22.44
C LEU B 131 33.92 -19.85 -22.73
N GLY B 132 33.40 -20.00 -23.94
CA GLY B 132 32.13 -19.38 -24.29
C GLY B 132 30.98 -19.93 -23.47
N SER B 133 30.96 -21.25 -23.25
CA SER B 133 29.90 -21.84 -22.43
C SER B 133 29.92 -21.27 -21.02
N GLY B 134 31.10 -21.17 -20.42
CA GLY B 134 31.20 -20.61 -19.08
C GLY B 134 30.80 -19.15 -19.05
N VAL B 135 31.17 -18.39 -20.07
CA VAL B 135 30.82 -16.97 -20.11
C VAL B 135 29.32 -16.79 -20.17
N VAL B 136 28.65 -17.54 -21.05
CA VAL B 136 27.20 -17.38 -21.15
C VAL B 136 26.51 -17.88 -19.89
N ALA B 137 27.04 -18.93 -19.26
CA ALA B 137 26.47 -19.40 -18.00
C ALA B 137 26.60 -18.32 -16.91
N GLY B 138 27.77 -17.69 -16.82
CA GLY B 138 27.94 -16.63 -15.84
C GLY B 138 27.02 -15.45 -16.07
N GLN B 139 26.85 -15.06 -17.33
CA GLN B 139 25.93 -13.97 -17.64
C GLN B 139 24.50 -14.34 -17.27
N ALA B 140 24.10 -15.59 -17.54
CA ALA B 140 22.75 -16.02 -17.16
C ALA B 140 22.56 -15.98 -15.65
N LEU B 141 23.55 -16.47 -14.90
CA LEU B 141 23.49 -16.39 -13.44
C LEU B 141 23.35 -14.95 -12.97
N LEU B 142 24.18 -14.05 -13.52
CA LEU B 142 24.13 -12.66 -13.09
C LEU B 142 22.77 -12.04 -13.39
N LEU B 143 22.23 -12.29 -14.59
CA LEU B 143 20.93 -11.71 -14.95
C LEU B 143 19.83 -12.21 -14.04
N ALA B 144 19.72 -13.53 -13.87
CA ALA B 144 18.67 -14.08 -13.03
C ALA B 144 18.83 -13.63 -11.58
N GLU B 145 20.07 -13.56 -11.11
CA GLU B 145 20.34 -13.20 -9.73
C GLU B 145 19.97 -11.73 -9.46
N TYR B 146 20.33 -10.83 -10.37
CA TYR B 146 19.90 -9.45 -10.24
C TYR B 146 18.39 -9.31 -10.31
N SER B 147 17.75 -10.06 -11.21
CA SER B 147 16.29 -9.98 -11.30
C SER B 147 15.63 -10.48 -10.02
N ILE B 148 16.24 -11.46 -9.35
CA ILE B 148 15.55 -12.11 -8.26
C ILE B 148 15.86 -11.44 -6.91
N GLN B 149 16.96 -10.71 -6.80
CA GLN B 149 17.30 -10.03 -5.55
C GLN B 149 16.19 -9.15 -4.97
N PRO B 150 15.53 -8.27 -5.72
CA PRO B 150 14.66 -7.26 -5.06
C PRO B 150 13.56 -7.84 -4.19
N PHE B 151 13.10 -9.07 -4.46
CA PHE B 151 12.05 -9.65 -3.63
C PHE B 151 12.52 -9.90 -2.21
N PHE B 152 13.77 -10.37 -2.04
CA PHE B 152 14.33 -10.53 -0.71
C PHE B 152 14.99 -9.22 -0.30
N PRO B 153 14.41 -8.49 0.67
CA PRO B 153 14.88 -7.13 0.95
C PRO B 153 16.26 -7.06 1.57
N SER B 154 16.47 -7.77 2.68
CA SER B 154 17.71 -7.64 3.45
C SER B 154 18.21 -8.99 3.92
N CYS B 155 18.15 -10.00 3.05
CA CYS B 155 18.62 -11.34 3.39
C CYS B 155 19.24 -11.95 2.14
N SER B 156 19.64 -13.22 2.26
CA SER B 156 20.34 -13.93 1.19
C SER B 156 19.34 -14.70 0.34
N VAL B 157 19.46 -14.59 -0.97
CA VAL B 157 18.58 -15.30 -1.90
C VAL B 157 18.93 -16.78 -1.89
N PRO B 158 17.96 -17.68 -1.76
CA PRO B 158 18.25 -19.12 -1.85
C PRO B 158 18.80 -19.49 -3.22
N LYS B 159 19.65 -20.51 -3.24
CA LYS B 159 20.33 -20.91 -4.47
C LYS B 159 19.37 -21.55 -5.47
N LEU B 160 18.34 -22.25 -4.99
CA LEU B 160 17.45 -22.97 -5.90
C LEU B 160 16.69 -22.05 -6.85
N PRO B 161 15.99 -21.00 -6.40
CA PRO B 161 15.32 -20.13 -7.37
C PRO B 161 16.29 -19.43 -8.31
N LYS B 162 17.47 -19.06 -7.82
CA LYS B 162 18.47 -18.42 -8.67
C LYS B 162 18.90 -19.35 -9.79
N LYS B 163 19.21 -20.60 -9.45
CA LYS B 163 19.61 -21.57 -10.48
C LYS B 163 18.48 -21.85 -11.45
N CYS B 164 17.25 -21.98 -10.94
CA CYS B 164 16.11 -22.25 -11.82
C CYS B 164 15.88 -21.11 -12.81
N LEU B 165 15.93 -19.87 -12.31
CA LEU B 165 15.73 -18.71 -13.19
C LEU B 165 16.87 -18.58 -14.19
N ALA B 166 18.11 -18.86 -13.76
CA ALA B 166 19.23 -18.82 -14.69
C ALA B 166 19.06 -19.86 -15.80
N LEU B 167 18.64 -21.08 -15.43
CA LEU B 167 18.40 -22.11 -16.44
C LEU B 167 17.31 -21.69 -17.40
N ALA B 168 16.22 -21.12 -16.88
CA ALA B 168 15.11 -20.70 -17.72
C ALA B 168 15.55 -19.60 -18.70
N MET B 169 16.29 -18.60 -18.20
CA MET B 169 16.78 -17.53 -19.06
C MET B 169 17.73 -18.07 -20.13
N LEU B 170 18.65 -18.95 -19.74
CA LEU B 170 19.58 -19.52 -20.71
C LEU B 170 18.85 -20.31 -21.78
N TRP B 171 17.86 -21.11 -21.38
CA TRP B 171 17.10 -21.90 -22.34
C TRP B 171 16.29 -21.02 -23.29
N ILE B 172 15.65 -19.97 -22.77
CA ILE B 172 14.84 -19.12 -23.63
C ILE B 172 15.74 -18.34 -24.59
N VAL B 173 16.92 -17.92 -24.13
CA VAL B 173 17.86 -17.25 -25.04
C VAL B 173 18.33 -18.22 -26.11
N GLY B 174 18.64 -19.46 -25.74
CA GLY B 174 19.08 -20.43 -26.71
C GLY B 174 18.03 -20.73 -27.75
N ILE B 175 16.77 -20.88 -27.34
CA ILE B 175 15.71 -21.15 -28.29
C ILE B 175 15.31 -19.91 -29.09
N LEU B 176 15.61 -18.71 -28.59
CA LEU B 176 15.39 -17.52 -29.38
C LEU B 176 16.46 -17.32 -30.44
N THR B 177 17.71 -17.67 -30.12
CA THR B 177 18.80 -17.49 -31.07
C THR B 177 18.59 -18.36 -32.31
N SER B 178 18.36 -19.64 -32.12
CA SER B 178 18.02 -20.52 -33.22
C SER B 178 16.54 -20.36 -33.58
N ARG B 179 16.23 -20.60 -34.86
CA ARG B 179 14.86 -20.50 -35.36
C ARG B 179 14.27 -19.12 -35.08
N GLY B 180 14.94 -18.09 -35.58
CA GLY B 180 14.43 -16.74 -35.42
C GLY B 180 15.45 -15.63 -35.37
N VAL B 181 15.36 -14.82 -34.31
CA VAL B 181 16.12 -13.56 -34.25
C VAL B 181 17.61 -13.85 -34.12
N LYS B 182 18.40 -13.14 -34.92
CA LYS B 182 19.85 -13.13 -34.79
C LYS B 182 20.39 -11.88 -34.12
N GLU B 183 19.70 -10.75 -34.26
CA GLU B 183 20.13 -9.48 -33.69
C GLU B 183 18.99 -8.48 -33.81
N VAL B 184 18.84 -7.64 -32.78
CA VAL B 184 17.85 -6.57 -32.76
C VAL B 184 18.58 -5.26 -32.51
N THR B 185 18.48 -4.34 -33.46
CA THR B 185 19.22 -3.08 -33.36
C THR B 185 18.60 -2.14 -32.34
N TRP B 186 17.27 -2.03 -32.32
CA TRP B 186 16.61 -1.10 -31.41
C TRP B 186 16.86 -1.47 -29.96
N LEU B 187 16.71 -2.75 -29.63
CA LEU B 187 16.88 -3.20 -28.25
C LEU B 187 18.33 -3.04 -27.80
N GLN B 188 19.29 -3.35 -28.68
CA GLN B 188 20.69 -3.19 -28.29
C GLN B 188 21.08 -1.73 -28.15
N ILE B 189 20.54 -0.85 -28.99
CA ILE B 189 20.80 0.58 -28.84
C ILE B 189 20.23 1.08 -27.52
N ALA B 190 18.99 0.68 -27.20
CA ALA B 190 18.38 1.09 -25.94
C ALA B 190 19.18 0.57 -24.75
N SER B 191 19.65 -0.67 -24.83
CA SER B 191 20.44 -1.24 -23.73
C SER B 191 21.74 -0.49 -23.55
N SER B 192 22.42 -0.16 -24.66
CA SER B 192 23.67 0.60 -24.55
C SER B 192 23.42 1.96 -23.93
N VAL B 193 22.35 2.64 -24.36
CA VAL B 193 22.04 3.96 -23.80
C VAL B 193 21.74 3.84 -22.31
N LEU B 194 20.96 2.83 -21.92
CA LEU B 194 20.63 2.66 -20.51
C LEU B 194 21.88 2.37 -19.68
N LYS B 195 22.76 1.51 -20.20
CA LYS B 195 23.97 1.16 -19.46
C LYS B 195 24.89 2.37 -19.28
N VAL B 196 25.11 3.13 -20.35
CA VAL B 196 25.98 4.30 -20.21
C VAL B 196 25.34 5.34 -19.32
N SER B 197 24.01 5.49 -19.36
CA SER B 197 23.34 6.44 -18.49
C SER B 197 23.47 6.04 -17.03
N ILE B 198 23.31 4.76 -16.72
CA ILE B 198 23.43 4.30 -15.33
C ILE B 198 24.85 4.50 -14.84
N LEU B 199 25.84 4.16 -15.68
CA LEU B 199 27.24 4.35 -15.28
C LEU B 199 27.55 5.81 -15.04
N SER B 200 27.08 6.70 -15.93
CA SER B 200 27.32 8.13 -15.78
C SER B 200 26.64 8.66 -14.52
N PHE B 201 25.43 8.20 -14.24
CA PHE B 201 24.72 8.65 -13.05
C PHE B 201 25.46 8.24 -11.79
N ILE B 202 25.91 6.98 -11.73
CA ILE B 202 26.66 6.51 -10.56
C ILE B 202 27.93 7.33 -10.39
N SER B 203 28.65 7.55 -11.49
CA SER B 203 29.90 8.30 -11.43
C SER B 203 29.65 9.73 -10.95
N LEU B 204 28.63 10.39 -11.49
CA LEU B 204 28.34 11.78 -11.09
C LEU B 204 27.94 11.85 -9.63
N THR B 205 27.11 10.92 -9.16
CA THR B 205 26.72 10.93 -7.75
C THR B 205 27.92 10.71 -6.84
N GLY B 206 28.80 9.78 -7.20
CA GLY B 206 30.01 9.56 -6.42
C GLY B 206 30.89 10.79 -6.38
N VAL B 207 31.06 11.46 -7.54
CA VAL B 207 31.88 12.66 -7.60
C VAL B 207 31.29 13.75 -6.72
N VAL B 208 29.97 13.94 -6.79
CA VAL B 208 29.33 14.98 -5.98
C VAL B 208 29.50 14.69 -4.50
N PHE B 209 29.29 13.44 -4.09
CA PHE B 209 29.42 13.09 -2.68
C PHE B 209 30.86 13.24 -2.20
N LEU B 210 31.83 12.90 -3.04
CA LEU B 210 33.23 13.11 -2.68
C LEU B 210 33.56 14.59 -2.57
N ILE B 211 33.01 15.41 -3.47
CA ILE B 211 33.30 16.84 -3.46
C ILE B 211 32.69 17.51 -2.22
N ARG B 212 31.51 17.06 -1.81
CA ARG B 212 30.84 17.70 -0.66
C ARG B 212 31.68 17.63 0.60
N GLY B 213 32.60 16.68 0.70
CA GLY B 213 33.57 16.68 1.78
C GLY B 213 33.04 16.28 3.14
N LYS B 214 31.94 15.54 3.19
CA LYS B 214 31.45 15.03 4.48
C LYS B 214 32.42 14.01 5.05
N LYS B 215 32.61 14.06 6.37
CA LYS B 215 33.56 13.17 7.02
C LYS B 215 33.16 11.71 6.87
N GLU B 216 31.88 11.40 7.01
CA GLU B 216 31.42 10.03 6.94
C GLU B 216 31.56 9.42 5.54
N ASN B 217 31.82 10.24 4.53
CA ASN B 217 31.95 9.76 3.16
C ASN B 217 33.40 9.67 2.68
N VAL B 218 34.34 10.30 3.38
CA VAL B 218 35.70 10.43 2.87
C VAL B 218 36.68 9.76 3.82
N GLU B 219 36.26 9.58 5.08
CA GLU B 219 37.18 9.08 6.11
C GLU B 219 37.71 7.69 5.77
N ARG B 220 36.94 6.90 5.02
CA ARG B 220 37.41 5.56 4.65
C ARG B 220 38.56 5.64 3.65
N PHE B 221 38.55 6.62 2.76
CA PHE B 221 39.66 6.79 1.82
C PHE B 221 40.94 7.16 2.55
N GLN B 222 40.85 8.06 3.53
CA GLN B 222 42.01 8.36 4.34
C GLN B 222 42.34 7.16 5.24
N ASN B 223 43.57 7.17 5.76
CA ASN B 223 44.14 6.09 6.58
C ASN B 223 43.77 4.71 6.02
N ALA B 224 44.12 4.49 4.75
CA ALA B 224 43.89 3.20 4.12
C ALA B 224 45.06 2.26 4.45
N PHE B 225 45.03 1.06 3.85
CA PHE B 225 46.08 0.04 3.91
C PHE B 225 46.32 -0.52 5.31
N ASP B 226 45.53 -0.13 6.32
CA ASP B 226 45.73 -0.68 7.66
C ASP B 226 45.21 -2.11 7.81
N ALA B 227 44.41 -2.59 6.85
CA ALA B 227 43.96 -3.97 6.91
C ALA B 227 45.12 -4.91 6.66
N GLU B 228 44.95 -6.16 7.11
CA GLU B 228 46.03 -7.13 7.04
C GLU B 228 46.32 -7.50 5.58
N LEU B 229 47.58 -7.83 5.32
CA LEU B 229 48.02 -8.16 3.98
C LEU B 229 47.66 -9.60 3.66
N PRO B 230 46.91 -9.87 2.59
CA PRO B 230 46.50 -11.23 2.29
C PRO B 230 47.62 -12.03 1.62
N ASP B 231 47.33 -13.30 1.36
CA ASP B 231 48.27 -14.17 0.68
C ASP B 231 48.20 -13.95 -0.84
N ILE B 232 49.17 -14.52 -1.54
CA ILE B 232 49.30 -14.30 -2.98
C ILE B 232 48.12 -14.91 -3.74
N SER B 233 47.54 -15.98 -3.20
CA SER B 233 46.39 -16.61 -3.87
C SER B 233 45.21 -15.65 -3.95
N HIS B 234 44.96 -14.89 -2.87
CA HIS B 234 43.89 -13.90 -2.89
C HIS B 234 44.20 -12.79 -3.89
N LEU B 235 45.47 -12.39 -4.00
CA LEU B 235 45.85 -11.42 -5.02
C LEU B 235 45.54 -11.94 -6.42
N ILE B 236 45.84 -13.21 -6.67
CA ILE B 236 45.59 -13.79 -7.99
C ILE B 236 44.08 -13.85 -8.26
N GLN B 237 43.30 -14.24 -7.26
CA GLN B 237 41.85 -14.27 -7.43
C GLN B 237 41.29 -12.88 -7.71
N ALA B 238 41.78 -11.86 -6.99
CA ALA B 238 41.34 -10.50 -7.24
C ALA B 238 41.74 -10.05 -8.63
N ILE B 239 42.94 -10.45 -9.10
CA ILE B 239 43.35 -10.13 -10.45
C ILE B 239 42.42 -10.77 -11.46
N PHE B 240 42.02 -12.03 -11.23
CA PHE B 240 41.08 -12.69 -12.12
C PHE B 240 39.76 -11.95 -12.20
N GLN B 241 39.22 -11.57 -11.03
CA GLN B 241 37.94 -10.85 -11.02
C GLN B 241 38.05 -9.50 -11.71
N GLY B 242 39.14 -8.76 -11.45
CA GLY B 242 39.32 -7.46 -12.10
C GLY B 242 39.49 -7.57 -13.59
N TYR B 243 40.22 -8.59 -14.05
CA TYR B 243 40.37 -8.80 -15.48
C TYR B 243 39.03 -9.16 -16.12
N PHE B 244 38.22 -9.96 -15.42
CA PHE B 244 36.88 -10.24 -15.90
C PHE B 244 36.05 -8.96 -16.00
N ALA B 245 36.18 -8.08 -15.01
CA ALA B 245 35.47 -6.82 -15.04
C ALA B 245 35.88 -5.96 -16.24
N TYR B 246 37.18 -5.80 -16.45
CA TYR B 246 37.65 -4.79 -17.38
C TYR B 246 37.72 -5.31 -18.81
N SER B 247 38.30 -6.50 -19.00
CA SER B 247 38.30 -7.13 -20.32
C SER B 247 36.95 -7.70 -20.71
N GLY B 248 35.99 -7.75 -19.79
CA GLY B 248 34.66 -8.24 -20.09
C GLY B 248 33.99 -7.44 -21.19
N GLY B 249 33.72 -8.08 -22.32
CA GLY B 249 33.20 -7.40 -23.48
C GLY B 249 34.26 -6.84 -24.41
N ALA B 250 35.53 -6.88 -24.02
CA ALA B 250 36.63 -6.42 -24.86
C ALA B 250 37.17 -7.56 -25.72
N CYS B 251 36.27 -8.21 -26.44
CA CYS B 251 36.61 -9.31 -27.35
C CYS B 251 36.40 -8.87 -28.80
N PHE B 252 36.78 -7.63 -29.11
CA PHE B 252 36.56 -7.04 -30.41
C PHE B 252 37.65 -7.40 -31.42
N THR B 253 38.37 -8.50 -31.19
CA THR B 253 39.43 -8.92 -32.11
C THR B 253 38.88 -9.07 -33.53
N LEU B 254 37.77 -9.81 -33.66
CA LEU B 254 37.11 -9.91 -34.97
C LEU B 254 36.63 -8.53 -35.42
N ILE B 255 36.08 -7.74 -34.50
CA ILE B 255 35.63 -6.39 -34.84
C ILE B 255 36.82 -5.53 -35.27
N ALA B 256 37.93 -5.62 -34.54
CA ALA B 256 39.12 -4.89 -34.92
C ALA B 256 39.71 -5.38 -36.24
N GLY B 257 39.36 -6.59 -36.67
CA GLY B 257 39.88 -7.12 -37.92
C GLY B 257 39.34 -6.44 -39.17
N GLU B 258 38.22 -5.73 -39.06
CA GLU B 258 37.61 -5.05 -40.21
C GLU B 258 37.94 -3.56 -40.26
N LEU B 259 38.89 -3.10 -39.44
CA LEU B 259 39.25 -1.69 -39.47
C LEU B 259 40.05 -1.37 -40.75
N LYS B 260 40.20 -0.08 -41.01
CA LYS B 260 40.75 0.37 -42.29
C LYS B 260 42.01 1.23 -42.14
N LYS B 261 42.56 1.36 -40.94
CA LYS B 261 43.77 2.15 -40.69
C LYS B 261 44.77 1.33 -39.89
N PRO B 262 45.40 0.34 -40.52
CA PRO B 262 46.38 -0.49 -39.79
C PRO B 262 47.61 0.32 -39.43
N ARG B 263 48.01 0.23 -38.15
CA ARG B 263 49.17 0.92 -37.60
C ARG B 263 49.08 2.43 -37.78
N THR B 264 47.88 2.97 -38.01
CA THR B 264 47.67 4.40 -38.17
C THR B 264 46.87 5.01 -37.03
N THR B 265 45.71 4.42 -36.70
CA THR B 265 44.87 4.92 -35.61
C THR B 265 44.48 3.85 -34.59
N ILE B 266 44.65 2.56 -34.89
CA ILE B 266 44.22 1.52 -33.95
C ILE B 266 44.96 1.61 -32.62
N PRO B 267 46.29 1.70 -32.58
CA PRO B 267 46.94 1.97 -31.28
C PRO B 267 46.50 3.29 -30.67
N LYS B 268 46.30 4.31 -31.51
CA LYS B 268 45.79 5.59 -31.01
C LYS B 268 44.37 5.46 -30.51
N CYS B 269 43.54 4.68 -31.21
CA CYS B 269 42.17 4.46 -30.75
C CYS B 269 42.15 3.75 -29.40
N ILE B 270 43.01 2.74 -29.22
CA ILE B 270 43.10 2.06 -27.93
C ILE B 270 43.57 3.02 -26.85
N PHE B 271 44.61 3.80 -27.14
CA PHE B 271 45.14 4.77 -26.18
C PHE B 271 44.13 5.84 -25.82
N THR B 272 43.18 6.14 -26.71
CA THR B 272 42.15 7.13 -26.41
C THR B 272 40.93 6.52 -25.73
N ALA B 273 40.67 5.24 -25.91
CA ALA B 273 39.46 4.61 -25.38
C ALA B 273 39.68 3.88 -24.05
N LEU B 274 40.67 3.00 -23.97
CA LEU B 274 40.79 2.11 -22.82
C LEU B 274 41.02 2.84 -21.50
N PRO B 275 41.93 3.83 -21.40
CA PRO B 275 42.08 4.53 -20.11
C PRO B 275 40.81 5.23 -19.65
N LEU B 276 39.94 5.62 -20.58
CA LEU B 276 38.68 6.25 -20.19
C LEU B 276 37.81 5.29 -19.37
N VAL B 277 37.61 4.08 -19.88
CA VAL B 277 36.81 3.10 -19.13
C VAL B 277 37.56 2.65 -17.89
N THR B 278 38.90 2.65 -17.91
CA THR B 278 39.65 2.38 -16.69
C THR B 278 39.30 3.39 -15.60
N VAL B 279 39.32 4.67 -15.94
CA VAL B 279 38.99 5.72 -14.98
C VAL B 279 37.54 5.60 -14.54
N VAL B 280 36.65 5.25 -15.47
CA VAL B 280 35.24 5.08 -15.11
C VAL B 280 35.09 3.98 -14.06
N TYR B 281 35.75 2.84 -14.27
CA TYR B 281 35.66 1.73 -13.33
C TYR B 281 36.24 2.11 -11.97
N LEU B 282 37.39 2.80 -11.98
CA LEU B 282 38.02 3.19 -10.72
C LEU B 282 37.13 4.16 -9.94
N LEU B 283 36.51 5.11 -10.63
CA LEU B 283 35.65 6.07 -9.95
C LEU B 283 34.35 5.41 -9.49
N VAL B 284 33.90 4.38 -10.21
CA VAL B 284 32.77 3.58 -9.73
C VAL B 284 33.13 2.92 -8.40
N ASN B 285 34.33 2.37 -8.30
CA ASN B 285 34.77 1.84 -7.00
C ASN B 285 34.79 2.95 -5.96
N ILE B 286 35.25 4.13 -6.36
CA ILE B 286 35.28 5.26 -5.43
C ILE B 286 33.88 5.52 -4.89
N SER B 287 32.88 5.55 -5.77
CA SER B 287 31.52 5.85 -5.33
C SER B 287 30.97 4.76 -4.42
N TYR B 288 31.17 3.49 -4.80
CA TYR B 288 30.68 2.38 -3.98
C TYR B 288 31.29 2.40 -2.59
N LEU B 289 32.60 2.61 -2.50
CA LEU B 289 33.25 2.66 -1.19
C LEU B 289 32.91 3.94 -0.44
N THR B 290 32.52 4.99 -1.17
CA THR B 290 32.11 6.23 -0.53
C THR B 290 30.81 6.06 0.23
N VAL B 291 29.81 5.46 -0.40
CA VAL B 291 28.48 5.41 0.20
C VAL B 291 28.14 4.02 0.73
N LEU B 292 29.07 3.07 0.69
CA LEU B 292 28.86 1.78 1.34
C LEU B 292 30.13 1.35 2.05
N THR B 293 29.96 0.55 3.13
CA THR B 293 31.07 -0.06 3.85
C THR B 293 31.47 -1.37 3.17
N PRO B 294 32.75 -1.77 3.32
CA PRO B 294 33.17 -3.05 2.73
C PRO B 294 32.40 -4.26 3.24
N ARG B 295 31.97 -4.23 4.51
CA ARG B 295 31.24 -5.37 5.06
C ARG B 295 29.94 -5.61 4.31
N GLU B 296 29.15 -4.55 4.10
CA GLU B 296 27.88 -4.74 3.41
C GLU B 296 28.08 -4.97 1.91
N ILE B 297 29.13 -4.40 1.32
CA ILE B 297 29.42 -4.67 -0.08
C ILE B 297 29.74 -6.15 -0.27
N LEU B 298 30.57 -6.72 0.59
CA LEU B 298 30.87 -8.14 0.53
C LEU B 298 29.65 -9.00 0.83
N SER B 299 28.86 -8.62 1.84
CA SER B 299 27.70 -9.43 2.21
C SER B 299 26.58 -9.31 1.19
N SER B 300 26.52 -8.18 0.48
CA SER B 300 25.46 -7.96 -0.50
C SER B 300 25.80 -8.66 -1.80
N ASP B 301 24.75 -8.99 -2.54
CA ASP B 301 24.92 -9.67 -3.82
C ASP B 301 24.85 -8.69 -4.98
N ALA B 302 23.85 -7.80 -4.98
CA ALA B 302 23.70 -6.79 -6.02
C ALA B 302 24.26 -5.48 -5.48
N VAL B 303 25.47 -5.12 -5.94
CA VAL B 303 26.11 -3.89 -5.48
C VAL B 303 25.31 -2.67 -5.90
N ALA B 304 24.85 -2.64 -7.15
CA ALA B 304 24.12 -1.47 -7.64
C ALA B 304 22.80 -1.29 -6.90
N ILE B 305 22.10 -2.40 -6.63
CA ILE B 305 20.79 -2.31 -5.99
C ILE B 305 20.91 -1.73 -4.59
N THR B 306 21.85 -2.26 -3.79
CA THR B 306 22.04 -1.72 -2.44
C THR B 306 22.61 -0.31 -2.48
N TRP B 307 23.45 -0.02 -3.47
CA TRP B 307 23.96 1.34 -3.64
C TRP B 307 22.81 2.32 -3.83
N ALA B 308 21.86 1.98 -4.70
CA ALA B 308 20.71 2.84 -4.92
C ALA B 308 19.78 2.86 -3.69
N ASP B 309 19.66 1.74 -3.00
CA ASP B 309 18.85 1.68 -1.79
C ASP B 309 19.35 2.67 -0.75
N ARG B 310 20.65 2.66 -0.48
CA ARG B 310 21.20 3.54 0.54
C ARG B 310 21.31 4.99 0.05
N ALA B 311 21.60 5.18 -1.24
CA ALA B 311 21.77 6.53 -1.76
C ALA B 311 20.44 7.22 -2.01
N PHE B 312 19.62 6.65 -2.89
CA PHE B 312 18.33 7.24 -3.28
C PHE B 312 17.22 6.23 -3.05
N PRO B 313 16.59 6.24 -1.88
CA PRO B 313 15.48 5.31 -1.64
C PRO B 313 14.22 5.71 -2.37
N SER B 314 14.34 5.96 -3.68
CA SER B 314 13.20 6.28 -4.53
C SER B 314 13.34 5.61 -5.90
N LEU B 315 14.05 4.49 -5.96
CA LEU B 315 14.33 3.85 -7.24
C LEU B 315 13.08 3.20 -7.82
N ALA B 316 12.13 2.77 -6.98
CA ALA B 316 10.83 2.27 -7.43
C ALA B 316 10.97 1.15 -8.45
N TRP B 317 11.90 0.23 -8.18
CA TRP B 317 12.17 -0.95 -8.99
C TRP B 317 12.66 -0.64 -10.40
N ILE B 318 12.98 0.62 -10.68
CA ILE B 318 13.45 0.99 -12.02
C ILE B 318 14.84 0.44 -12.27
N MET B 319 15.74 0.57 -11.29
CA MET B 319 17.11 0.11 -11.46
C MET B 319 17.20 -1.39 -11.73
N PRO B 320 16.56 -2.28 -10.95
CA PRO B 320 16.64 -3.71 -11.30
C PRO B 320 16.10 -4.03 -12.68
N PHE B 321 15.01 -3.37 -13.09
CA PHE B 321 14.45 -3.64 -14.41
C PHE B 321 15.41 -3.21 -15.52
N ALA B 322 15.99 -2.02 -15.38
CA ALA B 322 16.93 -1.52 -16.39
C ALA B 322 18.15 -2.43 -16.48
N ILE B 323 18.71 -2.81 -15.34
CA ILE B 323 19.89 -3.65 -15.35
C ILE B 323 19.56 -5.03 -15.92
N SER B 324 18.38 -5.55 -15.61
CA SER B 324 17.96 -6.85 -16.14
C SER B 324 17.82 -6.80 -17.66
N THR B 325 17.22 -5.72 -18.18
CA THR B 325 17.09 -5.59 -19.63
C THR B 325 18.47 -5.50 -20.28
N SER B 326 19.38 -4.72 -19.69
CA SER B 326 20.73 -4.62 -20.23
C SER B 326 21.43 -5.97 -20.23
N LEU B 327 21.29 -6.73 -19.14
CA LEU B 327 21.93 -8.03 -19.05
C LEU B 327 21.32 -9.03 -20.04
N PHE B 328 20.01 -8.95 -20.27
CA PHE B 328 19.39 -9.81 -21.26
C PHE B 328 19.90 -9.50 -22.66
N SER B 329 20.03 -8.21 -22.99
CA SER B 329 20.59 -7.82 -24.27
C SER B 329 22.03 -8.33 -24.41
N ASN B 330 22.83 -8.18 -23.36
CA ASN B 330 24.19 -8.68 -23.40
C ASN B 330 24.23 -10.19 -23.54
N LEU B 331 23.29 -10.90 -22.92
CA LEU B 331 23.23 -12.34 -23.06
C LEU B 331 22.96 -12.73 -24.51
N LEU B 332 22.01 -12.05 -25.16
CA LEU B 332 21.71 -12.35 -26.56
C LEU B 332 22.92 -12.07 -27.44
N ILE B 333 23.57 -10.91 -27.24
CA ILE B 333 24.73 -10.57 -28.05
C ILE B 333 25.86 -11.57 -27.84
N SER B 334 26.10 -11.95 -26.58
CA SER B 334 27.17 -12.88 -26.26
C SER B 334 26.91 -14.27 -26.84
N ILE B 335 25.67 -14.75 -26.76
CA ILE B 335 25.39 -16.08 -27.28
C ILE B 335 25.53 -16.09 -28.80
N PHE B 336 25.11 -15.02 -29.48
CA PHE B 336 25.31 -14.96 -30.92
C PHE B 336 26.80 -14.91 -31.26
N LYS B 337 27.56 -14.07 -30.55
CA LYS B 337 28.97 -13.90 -30.85
C LYS B 337 29.78 -15.14 -30.50
N SER B 338 29.27 -15.98 -29.59
CA SER B 338 29.93 -17.24 -29.29
C SER B 338 29.50 -18.35 -30.23
N SER B 339 28.28 -18.28 -30.77
CA SER B 339 27.83 -19.27 -31.73
C SER B 339 28.52 -19.08 -33.09
N ARG B 340 28.83 -17.83 -33.44
CA ARG B 340 29.45 -17.58 -34.74
C ARG B 340 30.76 -18.33 -34.96
N PRO B 341 31.76 -18.27 -34.08
CA PRO B 341 33.04 -18.92 -34.38
C PRO B 341 32.95 -20.43 -34.53
N ILE B 342 32.03 -21.08 -33.80
CA ILE B 342 31.90 -22.54 -33.90
C ILE B 342 31.51 -22.94 -35.31
N TYR B 343 30.49 -22.27 -35.87
CA TYR B 343 30.10 -22.55 -37.25
C TYR B 343 31.15 -22.08 -38.24
N LEU B 344 31.84 -20.98 -37.93
CA LEU B 344 32.86 -20.46 -38.84
C LEU B 344 33.99 -21.46 -39.00
N ALA B 345 34.43 -22.07 -37.91
CA ALA B 345 35.53 -23.03 -37.94
C ALA B 345 35.06 -24.47 -38.15
N SER B 346 33.74 -24.72 -38.14
CA SER B 346 33.24 -26.08 -38.31
C SER B 346 33.42 -26.58 -39.74
N GLN B 347 33.61 -25.70 -40.71
CA GLN B 347 33.70 -26.12 -42.11
C GLN B 347 35.02 -26.79 -42.46
N GLU B 348 36.02 -26.73 -41.58
CA GLU B 348 37.32 -27.33 -41.86
C GLU B 348 37.92 -27.92 -40.59
N GLY B 349 38.57 -29.07 -40.74
CA GLY B 349 39.32 -29.68 -39.65
C GLY B 349 38.50 -29.98 -38.41
N GLN B 350 37.28 -30.49 -38.58
CA GLN B 350 36.39 -30.77 -37.46
C GLN B 350 35.82 -32.17 -37.59
N LEU B 351 35.94 -32.95 -36.52
CA LEU B 351 35.23 -34.23 -36.45
C LEU B 351 33.72 -34.04 -36.55
N PRO B 352 33.08 -33.11 -35.81
CA PRO B 352 31.64 -32.93 -35.98
C PRO B 352 31.31 -32.22 -37.29
N LEU B 353 31.30 -32.97 -38.40
CA LEU B 353 30.84 -32.41 -39.66
C LEU B 353 29.38 -32.03 -39.60
N LEU B 354 28.64 -32.57 -38.62
CA LEU B 354 27.26 -32.15 -38.39
C LEU B 354 27.18 -30.69 -37.94
N PHE B 355 28.27 -30.13 -37.42
CA PHE B 355 28.24 -28.74 -36.96
C PHE B 355 28.08 -27.77 -38.12
N ASN B 356 28.72 -28.04 -39.25
CA ASN B 356 28.61 -27.18 -40.44
C ASN B 356 27.30 -27.44 -41.18
N THR B 357 26.19 -27.20 -40.47
CA THR B 357 24.86 -27.46 -40.99
C THR B 357 23.94 -26.28 -40.63
N LEU B 358 23.84 -25.32 -41.53
CA LEU B 358 22.88 -24.24 -41.35
C LEU B 358 21.48 -24.77 -41.60
N ASN B 359 20.55 -24.47 -40.69
CA ASN B 359 19.23 -25.07 -40.73
C ASN B 359 18.20 -24.06 -40.26
N SER B 360 16.93 -24.47 -40.29
CA SER B 360 15.79 -23.68 -39.85
C SER B 360 15.78 -22.38 -40.65
N HIS B 361 15.59 -21.21 -40.04
CA HIS B 361 15.63 -19.93 -40.75
C HIS B 361 17.08 -19.47 -40.94
N SER B 362 17.85 -20.34 -41.58
CA SER B 362 19.28 -20.12 -41.83
C SER B 362 20.02 -19.85 -40.51
N SER B 363 19.87 -20.77 -39.55
CA SER B 363 20.48 -20.62 -38.25
C SER B 363 21.22 -21.90 -37.86
N PRO B 364 22.39 -21.77 -37.25
CA PRO B 364 23.08 -22.97 -36.71
C PRO B 364 22.24 -23.59 -35.59
N PHE B 365 22.29 -24.92 -35.52
CA PHE B 365 21.51 -25.66 -34.54
C PHE B 365 22.38 -26.45 -33.57
N THR B 366 23.32 -27.25 -34.08
CA THR B 366 24.11 -28.12 -33.21
C THR B 366 24.97 -27.30 -32.24
N ALA B 367 25.60 -26.24 -32.73
CA ALA B 367 26.44 -25.41 -31.87
C ALA B 367 25.61 -24.75 -30.77
N VAL B 368 24.42 -24.25 -31.11
CA VAL B 368 23.56 -23.61 -30.12
C VAL B 368 23.14 -24.63 -29.07
N LEU B 369 22.73 -25.83 -29.49
CA LEU B 369 22.31 -26.85 -28.54
C LEU B 369 23.45 -27.26 -27.63
N LEU B 370 24.65 -27.44 -28.19
CA LEU B 370 25.79 -27.80 -27.36
C LEU B 370 26.13 -26.70 -26.36
N LEU B 371 26.08 -25.45 -26.79
CA LEU B 371 26.33 -24.34 -25.87
C LEU B 371 25.29 -24.30 -24.76
N VAL B 372 24.02 -24.55 -25.09
CA VAL B 372 22.98 -24.56 -24.07
C VAL B 372 23.22 -25.69 -23.08
N THR B 373 23.59 -26.88 -23.56
CA THR B 373 23.84 -28.00 -22.65
C THR B 373 25.01 -27.71 -21.72
N LEU B 374 26.12 -27.23 -22.27
CA LEU B 374 27.28 -26.94 -21.43
C LEU B 374 26.98 -25.82 -20.44
N GLY B 375 26.24 -24.80 -20.87
CA GLY B 375 25.86 -23.74 -19.96
C GLY B 375 24.96 -24.24 -18.84
N SER B 376 24.03 -25.13 -19.16
CA SER B 376 23.16 -25.70 -18.13
C SER B 376 23.97 -26.51 -17.12
N LEU B 377 24.91 -27.31 -17.61
CA LEU B 377 25.78 -28.06 -16.70
C LEU B 377 26.59 -27.12 -15.81
N ALA B 378 27.13 -26.05 -16.39
CA ALA B 378 27.89 -25.09 -15.59
C ALA B 378 27.01 -24.42 -14.54
N ILE B 379 25.76 -24.09 -14.91
CA ILE B 379 24.84 -23.48 -13.96
C ILE B 379 24.57 -24.44 -12.80
N ILE B 380 24.31 -25.70 -13.13
CA ILE B 380 23.90 -26.66 -12.10
C ILE B 380 25.06 -26.99 -11.16
N LEU B 381 26.24 -27.26 -11.71
CA LEU B 381 27.30 -27.90 -10.95
C LEU B 381 28.13 -26.96 -10.08
N THR B 382 28.02 -25.64 -10.26
CA THR B 382 28.93 -24.74 -9.54
C THR B 382 28.32 -23.35 -9.44
N SER B 383 29.02 -22.51 -8.68
CA SER B 383 28.61 -21.13 -8.42
C SER B 383 29.22 -20.19 -9.45
N LEU B 384 29.17 -18.88 -9.17
CA LEU B 384 29.55 -17.87 -10.14
C LEU B 384 31.03 -17.46 -10.05
N ILE B 385 31.51 -17.17 -8.84
CA ILE B 385 32.86 -16.63 -8.69
C ILE B 385 33.91 -17.64 -9.14
N ASP B 386 33.78 -18.89 -8.67
CA ASP B 386 34.73 -19.92 -9.09
C ASP B 386 34.67 -20.17 -10.59
N LEU B 387 33.49 -19.99 -11.20
CA LEU B 387 33.40 -20.05 -12.65
C LEU B 387 34.30 -19.02 -13.30
N ILE B 388 34.25 -17.78 -12.80
CA ILE B 388 35.11 -16.73 -13.32
C ILE B 388 36.57 -17.10 -13.13
N ASN B 389 36.91 -17.61 -11.95
CA ASN B 389 38.30 -17.98 -11.66
C ASN B 389 38.80 -19.03 -12.66
N TYR B 390 38.05 -20.12 -12.83
CA TYR B 390 38.47 -21.15 -13.77
C TYR B 390 38.53 -20.62 -15.21
N ILE B 391 37.51 -19.84 -15.60
CA ILE B 391 37.43 -19.33 -16.96
C ILE B 391 38.65 -18.51 -17.30
N PHE B 392 39.00 -17.55 -16.44
CA PHE B 392 40.11 -16.68 -16.80
C PHE B 392 41.47 -17.27 -16.42
N PHE B 393 41.51 -18.28 -15.55
CA PHE B 393 42.72 -19.08 -15.43
C PHE B 393 43.04 -19.77 -16.74
N THR B 394 42.03 -20.40 -17.35
CA THR B 394 42.24 -21.01 -18.66
C THR B 394 42.57 -19.96 -19.72
N GLY B 395 41.92 -18.80 -19.63
CA GLY B 395 42.20 -17.75 -20.60
C GLY B 395 43.64 -17.27 -20.53
N SER B 396 44.16 -17.06 -19.31
CA SER B 396 45.56 -16.68 -19.16
C SER B 396 46.49 -17.82 -19.59
N LEU B 397 46.11 -19.06 -19.28
CA LEU B 397 46.92 -20.19 -19.68
C LEU B 397 47.07 -20.23 -21.20
N TRP B 398 46.00 -19.94 -21.94
CA TRP B 398 46.13 -19.94 -23.39
C TRP B 398 46.76 -18.67 -23.93
N SER B 399 46.58 -17.54 -23.24
CA SER B 399 47.28 -16.33 -23.63
C SER B 399 48.79 -16.52 -23.50
N ILE B 400 49.23 -17.40 -22.60
CA ILE B 400 50.64 -17.76 -22.52
C ILE B 400 51.11 -18.31 -23.87
N LEU B 401 50.37 -19.26 -24.43
CA LEU B 401 50.76 -19.86 -25.70
C LEU B 401 50.60 -18.88 -26.85
N LEU B 402 49.61 -17.99 -26.78
CA LEU B 402 49.51 -16.93 -27.80
C LEU B 402 50.74 -16.05 -27.77
N MET B 403 51.22 -15.69 -26.58
CA MET B 403 52.41 -14.86 -26.46
C MET B 403 53.64 -15.60 -26.95
N ILE B 404 53.76 -16.90 -26.65
CA ILE B 404 54.93 -17.62 -27.14
C ILE B 404 54.86 -17.80 -28.66
N GLY B 405 53.66 -17.85 -29.25
CA GLY B 405 53.57 -17.82 -30.70
C GLY B 405 54.01 -16.49 -31.29
N ILE B 406 53.59 -15.39 -30.66
CA ILE B 406 54.06 -14.07 -31.08
C ILE B 406 55.57 -13.98 -30.98
N LEU B 407 56.14 -14.56 -29.92
CA LEU B 407 57.59 -14.63 -29.79
C LEU B 407 58.20 -15.56 -30.83
N ARG B 408 57.47 -16.59 -31.25
CA ARG B 408 57.92 -17.45 -32.34
C ARG B 408 58.03 -16.66 -33.64
N ARG B 409 57.16 -15.67 -33.83
CA ARG B 409 57.38 -14.72 -34.91
C ARG B 409 58.70 -13.98 -34.76
N ARG B 410 59.26 -13.93 -33.56
CA ARG B 410 60.53 -13.29 -33.29
C ARG B 410 61.59 -14.26 -32.77
N TYR B 411 61.29 -15.55 -32.71
CA TYR B 411 62.21 -16.51 -32.10
C TYR B 411 63.54 -16.57 -32.85
N GLN B 412 63.49 -16.69 -34.17
CA GLN B 412 64.68 -16.63 -35.00
C GLN B 412 64.70 -15.43 -35.93
N GLU B 413 63.57 -14.73 -36.07
CA GLU B 413 63.44 -13.57 -36.94
C GLU B 413 62.78 -12.42 -36.19
N PRO B 414 63.51 -11.80 -35.26
CA PRO B 414 62.91 -10.67 -34.51
C PRO B 414 62.51 -9.50 -35.40
N ASN B 415 63.17 -9.33 -36.55
CA ASN B 415 62.85 -8.19 -37.41
C ASN B 415 61.49 -8.34 -38.07
N LEU B 416 61.01 -9.57 -38.25
CA LEU B 416 59.74 -9.84 -38.93
C LEU B 416 58.54 -9.65 -38.01
N SER B 417 58.70 -9.00 -36.87
CA SER B 417 57.56 -8.71 -36.00
C SER B 417 56.71 -7.59 -36.59
N ILE B 418 55.51 -7.44 -36.04
CA ILE B 418 54.60 -6.37 -36.45
C ILE B 418 55.21 -5.04 -36.00
N PRO B 419 55.01 -3.95 -36.75
CA PRO B 419 55.45 -2.65 -36.25
C PRO B 419 54.79 -2.32 -34.92
N TYR B 420 55.57 -1.73 -34.02
CA TYR B 420 55.11 -1.47 -32.66
C TYR B 420 55.84 -0.26 -32.12
N LYS B 421 55.26 0.35 -31.09
CA LYS B 421 55.83 1.59 -30.55
C LYS B 421 57.17 1.34 -29.87
N VAL B 422 57.24 0.34 -28.99
CA VAL B 422 58.48 0.02 -28.28
C VAL B 422 59.05 -1.33 -28.73
N PHE B 423 58.60 -1.84 -29.87
CA PHE B 423 59.14 -3.06 -30.48
C PHE B 423 58.92 -4.28 -29.58
N LEU B 424 57.66 -4.46 -29.15
CA LEU B 424 57.20 -5.66 -28.44
C LEU B 424 57.96 -5.92 -27.15
N SER B 425 58.42 -4.86 -26.47
CA SER B 425 59.07 -5.06 -25.18
C SER B 425 58.08 -5.48 -24.10
N PHE B 426 56.89 -4.89 -24.12
CA PHE B 426 55.88 -5.20 -23.11
C PHE B 426 55.42 -6.66 -23.12
N PRO B 427 55.17 -7.30 -24.27
CA PRO B 427 54.76 -8.72 -24.23
C PRO B 427 55.77 -9.62 -23.52
N LEU B 428 57.06 -9.30 -23.59
CA LEU B 428 58.06 -10.11 -22.88
C LEU B 428 57.80 -10.10 -21.38
N ALA B 429 57.47 -8.92 -20.82
CA ALA B 429 57.14 -8.85 -19.41
C ALA B 429 55.79 -9.51 -19.12
N THR B 430 54.82 -9.35 -20.02
CA THR B 430 53.52 -9.95 -19.80
C THR B 430 53.59 -11.48 -19.80
N ILE B 431 54.57 -12.05 -20.51
CA ILE B 431 54.77 -13.49 -20.46
C ILE B 431 55.11 -13.92 -19.03
N VAL B 432 56.03 -13.20 -18.39
CA VAL B 432 56.41 -13.51 -17.02
C VAL B 432 55.23 -13.25 -16.08
N ILE B 433 54.44 -12.21 -16.36
CA ILE B 433 53.26 -11.93 -15.55
C ILE B 433 52.28 -13.10 -15.60
N ASP B 434 52.03 -13.62 -16.81
CA ASP B 434 51.13 -14.75 -16.96
C ASP B 434 51.69 -16.00 -16.30
N VAL B 435 53.01 -16.20 -16.38
CA VAL B 435 53.63 -17.33 -15.70
C VAL B 435 53.41 -17.22 -14.19
N GLY B 436 53.59 -16.03 -13.63
CA GLY B 436 53.32 -15.83 -12.21
C GLY B 436 51.85 -16.06 -11.89
N LEU B 437 50.96 -15.68 -12.80
CA LEU B 437 49.54 -15.95 -12.60
C LEU B 437 49.26 -17.44 -12.53
N VAL B 438 49.91 -18.23 -13.38
CA VAL B 438 49.54 -19.64 -13.51
C VAL B 438 50.29 -20.54 -12.52
N VAL B 439 51.48 -20.15 -12.05
CA VAL B 439 52.28 -21.07 -11.24
C VAL B 439 51.67 -21.27 -9.87
N ILE B 440 51.52 -20.20 -9.10
CA ILE B 440 51.24 -20.30 -7.66
C ILE B 440 49.89 -20.92 -7.31
N PRO B 441 48.84 -20.88 -8.16
CA PRO B 441 47.63 -21.65 -7.83
C PRO B 441 47.90 -23.14 -7.68
N LEU B 442 48.91 -23.68 -8.35
CA LEU B 442 49.23 -25.09 -8.20
C LEU B 442 49.88 -25.36 -6.84
N VAL B 443 50.84 -24.53 -6.42
CA VAL B 443 51.52 -24.77 -5.15
C VAL B 443 50.58 -24.51 -3.97
N LYS B 444 49.71 -23.48 -4.09
CA LYS B 444 48.74 -23.24 -3.04
C LYS B 444 47.74 -24.39 -2.95
N SER B 445 47.19 -24.80 -4.08
CA SER B 445 46.26 -25.92 -4.22
C SER B 445 45.14 -25.88 -3.17
N PRO B 446 44.28 -24.86 -3.20
CA PRO B 446 43.11 -24.85 -2.32
C PRO B 446 41.89 -25.53 -2.89
N ASN B 447 41.87 -25.81 -4.20
CA ASN B 447 40.76 -26.47 -4.85
C ASN B 447 41.29 -27.42 -5.89
N VAL B 448 40.68 -28.61 -5.98
CA VAL B 448 41.12 -29.63 -6.93
C VAL B 448 40.63 -29.36 -8.34
N HIS B 449 39.67 -28.45 -8.51
CA HIS B 449 39.14 -28.15 -9.84
C HIS B 449 40.22 -27.56 -10.75
N TYR B 450 41.22 -26.89 -10.17
CA TYR B 450 42.33 -26.40 -10.97
C TYR B 450 43.05 -27.55 -11.66
N VAL B 451 43.23 -28.67 -10.96
CA VAL B 451 43.82 -29.85 -11.58
C VAL B 451 42.87 -30.44 -12.62
N TYR B 452 41.56 -30.38 -12.35
CA TYR B 452 40.60 -30.93 -13.31
C TYR B 452 40.61 -30.16 -14.63
N VAL B 453 40.87 -28.85 -14.58
CA VAL B 453 40.96 -28.07 -15.82
C VAL B 453 42.08 -28.60 -16.69
N LEU B 454 43.26 -28.81 -16.09
CA LEU B 454 44.37 -29.37 -16.85
C LEU B 454 44.10 -30.79 -17.30
N LEU B 455 43.36 -31.57 -16.49
CA LEU B 455 42.98 -32.91 -16.91
C LEU B 455 42.10 -32.87 -18.17
N LEU B 456 41.15 -31.94 -18.23
CA LEU B 456 40.36 -31.77 -19.44
C LEU B 456 41.23 -31.30 -20.61
N VAL B 457 42.19 -30.42 -20.35
CA VAL B 457 43.08 -29.96 -21.41
C VAL B 457 43.87 -31.13 -22.00
N LEU B 458 44.41 -31.99 -21.13
CA LEU B 458 45.15 -33.16 -21.60
C LEU B 458 44.23 -34.16 -22.29
N SER B 459 43.00 -34.29 -21.80
CA SER B 459 42.01 -35.12 -22.50
C SER B 459 41.72 -34.59 -23.88
N GLY B 460 41.92 -33.29 -24.10
CA GLY B 460 41.83 -32.74 -25.44
C GLY B 460 42.75 -33.47 -26.42
N LEU B 461 44.03 -33.54 -26.09
CA LEU B 461 44.98 -34.30 -26.91
C LEU B 461 44.64 -35.78 -26.90
N LEU B 462 44.18 -36.31 -25.77
CA LEU B 462 43.84 -37.74 -25.69
C LEU B 462 42.74 -38.10 -26.68
N PHE B 463 41.77 -37.21 -26.87
CA PHE B 463 40.74 -37.42 -27.88
C PHE B 463 41.26 -37.12 -29.28
N TYR B 464 42.16 -36.14 -29.41
CA TYR B 464 42.65 -35.76 -30.73
C TYR B 464 43.45 -36.89 -31.37
N ILE B 465 44.25 -37.60 -30.57
CA ILE B 465 45.21 -38.58 -31.09
C ILE B 465 44.56 -39.68 -31.92
N PRO B 466 43.53 -40.40 -31.44
CA PRO B 466 43.01 -41.51 -32.25
C PRO B 466 42.21 -41.05 -33.44
N LEU B 467 41.55 -39.90 -33.36
CA LEU B 467 40.71 -39.42 -34.46
C LEU B 467 41.55 -39.11 -35.70
N ILE B 468 42.68 -38.44 -35.51
CA ILE B 468 43.46 -37.92 -36.64
C ILE B 468 44.60 -38.86 -37.02
N HIS B 469 45.42 -39.26 -36.05
CA HIS B 469 46.56 -40.11 -36.36
C HIS B 469 46.13 -41.47 -36.88
N PHE B 470 45.10 -42.06 -36.27
CA PHE B 470 44.64 -43.38 -36.68
C PHE B 470 43.55 -43.34 -37.75
N LYS B 471 42.86 -42.19 -37.90
CA LYS B 471 41.85 -42.00 -38.95
C LYS B 471 40.75 -43.05 -38.86
N ILE B 472 40.31 -43.36 -37.65
CA ILE B 472 39.26 -44.35 -37.44
C ILE B 472 37.90 -43.69 -37.61
N ARG B 473 37.00 -44.36 -38.33
CA ARG B 473 35.65 -43.88 -38.54
C ARG B 473 34.66 -44.91 -38.01
N LEU B 474 33.54 -44.43 -37.49
CA LEU B 474 32.54 -45.27 -36.83
C LEU B 474 31.26 -45.27 -37.66
N ALA B 475 30.78 -46.48 -37.99
CA ALA B 475 29.54 -46.61 -38.73
C ALA B 475 28.35 -46.12 -37.92
N TRP B 476 28.30 -46.47 -36.63
CA TRP B 476 27.20 -46.01 -35.79
C TRP B 476 27.22 -44.50 -35.62
N PHE B 477 28.39 -43.88 -35.71
CA PHE B 477 28.45 -42.42 -35.73
C PHE B 477 27.72 -41.86 -36.94
N GLU B 478 27.94 -42.46 -38.12
CA GLU B 478 27.22 -42.04 -39.32
C GLU B 478 25.73 -42.29 -39.18
N LYS B 479 25.35 -43.41 -38.58
CA LYS B 479 23.94 -43.71 -38.36
C LYS B 479 23.28 -42.66 -37.45
N MET B 480 23.97 -42.29 -36.36
CA MET B 480 23.44 -41.25 -35.48
C MET B 480 23.34 -39.91 -36.20
N THR B 481 24.36 -39.56 -37.00
CA THR B 481 24.31 -38.29 -37.72
C THR B 481 23.15 -38.26 -38.71
N CYS B 482 22.93 -39.35 -39.43
CA CYS B 482 21.83 -39.37 -40.39
C CYS B 482 20.48 -39.30 -39.68
N TYR B 483 20.34 -40.03 -38.56
CA TYR B 483 19.08 -39.96 -37.80
C TYR B 483 18.82 -38.55 -37.31
N LEU B 484 19.83 -37.90 -36.76
CA LEU B 484 19.66 -36.53 -36.28
C LEU B 484 19.39 -35.56 -37.42
N GLN B 485 20.00 -35.80 -38.59
CA GLN B 485 19.71 -34.96 -39.75
C GLN B 485 18.25 -35.08 -40.17
N LEU B 486 17.72 -36.31 -40.19
CA LEU B 486 16.32 -36.50 -40.54
C LEU B 486 15.38 -35.95 -39.46
N LEU B 487 15.81 -35.97 -38.20
CA LEU B 487 14.94 -35.52 -37.12
C LEU B 487 14.69 -34.00 -37.18
N PHE B 488 15.76 -33.22 -37.32
CA PHE B 488 15.67 -31.76 -37.23
C PHE B 488 15.81 -31.07 -38.57
N ASN B 489 15.64 -31.80 -39.68
CA ASN B 489 15.86 -31.25 -41.02
C ASN B 489 17.26 -30.68 -41.15
N ILE B 490 18.23 -31.35 -40.53
CA ILE B 490 19.61 -30.86 -40.51
C ILE B 490 20.26 -31.19 -41.85
N CYS B 491 20.74 -30.17 -42.54
CA CYS B 491 21.35 -30.32 -43.85
C CYS B 491 22.61 -29.49 -43.93
N LEU B 492 23.54 -29.94 -44.77
CA LEU B 492 24.83 -29.27 -44.96
C LEU B 492 24.80 -28.50 -46.27
N PRO B 493 24.72 -27.16 -46.24
CA PRO B 493 24.72 -26.33 -47.47
C PRO B 493 26.07 -26.29 -48.14
N PRO C 115 1.11 24.63 -60.00
CA PRO C 115 0.18 24.37 -58.90
C PRO C 115 -1.27 24.60 -59.31
N TYR C 116 -1.58 24.40 -60.59
CA TYR C 116 -2.94 24.61 -61.08
C TYR C 116 -3.88 23.54 -60.52
N ALA C 117 -5.17 23.70 -60.82
CA ALA C 117 -6.17 22.76 -60.35
C ALA C 117 -5.92 21.38 -60.95
N GLY C 118 -5.99 20.35 -60.09
CA GLY C 118 -5.65 19.02 -60.52
C GLY C 118 -4.19 18.83 -60.85
N MET C 119 -3.31 19.48 -60.12
CA MET C 119 -1.88 19.41 -60.41
C MET C 119 -1.34 18.01 -60.14
N PRO C 120 -0.57 17.42 -61.06
CA PRO C 120 -0.08 16.06 -60.86
C PRO C 120 1.20 15.97 -60.04
N LYS C 121 1.76 14.76 -59.93
CA LYS C 121 2.94 14.54 -59.11
C LYS C 121 4.15 15.29 -59.62
N GLU C 122 4.32 15.35 -60.95
CA GLU C 122 5.55 15.90 -61.52
C GLU C 122 5.74 17.36 -61.15
N VAL C 123 4.67 18.15 -61.18
CA VAL C 123 4.77 19.56 -60.79
C VAL C 123 4.81 19.76 -59.29
N LEU C 124 4.54 18.71 -58.52
CA LEU C 124 4.64 18.82 -57.06
C LEU C 124 6.08 19.02 -56.62
N PHE C 125 7.03 18.42 -57.34
CA PHE C 125 8.45 18.59 -57.03
C PHE C 125 9.01 19.83 -57.72
N GLN C 126 8.31 20.96 -57.56
CA GLN C 126 8.73 22.23 -58.10
C GLN C 126 8.70 23.38 -57.10
N PHE C 127 7.86 23.30 -56.07
CA PHE C 127 7.80 24.31 -55.02
C PHE C 127 7.94 23.73 -53.62
N SER C 128 7.81 22.41 -53.46
CA SER C 128 8.00 21.80 -52.14
C SER C 128 9.45 21.94 -51.68
N GLY C 129 10.40 21.95 -52.61
CA GLY C 129 11.79 22.14 -52.25
C GLY C 129 12.06 23.48 -51.60
N GLN C 130 11.27 24.50 -51.98
CA GLN C 130 11.40 25.81 -51.35
C GLN C 130 11.09 25.71 -49.86
N ALA C 131 11.87 26.44 -49.06
CA ALA C 131 11.70 26.39 -47.60
C ALA C 131 10.31 26.85 -47.21
N ARG C 132 9.77 27.85 -47.90
CA ARG C 132 8.44 28.37 -47.59
C ARG C 132 7.35 27.32 -47.72
N TYR C 133 7.61 26.24 -48.46
CA TYR C 133 6.71 25.10 -48.52
C TYR C 133 7.33 23.83 -47.95
N ARG C 134 8.57 23.88 -47.48
CA ARG C 134 9.24 22.72 -46.90
C ARG C 134 9.14 22.69 -45.38
N ILE C 135 9.48 23.80 -44.72
CA ILE C 135 9.52 23.82 -43.26
C ILE C 135 8.14 23.92 -42.60
N PRO C 136 7.14 24.65 -43.17
CA PRO C 136 5.88 24.79 -42.42
C PRO C 136 5.17 23.48 -42.13
N ARG C 137 5.28 22.50 -43.03
CA ARG C 137 4.63 21.20 -42.80
C ARG C 137 5.21 20.52 -41.57
N GLU C 138 6.55 20.46 -41.48
CA GLU C 138 7.20 19.87 -40.32
C GLU C 138 6.90 20.66 -39.06
N ILE C 139 6.88 21.99 -39.16
CA ILE C 139 6.57 22.82 -38.00
C ILE C 139 5.16 22.53 -37.50
N LEU C 140 4.19 22.42 -38.41
CA LEU C 140 2.82 22.12 -38.01
C LEU C 140 2.70 20.74 -37.40
N PHE C 141 3.40 19.75 -37.97
CA PHE C 141 3.37 18.40 -37.42
C PHE C 141 3.88 18.38 -35.98
N TRP C 142 5.04 18.99 -35.75
CA TRP C 142 5.59 19.01 -34.39
C TRP C 142 4.76 19.87 -33.46
N LEU C 143 4.14 20.94 -33.96
CA LEU C 143 3.24 21.73 -33.12
C LEU C 143 2.03 20.91 -32.70
N THR C 144 1.49 20.11 -33.62
CA THR C 144 0.34 19.27 -33.29
C THR C 144 0.71 18.23 -32.24
N VAL C 145 1.86 17.57 -32.41
CA VAL C 145 2.25 16.56 -31.41
C VAL C 145 2.54 17.23 -30.07
N ALA C 146 3.12 18.44 -30.09
CA ALA C 146 3.34 19.17 -28.85
C ALA C 146 2.03 19.51 -28.18
N SER C 147 1.02 19.91 -28.95
CA SER C 147 -0.29 20.19 -28.39
C SER C 147 -0.91 18.94 -27.76
N VAL C 148 -0.72 17.78 -28.40
CA VAL C 148 -1.22 16.54 -27.83
C VAL C 148 -0.56 16.26 -26.48
N LEU C 149 0.77 16.43 -26.42
CA LEU C 149 1.46 16.23 -25.15
C LEU C 149 1.02 17.24 -24.10
N VAL C 150 0.77 18.48 -24.50
CA VAL C 150 0.28 19.49 -23.56
C VAL C 150 -1.09 19.10 -23.01
N LEU C 151 -1.98 18.59 -23.87
CA LEU C 151 -3.28 18.14 -23.39
C LEU C 151 -3.15 16.99 -22.41
N ILE C 152 -2.27 16.02 -22.71
CA ILE C 152 -2.05 14.91 -21.79
C ILE C 152 -1.53 15.42 -20.45
N ALA C 153 -0.56 16.33 -20.48
CA ALA C 153 0.00 16.86 -19.24
C ALA C 153 -1.05 17.62 -18.44
N ALA C 154 -1.87 18.42 -19.13
CA ALA C 154 -2.93 19.16 -18.43
C ALA C 154 -3.92 18.21 -17.78
N THR C 155 -4.32 17.16 -18.50
CA THR C 155 -5.25 16.19 -17.92
C THR C 155 -4.65 15.52 -16.68
N ILE C 156 -3.41 15.04 -16.79
CA ILE C 156 -2.80 14.36 -15.66
C ILE C 156 -2.53 15.32 -14.51
N ALA C 157 -2.38 16.62 -14.79
CA ALA C 157 -2.22 17.59 -13.71
C ALA C 157 -3.54 17.87 -13.01
N ILE C 158 -4.63 17.99 -13.77
CA ILE C 158 -5.93 18.28 -13.17
C ILE C 158 -6.45 17.09 -12.37
N ILE C 159 -6.19 15.86 -12.83
CA ILE C 159 -6.62 14.69 -12.06
C ILE C 159 -5.92 14.64 -10.72
N ALA C 160 -4.60 14.87 -10.71
CA ALA C 160 -3.92 15.13 -9.45
C ALA C 160 -4.27 16.53 -8.98
N LEU C 161 -3.71 16.94 -7.84
CA LEU C 161 -3.87 18.28 -7.30
C LEU C 161 -5.34 18.62 -6.99
N SER C 162 -6.25 17.65 -7.10
CA SER C 162 -7.67 17.87 -6.91
C SER C 162 -8.11 17.29 -5.57
N PRO C 163 -8.89 18.03 -4.79
CA PRO C 163 -9.27 17.55 -3.46
C PRO C 163 -10.17 16.34 -3.52
N LYS C 164 -10.03 15.47 -2.52
CA LYS C 164 -10.93 14.33 -2.39
C LYS C 164 -12.31 14.80 -1.98
N CYS C 165 -13.33 14.24 -2.64
CA CYS C 165 -14.70 14.69 -2.41
C CYS C 165 -15.22 14.21 -1.06
N LEU C 166 -16.23 14.92 -0.56
CA LEU C 166 -16.81 14.60 0.74
C LEU C 166 -17.52 13.25 0.70
N ASP C 167 -17.62 12.62 1.86
CA ASP C 167 -18.28 11.33 1.98
C ASP C 167 -19.78 11.53 2.21
N TRP C 168 -20.51 10.41 2.21
CA TRP C 168 -21.97 10.49 2.32
C TRP C 168 -22.40 10.98 3.69
N TRP C 169 -21.64 10.64 4.74
CA TRP C 169 -21.98 11.08 6.08
C TRP C 169 -21.50 12.49 6.38
N GLN C 170 -20.85 13.16 5.43
CA GLN C 170 -20.30 14.49 5.65
C GLN C 170 -21.09 15.59 4.96
N GLU C 171 -21.97 15.26 4.01
CA GLU C 171 -22.63 16.26 3.19
C GLU C 171 -24.07 16.52 3.57
N GLY C 172 -24.77 15.54 4.16
CA GLY C 172 -26.17 15.69 4.43
C GLY C 172 -26.53 15.55 5.90
N PRO C 173 -27.61 16.19 6.31
CA PRO C 173 -28.06 16.07 7.70
C PRO C 173 -28.63 14.68 7.98
N MET C 174 -28.69 14.35 9.26
CA MET C 174 -29.22 13.08 9.73
C MET C 174 -30.56 13.30 10.42
N TYR C 175 -31.42 12.29 10.33
CA TYR C 175 -32.74 12.31 10.95
C TYR C 175 -32.83 11.18 11.96
N GLN C 176 -33.17 11.51 13.20
CA GLN C 176 -33.27 10.54 14.27
C GLN C 176 -34.72 10.23 14.55
N ILE C 177 -35.08 8.94 14.53
CA ILE C 177 -36.46 8.49 14.63
C ILE C 177 -36.58 7.54 15.81
N TYR C 178 -37.60 7.76 16.64
CA TYR C 178 -37.96 6.81 17.67
C TYR C 178 -38.98 5.84 17.08
N PRO C 179 -38.65 4.55 16.92
CA PRO C 179 -39.50 3.66 16.12
C PRO C 179 -40.91 3.52 16.64
N ARG C 180 -41.12 3.55 17.96
CA ARG C 180 -42.44 3.28 18.52
C ARG C 180 -43.39 4.47 18.42
N SER C 181 -42.91 5.64 18.01
CA SER C 181 -43.74 6.84 18.00
C SER C 181 -43.57 7.60 16.69
N PHE C 182 -43.59 6.90 15.56
CA PHE C 182 -43.52 7.53 14.25
C PHE C 182 -44.78 7.31 13.44
N LYS C 183 -45.17 6.05 13.21
CA LYS C 183 -46.34 5.76 12.39
C LYS C 183 -46.78 4.33 12.63
N ASP C 184 -48.07 4.15 12.95
CA ASP C 184 -48.66 2.83 13.09
C ASP C 184 -49.30 2.42 11.78
N SER C 185 -49.16 1.13 11.42
CA SER C 185 -49.64 0.64 10.14
C SER C 185 -50.46 -0.64 10.26
N ASN C 186 -50.76 -1.11 11.48
CA ASN C 186 -51.59 -2.30 11.62
C ASN C 186 -52.62 -2.17 12.73
N LYS C 187 -52.94 -0.94 13.15
CA LYS C 187 -54.00 -0.67 14.12
C LYS C 187 -53.76 -1.43 15.44
N ASP C 188 -52.55 -1.29 15.98
CA ASP C 188 -52.20 -1.92 17.25
C ASP C 188 -51.79 -0.93 18.32
N GLY C 189 -51.48 0.31 17.97
CA GLY C 189 -51.09 1.32 18.93
C GLY C 189 -49.61 1.60 19.02
N ASN C 190 -48.77 0.80 18.35
CA ASN C 190 -47.33 0.96 18.38
C ASN C 190 -46.80 1.17 16.98
N GLY C 191 -45.84 2.08 16.84
CA GLY C 191 -45.19 2.29 15.56
C GLY C 191 -44.35 1.10 15.17
N ASP C 192 -44.14 0.94 13.86
CA ASP C 192 -43.42 -0.19 13.33
C ASP C 192 -42.63 0.24 12.09
N LEU C 193 -41.84 -0.70 11.57
CA LEU C 193 -40.98 -0.40 10.44
C LEU C 193 -41.77 -0.13 9.18
N LYS C 194 -42.92 -0.79 9.01
CA LYS C 194 -43.75 -0.55 7.83
C LYS C 194 -44.24 0.89 7.79
N GLY C 195 -44.63 1.44 8.94
CA GLY C 195 -45.01 2.84 8.99
C GLY C 195 -43.88 3.77 8.62
N ILE C 196 -42.65 3.42 9.03
CA ILE C 196 -41.49 4.21 8.65
C ILE C 196 -41.28 4.16 7.14
N GLN C 197 -41.43 2.98 6.55
CA GLN C 197 -41.29 2.84 5.11
C GLN C 197 -42.34 3.65 4.37
N ASP C 198 -43.57 3.66 4.87
CA ASP C 198 -44.67 4.34 4.21
C ASP C 198 -44.51 5.85 4.19
N LYS C 199 -43.60 6.42 4.98
CA LYS C 199 -43.44 7.86 5.09
C LYS C 199 -42.09 8.34 4.57
N LEU C 200 -41.44 7.57 3.71
CA LEU C 200 -40.14 7.97 3.18
C LEU C 200 -40.23 9.19 2.27
N ASP C 201 -41.39 9.42 1.64
CA ASP C 201 -41.54 10.60 0.80
C ASP C 201 -41.43 11.88 1.62
N TYR C 202 -42.03 11.90 2.81
CA TYR C 202 -41.93 13.06 3.68
C TYR C 202 -40.49 13.32 4.10
N ILE C 203 -39.75 12.26 4.41
CA ILE C 203 -38.34 12.41 4.77
C ILE C 203 -37.54 12.95 3.60
N THR C 204 -37.81 12.44 2.39
CA THR C 204 -37.12 12.94 1.21
C THR C 204 -37.43 14.41 0.96
N ALA C 205 -38.68 14.81 1.22
CA ALA C 205 -39.06 16.21 1.05
C ALA C 205 -38.32 17.14 2.00
N LEU C 206 -37.72 16.59 3.06
CA LEU C 206 -36.98 17.40 4.02
C LEU C 206 -35.50 17.55 3.64
N ASN C 207 -35.09 17.04 2.49
CA ASN C 207 -33.70 17.09 2.04
C ASN C 207 -32.76 16.41 3.03
N ILE C 208 -33.23 15.32 3.60
CA ILE C 208 -32.44 14.52 4.55
C ILE C 208 -31.66 13.48 3.76
N LYS C 209 -30.46 13.17 4.25
CA LYS C 209 -29.57 12.20 3.61
C LYS C 209 -29.47 10.89 4.38
N THR C 210 -29.45 10.93 5.70
CA THR C 210 -29.27 9.74 6.53
C THR C 210 -30.43 9.61 7.51
N VAL C 211 -30.88 8.38 7.72
CA VAL C 211 -31.94 8.07 8.67
C VAL C 211 -31.33 7.27 9.82
N TRP C 212 -31.55 7.75 11.03
CA TRP C 212 -31.01 7.13 12.24
C TRP C 212 -32.15 6.57 13.06
N ILE C 213 -32.11 5.26 13.32
CA ILE C 213 -33.15 4.55 14.06
C ILE C 213 -32.54 4.03 15.35
N THR C 214 -33.22 4.25 16.47
CA THR C 214 -32.73 3.81 17.76
C THR C 214 -32.92 2.30 17.91
N SER C 215 -32.72 1.79 19.12
CA SER C 215 -32.75 0.35 19.34
C SER C 215 -34.13 -0.22 19.05
N PHE C 216 -34.14 -1.37 18.37
CA PHE C 216 -35.39 -2.07 18.07
C PHE C 216 -35.25 -3.59 18.23
N TYR C 217 -34.17 -4.07 18.83
CA TYR C 217 -33.98 -5.51 18.99
C TYR C 217 -35.00 -6.08 19.96
N LYS C 218 -35.12 -7.41 19.93
CA LYS C 218 -35.97 -8.11 20.88
C LYS C 218 -35.46 -7.88 22.28
N SER C 219 -36.26 -7.18 23.10
CA SER C 219 -35.81 -6.73 24.41
C SER C 219 -36.88 -7.03 25.44
N SER C 220 -36.43 -7.14 26.70
CA SER C 220 -37.32 -7.26 27.84
C SER C 220 -37.48 -5.95 28.61
N LEU C 221 -36.53 -5.02 28.48
CA LEU C 221 -36.61 -3.70 29.09
C LEU C 221 -36.27 -2.68 28.02
N LYS C 222 -37.21 -1.78 27.73
CA LYS C 222 -37.07 -0.83 26.63
C LYS C 222 -36.71 0.57 27.09
N ASP C 223 -36.26 0.72 28.33
CA ASP C 223 -35.80 2.00 28.84
C ASP C 223 -34.64 1.76 29.79
N PHE C 224 -34.09 2.84 30.35
CA PHE C 224 -32.90 2.79 31.18
C PHE C 224 -31.77 2.09 30.41
N ARG C 225 -31.35 2.74 29.34
CA ARG C 225 -30.57 2.10 28.26
C ARG C 225 -31.46 0.95 27.74
N TYR C 226 -30.91 -0.22 27.48
CA TYR C 226 -31.73 -1.30 26.94
C TYR C 226 -31.23 -2.64 27.46
N GLY C 227 -32.18 -3.52 27.77
CA GLY C 227 -31.86 -4.90 28.08
C GLY C 227 -32.26 -5.80 26.93
N VAL C 228 -31.28 -6.26 26.16
CA VAL C 228 -31.53 -6.99 24.93
C VAL C 228 -31.63 -8.48 25.24
N GLU C 229 -32.69 -9.11 24.72
CA GLU C 229 -32.88 -10.54 24.86
C GLU C 229 -32.34 -11.34 23.69
N ASP C 230 -32.15 -10.71 22.53
CA ASP C 230 -31.60 -11.38 21.36
C ASP C 230 -31.07 -10.31 20.41
N PHE C 231 -29.81 -10.42 20.03
CA PHE C 231 -29.16 -9.41 19.19
C PHE C 231 -29.39 -9.63 17.70
N ARG C 232 -30.05 -10.72 17.31
CA ARG C 232 -30.27 -11.03 15.91
C ARG C 232 -31.75 -11.14 15.57
N GLU C 233 -32.60 -10.48 16.36
CA GLU C 233 -34.04 -10.52 16.15
C GLU C 233 -34.62 -9.12 16.30
N VAL C 234 -35.78 -8.93 15.69
CA VAL C 234 -36.53 -7.69 15.78
C VAL C 234 -37.72 -7.92 16.70
N ASP C 235 -37.97 -6.98 17.61
CA ASP C 235 -39.05 -7.14 18.57
C ASP C 235 -40.37 -7.28 17.84
N PRO C 236 -41.25 -8.19 18.28
CA PRO C 236 -42.51 -8.42 17.56
C PRO C 236 -43.37 -7.19 17.39
N ILE C 237 -43.35 -6.26 18.35
CA ILE C 237 -44.14 -5.05 18.25
C ILE C 237 -43.67 -4.12 17.14
N PHE C 238 -42.47 -4.34 16.61
CA PHE C 238 -41.95 -3.55 15.50
C PHE C 238 -42.07 -4.24 14.15
N GLY C 239 -42.48 -5.52 14.13
CA GLY C 239 -42.60 -6.26 12.89
C GLY C 239 -41.75 -7.51 12.91
N THR C 240 -41.30 -7.92 11.72
CA THR C 240 -40.47 -9.10 11.54
C THR C 240 -39.21 -8.72 10.76
N MET C 241 -38.34 -9.71 10.57
CA MET C 241 -37.12 -9.47 9.81
C MET C 241 -37.40 -9.14 8.35
N GLU C 242 -38.47 -9.73 7.79
CA GLU C 242 -38.85 -9.41 6.42
C GLU C 242 -39.21 -7.94 6.28
N ASP C 243 -39.91 -7.38 7.28
CA ASP C 243 -40.22 -5.95 7.26
C ASP C 243 -38.94 -5.12 7.30
N PHE C 244 -37.97 -5.53 8.11
CA PHE C 244 -36.70 -4.80 8.16
C PHE C 244 -35.98 -4.83 6.82
N GLU C 245 -35.96 -5.99 6.17
CA GLU C 245 -35.30 -6.11 4.87
C GLU C 245 -36.01 -5.25 3.82
N ASN C 246 -37.35 -5.26 3.84
CA ASN C 246 -38.10 -4.43 2.91
C ASN C 246 -37.82 -2.95 3.15
N LEU C 247 -37.75 -2.54 4.43
CA LEU C 247 -37.46 -1.15 4.75
C LEU C 247 -36.06 -0.76 4.27
N VAL C 248 -35.08 -1.64 4.47
CA VAL C 248 -33.72 -1.35 4.01
C VAL C 248 -33.68 -1.21 2.49
N ALA C 249 -34.37 -2.12 1.79
CA ALA C 249 -34.41 -2.02 0.33
C ALA C 249 -35.07 -0.73 -0.13
N ALA C 250 -36.17 -0.34 0.52
CA ALA C 250 -36.86 0.89 0.16
C ALA C 250 -35.97 2.11 0.40
N ILE C 251 -35.26 2.12 1.54
CA ILE C 251 -34.36 3.23 1.84
C ILE C 251 -33.24 3.32 0.80
N HIS C 252 -32.66 2.18 0.44
CA HIS C 252 -31.56 2.20 -0.53
C HIS C 252 -32.04 2.58 -1.91
N ASP C 253 -33.29 2.25 -2.27
CA ASP C 253 -33.80 2.61 -3.58
C ASP C 253 -33.93 4.12 -3.73
N LYS C 254 -34.35 4.82 -2.68
CA LYS C 254 -34.58 6.25 -2.74
C LYS C 254 -33.32 7.07 -2.52
N GLY C 255 -32.14 6.44 -2.47
CA GLY C 255 -30.91 7.18 -2.31
C GLY C 255 -30.60 7.60 -0.90
N LEU C 256 -31.28 7.04 0.10
CA LEU C 256 -31.01 7.33 1.49
C LEU C 256 -30.11 6.26 2.09
N LYS C 257 -29.69 6.48 3.34
CA LYS C 257 -28.82 5.54 4.03
C LYS C 257 -29.29 5.41 5.48
N LEU C 258 -29.01 4.26 6.07
CA LEU C 258 -29.57 3.88 7.36
C LEU C 258 -28.47 3.51 8.34
N ILE C 259 -28.53 4.06 9.54
CA ILE C 259 -27.65 3.69 10.64
C ILE C 259 -28.51 3.31 11.84
N ILE C 260 -27.99 2.42 12.67
CA ILE C 260 -28.75 1.89 13.80
C ILE C 260 -27.90 1.96 15.07
N ASP C 261 -28.58 1.94 16.20
CA ASP C 261 -27.91 1.94 17.50
C ASP C 261 -27.36 0.56 17.84
N PHE C 262 -26.30 0.54 18.64
CA PHE C 262 -25.68 -0.71 19.07
C PHE C 262 -25.30 -0.60 20.54
N ILE C 263 -25.75 -1.57 21.33
CA ILE C 263 -25.47 -1.61 22.76
C ILE C 263 -24.58 -2.81 23.06
N PRO C 264 -23.26 -2.62 23.18
CA PRO C 264 -22.37 -3.76 23.41
C PRO C 264 -22.06 -4.01 24.88
N ASN C 265 -22.45 -3.08 25.76
CA ASN C 265 -21.98 -3.14 27.14
C ASN C 265 -22.68 -4.22 27.96
N HIS C 266 -23.96 -4.48 27.72
CA HIS C 266 -24.71 -5.35 28.61
C HIS C 266 -25.83 -6.04 27.85
N THR C 267 -26.35 -7.10 28.45
CA THR C 267 -27.52 -7.80 27.92
C THR C 267 -28.59 -7.89 28.99
N SER C 268 -29.66 -8.62 28.72
CA SER C 268 -30.72 -8.83 29.70
C SER C 268 -30.45 -10.12 30.48
N ASP C 269 -31.07 -10.21 31.65
CA ASP C 269 -30.96 -11.41 32.47
C ASP C 269 -31.77 -12.57 31.92
N LYS C 270 -32.61 -12.33 30.91
CA LYS C 270 -33.32 -13.39 30.21
C LYS C 270 -32.56 -13.90 29.00
N HIS C 271 -31.41 -13.33 28.70
CA HIS C 271 -30.59 -13.80 27.60
C HIS C 271 -30.09 -15.21 27.88
N ILE C 272 -29.93 -16.00 26.81
CA ILE C 272 -29.47 -17.37 26.98
C ILE C 272 -28.06 -17.41 27.53
N TRP C 273 -27.24 -16.41 27.21
CA TRP C 273 -25.87 -16.37 27.72
C TRP C 273 -25.87 -16.30 29.24
N PHE C 274 -26.71 -15.43 29.82
CA PHE C 274 -26.76 -15.31 31.26
C PHE C 274 -27.36 -16.56 31.90
N GLN C 275 -28.35 -17.16 31.24
CA GLN C 275 -28.95 -18.39 31.77
C GLN C 275 -27.94 -19.52 31.83
N LEU C 276 -27.08 -19.63 30.81
CA LEU C 276 -26.02 -20.63 30.86
C LEU C 276 -24.92 -20.25 31.86
N SER C 277 -24.61 -18.96 31.96
CA SER C 277 -23.55 -18.52 32.85
C SER C 277 -23.90 -18.78 34.31
N ARG C 278 -25.15 -18.52 34.70
CA ARG C 278 -25.53 -18.66 36.10
C ARG C 278 -25.54 -20.10 36.57
N THR C 279 -25.44 -21.07 35.66
CA THR C 279 -25.37 -22.47 36.02
C THR C 279 -23.99 -23.08 35.79
N ARG C 280 -23.00 -22.26 35.44
CA ARG C 280 -21.63 -22.70 35.19
C ARG C 280 -21.60 -23.79 34.12
N THR C 281 -22.01 -23.41 32.91
CA THR C 281 -22.11 -24.33 31.79
C THR C 281 -21.10 -23.91 30.72
N GLY C 282 -19.94 -24.55 30.73
CA GLY C 282 -18.96 -24.37 29.67
C GLY C 282 -18.35 -22.98 29.64
N LYS C 283 -17.94 -22.57 28.44
CA LYS C 283 -17.25 -21.30 28.24
C LYS C 283 -18.13 -20.11 28.62
N TYR C 284 -19.44 -20.31 28.73
CA TYR C 284 -20.34 -19.25 29.16
C TYR C 284 -20.15 -18.88 30.62
N THR C 285 -19.38 -19.67 31.38
CA THR C 285 -19.20 -19.41 32.80
C THR C 285 -18.57 -18.04 33.06
N ASP C 286 -17.79 -17.52 32.11
CA ASP C 286 -16.99 -16.32 32.34
C ASP C 286 -17.35 -15.19 31.37
N TYR C 287 -18.58 -15.14 30.88
CA TYR C 287 -19.01 -13.98 30.11
C TYR C 287 -19.46 -12.82 30.98
N TYR C 288 -19.64 -13.04 32.28
CA TYR C 288 -20.12 -12.00 33.17
C TYR C 288 -19.20 -11.90 34.38
N ILE C 289 -19.19 -10.72 34.99
CA ILE C 289 -18.30 -10.43 36.11
C ILE C 289 -18.96 -10.98 37.37
N TRP C 290 -18.44 -12.10 37.87
CA TRP C 290 -18.94 -12.73 39.07
C TRP C 290 -17.94 -12.55 40.21
N HIS C 291 -18.46 -12.54 41.43
CA HIS C 291 -17.60 -12.37 42.61
C HIS C 291 -18.31 -12.94 43.81
N ASP C 292 -17.53 -13.36 44.80
CA ASP C 292 -18.07 -13.91 46.03
C ASP C 292 -18.59 -12.79 46.93
N CYS C 293 -19.67 -13.08 47.65
CA CYS C 293 -20.28 -12.11 48.55
C CYS C 293 -20.98 -12.87 49.68
N THR C 294 -21.28 -12.13 50.74
CA THR C 294 -21.93 -12.70 51.92
C THR C 294 -23.40 -12.30 51.92
N HIS C 295 -24.28 -13.28 51.80
CA HIS C 295 -25.71 -13.07 51.85
C HIS C 295 -26.29 -13.87 53.01
N GLU C 296 -27.02 -13.19 53.89
CA GLU C 296 -27.65 -13.85 55.03
C GLU C 296 -28.82 -13.00 55.50
N ASN C 297 -29.80 -13.68 56.09
CA ASN C 297 -31.02 -13.10 56.65
C ASN C 297 -31.57 -11.95 55.80
N GLY C 298 -31.64 -12.20 54.49
CA GLY C 298 -32.21 -11.24 53.56
C GLY C 298 -31.42 -9.96 53.45
N LYS C 299 -30.09 -10.09 53.37
CA LYS C 299 -29.21 -8.93 53.29
C LYS C 299 -27.88 -9.38 52.70
N THR C 300 -27.36 -8.56 51.79
CA THR C 300 -26.14 -8.88 51.05
C THR C 300 -25.09 -7.81 51.31
N ILE C 301 -23.86 -8.24 51.57
CA ILE C 301 -22.74 -7.34 51.76
C ILE C 301 -21.97 -7.27 50.44
N PRO C 302 -21.97 -6.13 49.75
CA PRO C 302 -21.30 -6.05 48.44
C PRO C 302 -19.80 -6.11 48.60
N PRO C 303 -19.08 -6.53 47.56
CA PRO C 303 -17.60 -6.53 47.64
C PRO C 303 -17.02 -5.16 47.90
N ASN C 304 -17.63 -4.10 47.38
CA ASN C 304 -17.14 -2.75 47.56
C ASN C 304 -18.33 -1.79 47.63
N ASN C 305 -18.05 -0.49 47.53
CA ASN C 305 -19.07 0.54 47.67
C ASN C 305 -19.48 1.14 46.33
N TRP C 306 -19.21 0.45 45.23
CA TRP C 306 -19.59 0.97 43.92
C TRP C 306 -21.11 1.07 43.81
N LEU C 307 -21.57 2.16 43.20
CA LEU C 307 -22.99 2.45 43.08
C LEU C 307 -23.42 2.39 41.63
N SER C 308 -24.69 2.02 41.43
CA SER C 308 -25.28 1.99 40.10
C SER C 308 -25.70 3.39 39.68
N VAL C 309 -25.86 3.57 38.36
CA VAL C 309 -26.25 4.87 37.83
C VAL C 309 -27.66 5.23 38.30
N TYR C 310 -28.56 4.25 38.32
CA TYR C 310 -29.97 4.50 38.61
C TYR C 310 -30.38 4.12 40.03
N GLY C 311 -29.43 3.78 40.91
CA GLY C 311 -29.85 3.33 42.21
C GLY C 311 -28.79 3.05 43.26
N ASN C 312 -28.98 1.94 43.98
CA ASN C 312 -28.31 1.71 45.26
C ASN C 312 -26.94 1.06 45.11
N SER C 313 -26.86 -0.12 44.52
CA SER C 313 -25.60 -0.84 44.46
C SER C 313 -25.45 -1.49 43.09
N SER C 314 -24.19 -1.70 42.69
CA SER C 314 -23.88 -2.33 41.42
C SER C 314 -23.76 -3.84 41.51
N TRP C 315 -23.79 -4.41 42.71
CA TRP C 315 -23.63 -5.84 42.90
C TRP C 315 -24.94 -6.44 43.38
N HIS C 316 -25.41 -7.48 42.68
CA HIS C 316 -26.65 -8.14 43.02
C HIS C 316 -26.43 -9.64 43.20
N PHE C 317 -26.98 -10.19 44.28
CA PHE C 317 -26.81 -11.59 44.59
C PHE C 317 -27.68 -12.45 43.68
N ASP C 318 -27.22 -13.68 43.45
CA ASP C 318 -27.96 -14.67 42.67
C ASP C 318 -28.07 -15.95 43.47
N GLU C 319 -29.16 -16.68 43.22
CA GLU C 319 -29.45 -17.89 43.98
C GLU C 319 -28.79 -19.14 43.39
N VAL C 320 -28.87 -19.32 42.08
CA VAL C 320 -28.34 -20.53 41.45
C VAL C 320 -26.83 -20.60 41.62
N ARG C 321 -26.12 -19.49 41.36
CA ARG C 321 -24.67 -19.48 41.44
C ARG C 321 -24.16 -19.18 42.84
N ASN C 322 -25.00 -18.62 43.72
CA ASN C 322 -24.60 -18.22 45.06
C ASN C 322 -23.42 -17.24 45.01
N GLN C 323 -23.52 -16.28 44.09
CA GLN C 323 -22.51 -15.25 43.95
C GLN C 323 -23.20 -13.95 43.57
N CYS C 324 -22.42 -12.87 43.54
CA CYS C 324 -22.92 -11.55 43.18
C CYS C 324 -22.40 -11.17 41.80
N TYR C 325 -23.31 -10.69 40.95
CA TYR C 325 -22.95 -10.23 39.62
C TYR C 325 -23.03 -8.70 39.55
N PHE C 326 -22.39 -8.16 38.53
CA PHE C 326 -22.13 -6.73 38.40
C PHE C 326 -23.03 -6.13 37.33
N HIS C 327 -23.70 -5.05 37.67
CA HIS C 327 -24.57 -4.35 36.71
C HIS C 327 -24.34 -2.86 36.84
N GLN C 328 -24.11 -2.19 35.71
CA GLN C 328 -23.88 -0.75 35.73
C GLN C 328 -25.18 0.02 35.92
N PHE C 329 -26.29 -0.45 35.32
CA PHE C 329 -27.51 0.35 35.23
C PHE C 329 -28.63 -0.19 36.11
N MET C 330 -29.03 -1.44 35.93
CA MET C 330 -30.16 -2.01 36.67
C MET C 330 -29.88 -3.47 36.98
N LYS C 331 -30.56 -3.97 38.00
CA LYS C 331 -30.37 -5.35 38.43
C LYS C 331 -30.75 -6.36 37.35
N GLU C 332 -31.54 -5.95 36.36
CA GLU C 332 -31.94 -6.82 35.27
C GLU C 332 -31.04 -6.66 34.04
N GLN C 333 -29.91 -5.98 34.17
CA GLN C 333 -29.00 -5.73 33.05
C GLN C 333 -27.60 -6.14 33.44
N PRO C 334 -27.31 -7.44 33.43
CA PRO C 334 -25.95 -7.90 33.74
C PRO C 334 -24.94 -7.34 32.76
N ASP C 335 -23.76 -7.00 33.28
CA ASP C 335 -22.71 -6.37 32.49
C ASP C 335 -21.77 -7.44 31.95
N LEU C 336 -21.40 -7.31 30.67
CA LEU C 336 -20.54 -8.27 30.02
C LEU C 336 -19.09 -8.09 30.47
N ASN C 337 -18.27 -9.09 30.14
CA ASN C 337 -16.86 -9.11 30.50
C ASN C 337 -16.04 -9.00 29.22
N PHE C 338 -15.49 -7.81 28.97
CA PHE C 338 -14.67 -7.56 27.80
C PHE C 338 -13.21 -7.92 28.00
N ARG C 339 -12.84 -8.46 29.16
CA ARG C 339 -11.53 -9.04 29.36
C ARG C 339 -11.48 -10.49 28.90
N ASN C 340 -12.60 -11.03 28.44
CA ASN C 340 -12.65 -12.36 27.87
C ASN C 340 -12.73 -12.24 26.35
N PRO C 341 -11.77 -12.78 25.60
CA PRO C 341 -11.80 -12.61 24.14
C PRO C 341 -13.04 -13.22 23.47
N ASP C 342 -13.67 -14.20 24.11
CA ASP C 342 -14.86 -14.82 23.51
C ASP C 342 -15.99 -13.81 23.38
N VAL C 343 -16.16 -12.94 24.38
CA VAL C 343 -17.19 -11.91 24.29
C VAL C 343 -16.91 -10.97 23.13
N GLN C 344 -15.64 -10.59 22.95
CA GLN C 344 -15.28 -9.75 21.82
C GLN C 344 -15.57 -10.45 20.49
N GLU C 345 -15.30 -11.75 20.41
CA GLU C 345 -15.60 -12.50 19.20
C GLU C 345 -17.10 -12.51 18.93
N GLU C 346 -17.91 -12.69 19.97
CA GLU C 346 -19.36 -12.67 19.81
C GLU C 346 -19.84 -11.31 19.33
N ILE C 347 -19.28 -10.22 19.89
CA ILE C 347 -19.67 -8.89 19.46
C ILE C 347 -19.29 -8.66 18.00
N LYS C 348 -18.10 -9.13 17.60
CA LYS C 348 -17.70 -9.02 16.20
C LYS C 348 -18.63 -9.81 15.29
N GLU C 349 -19.05 -11.00 15.73
CA GLU C 349 -20.00 -11.78 14.94
C GLU C 349 -21.32 -11.05 14.77
N ILE C 350 -21.82 -10.44 15.85
CA ILE C 350 -23.06 -9.68 15.76
C ILE C 350 -22.90 -8.49 14.81
N LEU C 351 -21.77 -7.80 14.89
CA LEU C 351 -21.51 -6.68 14.00
C LEU C 351 -21.48 -7.13 12.55
N ARG C 352 -20.83 -8.25 12.26
CA ARG C 352 -20.79 -8.77 10.91
C ARG C 352 -22.19 -9.16 10.43
N PHE C 353 -22.97 -9.79 11.30
CA PHE C 353 -24.32 -10.21 10.93
C PHE C 353 -25.18 -8.99 10.56
N TRP C 354 -25.07 -7.92 11.33
CA TRP C 354 -25.86 -6.73 11.00
C TRP C 354 -25.29 -5.98 9.81
N LEU C 355 -23.98 -6.05 9.59
CA LEU C 355 -23.39 -5.34 8.45
C LEU C 355 -23.71 -6.02 7.13
N THR C 356 -23.77 -7.36 7.12
CA THR C 356 -24.03 -8.08 5.88
C THR C 356 -25.47 -7.95 5.40
N LYS C 357 -26.36 -7.40 6.23
CA LYS C 357 -27.75 -7.24 5.82
C LYS C 357 -28.03 -5.92 5.13
N GLY C 358 -27.06 -5.02 5.07
CA GLY C 358 -27.21 -3.75 4.37
C GLY C 358 -27.16 -2.52 5.25
N VAL C 359 -27.02 -2.67 6.57
CA VAL C 359 -26.94 -1.50 7.44
C VAL C 359 -25.70 -0.69 7.09
N ASP C 360 -25.86 0.63 7.02
CA ASP C 360 -24.79 1.51 6.58
C ASP C 360 -23.98 2.10 7.72
N GLY C 361 -24.35 1.85 8.97
CA GLY C 361 -23.57 2.39 10.07
C GLY C 361 -24.18 2.07 11.42
N PHE C 362 -23.34 2.22 12.43
CA PHE C 362 -23.69 1.95 13.81
C PHE C 362 -23.40 3.16 14.67
N SER C 363 -24.19 3.30 15.74
CA SER C 363 -23.96 4.30 16.77
C SER C 363 -23.84 3.55 18.09
N LEU C 364 -22.62 3.49 18.62
CA LEU C 364 -22.36 2.73 19.84
C LEU C 364 -22.80 3.52 21.06
N ASP C 365 -23.53 2.87 21.96
CA ASP C 365 -24.08 3.51 23.14
C ASP C 365 -23.33 3.05 24.38
N ALA C 366 -22.96 4.02 25.23
CA ALA C 366 -22.35 3.75 26.54
C ALA C 366 -21.03 3.00 26.39
N VAL C 367 -20.10 3.60 25.64
CA VAL C 367 -18.78 3.01 25.48
C VAL C 367 -17.87 3.32 26.66
N LYS C 368 -18.16 4.36 27.44
CA LYS C 368 -17.34 4.70 28.58
C LYS C 368 -17.50 3.73 29.74
N PHE C 369 -18.52 2.87 29.71
CA PHE C 369 -18.79 1.94 30.80
C PHE C 369 -18.29 0.53 30.51
N LEU C 370 -17.47 0.36 29.48
CA LEU C 370 -17.08 -0.98 29.04
C LEU C 370 -16.22 -1.67 30.10
N LEU C 371 -15.07 -1.09 30.43
CA LEU C 371 -14.10 -1.72 31.31
C LEU C 371 -14.15 -1.11 32.71
N GLU C 372 -13.80 -1.93 33.70
CA GLU C 372 -13.70 -1.50 35.08
C GLU C 372 -12.40 -2.02 35.68
N ALA C 373 -11.98 -1.40 36.77
CA ALA C 373 -10.73 -1.78 37.43
C ALA C 373 -10.81 -3.19 37.99
N LYS C 374 -9.68 -3.90 37.95
CA LYS C 374 -9.61 -5.27 38.43
C LYS C 374 -9.29 -5.38 39.91
N HIS C 375 -8.71 -4.34 40.52
CA HIS C 375 -8.33 -4.42 41.92
C HIS C 375 -9.53 -4.30 42.85
N LEU C 376 -10.68 -3.84 42.35
CA LEU C 376 -11.93 -3.77 43.11
C LEU C 376 -11.75 -2.98 44.41
N ARG C 377 -11.31 -1.74 44.27
CA ARG C 377 -11.07 -0.86 45.40
C ARG C 377 -12.18 0.18 45.50
N ASP C 378 -12.42 0.65 46.72
CA ASP C 378 -13.47 1.63 46.96
C ASP C 378 -13.15 2.95 46.26
N GLU C 379 -14.20 3.66 45.88
CA GLU C 379 -14.06 4.95 45.22
C GLU C 379 -14.14 6.08 46.24
N ILE C 380 -13.56 7.22 45.89
CA ILE C 380 -13.43 8.34 46.81
C ILE C 380 -14.77 9.05 46.93
N GLN C 381 -15.22 9.26 48.17
CA GLN C 381 -16.45 9.99 48.40
C GLN C 381 -16.26 11.48 48.14
N VAL C 382 -17.32 12.13 47.65
CA VAL C 382 -17.28 13.58 47.51
C VAL C 382 -17.31 14.25 48.87
N ASN C 383 -18.11 13.73 49.81
CA ASN C 383 -18.19 14.24 51.17
C ASN C 383 -17.42 13.26 52.05
N LYS C 384 -16.18 13.59 52.39
CA LYS C 384 -15.30 12.66 53.09
C LYS C 384 -15.82 12.30 54.48
N THR C 385 -16.62 13.15 55.10
CA THR C 385 -17.12 12.90 56.45
C THR C 385 -18.49 12.22 56.45
N GLN C 386 -19.06 11.94 55.28
CA GLN C 386 -20.35 11.26 55.23
C GLN C 386 -20.20 9.82 55.71
N ILE C 387 -21.22 9.34 56.41
CA ILE C 387 -21.19 7.97 56.95
C ILE C 387 -21.18 6.98 55.79
N PRO C 388 -20.30 5.97 55.81
CA PRO C 388 -20.16 5.10 54.63
C PRO C 388 -21.41 4.33 54.25
N ASP C 389 -22.32 4.07 55.18
CA ASP C 389 -23.51 3.28 54.86
C ASP C 389 -24.70 4.13 54.46
N THR C 390 -24.55 5.46 54.40
CA THR C 390 -25.63 6.35 54.00
C THR C 390 -25.40 6.94 52.61
N VAL C 391 -24.51 6.37 51.83
CA VAL C 391 -24.24 6.82 50.46
C VAL C 391 -24.97 5.90 49.49
N THR C 392 -25.92 6.47 48.75
CA THR C 392 -26.69 5.71 47.78
C THR C 392 -26.87 6.41 46.43
N GLN C 393 -26.57 7.69 46.32
CA GLN C 393 -26.76 8.42 45.08
C GLN C 393 -25.50 8.33 44.22
N TYR C 394 -25.70 8.12 42.92
CA TYR C 394 -24.58 7.97 41.99
C TYR C 394 -23.72 9.23 41.92
N SER C 395 -24.24 10.38 42.33
CA SER C 395 -23.50 11.63 42.28
C SER C 395 -22.68 11.90 43.54
N GLU C 396 -22.66 10.96 44.49
CA GLU C 396 -21.94 11.13 45.74
C GLU C 396 -20.59 10.41 45.74
N LEU C 397 -20.13 9.95 44.57
CA LEU C 397 -18.85 9.26 44.49
C LEU C 397 -18.13 9.70 43.22
N TYR C 398 -16.82 9.87 43.32
CA TYR C 398 -15.99 10.09 42.15
C TYR C 398 -15.77 8.76 41.45
N HIS C 399 -16.04 8.72 40.14
CA HIS C 399 -16.01 7.48 39.38
C HIS C 399 -14.71 7.41 38.59
N ASP C 400 -13.65 6.95 39.27
CA ASP C 400 -12.35 6.77 38.64
C ASP C 400 -12.03 5.32 38.32
N PHE C 401 -12.69 4.37 38.96
CA PHE C 401 -12.42 2.95 38.77
C PHE C 401 -13.50 2.24 37.94
N THR C 402 -14.54 2.96 37.52
CA THR C 402 -15.64 2.34 36.79
C THR C 402 -15.89 2.96 35.42
N THR C 403 -15.26 4.07 35.08
CA THR C 403 -15.46 4.74 33.79
C THR C 403 -14.12 5.09 33.18
N THR C 404 -14.00 4.86 31.88
CA THR C 404 -12.84 5.23 31.09
C THR C 404 -11.56 4.63 31.69
N GLN C 405 -11.50 3.30 31.66
CA GLN C 405 -10.32 2.58 32.09
C GLN C 405 -9.34 2.43 30.92
N VAL C 406 -8.21 1.80 31.19
CA VAL C 406 -7.18 1.62 30.16
C VAL C 406 -7.55 0.43 29.29
N GLY C 407 -7.64 0.64 27.98
CA GLY C 407 -7.95 -0.40 27.03
C GLY C 407 -9.30 -0.27 26.34
N MET C 408 -10.17 0.62 26.81
CA MET C 408 -11.47 0.80 26.18
C MET C 408 -11.32 1.35 24.76
N HIS C 409 -10.43 2.33 24.59
CA HIS C 409 -10.19 2.88 23.26
C HIS C 409 -9.65 1.82 22.32
N ASP C 410 -8.88 0.86 22.84
CA ASP C 410 -8.43 -0.25 22.00
C ASP C 410 -9.61 -1.10 21.54
N ILE C 411 -10.61 -1.30 22.41
CA ILE C 411 -11.80 -2.04 22.01
C ILE C 411 -12.56 -1.28 20.92
N VAL C 412 -12.68 0.03 21.07
CA VAL C 412 -13.35 0.83 20.04
C VAL C 412 -12.61 0.75 18.72
N ARG C 413 -11.28 0.82 18.77
CA ARG C 413 -10.48 0.70 17.54
C ARG C 413 -10.61 -0.69 16.94
N SER C 414 -10.74 -1.73 17.77
CA SER C 414 -11.00 -3.06 17.25
C SER C 414 -12.34 -3.13 16.53
N PHE C 415 -13.36 -2.48 17.10
CA PHE C 415 -14.65 -2.42 16.42
C PHE C 415 -14.52 -1.72 15.07
N ARG C 416 -13.77 -0.61 15.02
CA ARG C 416 -13.56 0.09 13.76
C ARG C 416 -12.82 -0.78 12.75
N GLN C 417 -11.81 -1.52 13.21
CA GLN C 417 -11.09 -2.43 12.33
C GLN C 417 -12.00 -3.51 11.78
N THR C 418 -12.89 -4.05 12.63
CA THR C 418 -13.85 -5.04 12.17
C THR C 418 -14.78 -4.46 11.11
N MET C 419 -15.26 -3.23 11.33
CA MET C 419 -16.15 -2.60 10.36
C MET C 419 -15.41 -2.26 9.06
N ASP C 420 -14.10 -2.07 9.12
CA ASP C 420 -13.34 -1.70 7.93
C ASP C 420 -13.34 -2.78 6.86
N GLN C 421 -13.68 -4.03 7.20
CA GLN C 421 -13.66 -5.10 6.22
C GLN C 421 -14.76 -4.90 5.17
N TYR C 422 -15.91 -4.37 5.57
CA TYR C 422 -17.04 -4.17 4.68
C TYR C 422 -17.05 -2.79 4.04
N SER C 423 -15.98 -2.01 4.21
CA SER C 423 -15.93 -0.64 3.71
C SER C 423 -14.94 -0.47 2.56
N THR C 424 -14.60 -1.57 1.87
CA THR C 424 -13.66 -1.49 0.77
C THR C 424 -14.30 -1.10 -0.55
N GLU C 425 -15.55 -1.52 -0.78
CA GLU C 425 -16.24 -1.18 -2.02
C GLU C 425 -16.49 0.32 -2.09
N PRO C 426 -16.14 0.98 -3.19
CA PRO C 426 -16.38 2.43 -3.29
C PRO C 426 -17.86 2.75 -3.20
N GLY C 427 -18.17 3.87 -2.53
CA GLY C 427 -19.53 4.31 -2.36
C GLY C 427 -20.29 3.64 -1.23
N ARG C 428 -19.64 2.73 -0.49
CA ARG C 428 -20.28 2.02 0.61
C ARG C 428 -19.43 2.10 1.87
N TYR C 429 -18.91 3.28 2.16
CA TYR C 429 -18.21 3.48 3.43
C TYR C 429 -19.18 3.32 4.58
N ARG C 430 -18.70 2.72 5.67
CA ARG C 430 -19.52 2.44 6.84
C ARG C 430 -19.18 3.43 7.95
N PHE C 431 -20.19 4.15 8.42
CA PHE C 431 -20.03 5.15 9.46
C PHE C 431 -20.18 4.51 10.85
N MET C 432 -19.49 5.09 11.83
CA MET C 432 -19.65 4.63 13.21
C MET C 432 -19.31 5.78 14.14
N GLY C 433 -20.22 6.09 15.06
CA GLY C 433 -20.00 7.14 16.03
C GLY C 433 -20.29 6.64 17.44
N THR C 434 -19.82 7.41 18.41
CA THR C 434 -19.92 7.05 19.81
C THR C 434 -20.72 8.11 20.57
N GLU C 435 -21.34 7.68 21.67
CA GLU C 435 -22.15 8.55 22.52
C GLU C 435 -21.57 8.54 23.93
N ALA C 436 -21.10 9.70 24.38
CA ALA C 436 -20.66 9.92 25.75
C ALA C 436 -21.12 11.30 26.17
N TYR C 437 -21.99 11.37 27.17
CA TYR C 437 -22.75 12.58 27.44
C TYR C 437 -22.31 13.28 28.73
N ALA C 438 -22.32 12.57 29.87
CA ALA C 438 -21.92 13.17 31.14
C ALA C 438 -20.39 13.09 31.24
N GLU C 439 -19.73 13.96 30.48
CA GLU C 439 -18.28 13.94 30.37
C GLU C 439 -17.81 15.34 29.97
N SER C 440 -16.50 15.55 30.05
CA SER C 440 -15.88 16.83 29.72
C SER C 440 -15.44 16.82 28.25
N ILE C 441 -15.10 18.00 27.76
CA ILE C 441 -14.79 18.17 26.34
C ILE C 441 -13.46 17.49 26.01
N ASP C 442 -12.46 17.60 26.89
CA ASP C 442 -11.16 17.01 26.61
C ASP C 442 -11.23 15.49 26.52
N ARG C 443 -12.02 14.87 27.39
CA ARG C 443 -12.22 13.42 27.31
C ARG C 443 -13.16 13.03 26.19
N THR C 444 -13.98 13.95 25.70
CA THR C 444 -14.90 13.64 24.61
C THR C 444 -14.20 13.67 23.27
N VAL C 445 -13.33 14.66 23.04
CA VAL C 445 -12.63 14.77 21.77
C VAL C 445 -11.62 13.66 21.56
N MET C 446 -11.32 12.87 22.59
CA MET C 446 -10.37 11.77 22.44
C MET C 446 -10.90 10.67 21.52
N TYR C 447 -12.22 10.59 21.34
CA TYR C 447 -12.79 9.58 20.46
C TYR C 447 -12.52 9.88 18.99
N TYR C 448 -12.03 11.08 18.65
CA TYR C 448 -11.71 11.40 17.27
C TYR C 448 -10.55 10.57 16.75
N GLY C 449 -9.74 10.00 17.63
CA GLY C 449 -8.62 9.19 17.22
C GLY C 449 -7.31 9.95 17.20
N LEU C 450 -6.40 9.44 16.38
CA LEU C 450 -5.06 9.98 16.22
C LEU C 450 -4.75 10.12 14.74
N PRO C 451 -3.75 10.94 14.38
CA PRO C 451 -3.41 11.08 12.95
C PRO C 451 -3.00 9.78 12.28
N PHE C 452 -2.54 8.78 13.06
CA PHE C 452 -2.16 7.49 12.49
C PHE C 452 -3.01 6.34 12.99
N ILE C 453 -4.04 6.61 13.81
CA ILE C 453 -4.96 5.58 14.28
C ILE C 453 -6.38 6.07 14.05
N GLN C 454 -7.19 5.24 13.39
CA GLN C 454 -8.59 5.57 13.13
C GLN C 454 -9.45 4.98 14.26
N GLU C 455 -10.19 5.84 14.95
CA GLU C 455 -11.05 5.40 16.04
C GLU C 455 -12.53 5.59 15.73
N ALA C 456 -12.95 6.80 15.38
CA ALA C 456 -14.35 7.06 15.08
C ALA C 456 -14.44 8.23 14.10
N ASP C 457 -15.54 8.28 13.37
CA ASP C 457 -15.76 9.39 12.45
C ASP C 457 -15.95 10.70 13.20
N PHE C 458 -16.85 10.70 14.18
CA PHE C 458 -16.97 11.81 15.12
C PHE C 458 -17.79 11.35 16.31
N PRO C 459 -17.48 11.81 17.52
CA PRO C 459 -18.38 11.58 18.65
C PRO C 459 -19.56 12.54 18.59
N PHE C 460 -20.72 12.03 18.99
CA PHE C 460 -21.94 12.84 18.90
C PHE C 460 -21.87 14.00 19.88
N ASN C 461 -22.17 15.20 19.39
CA ASN C 461 -22.11 16.42 20.18
C ASN C 461 -23.51 16.80 20.65
N ASN C 462 -23.71 16.83 21.96
CA ASN C 462 -25.00 17.18 22.54
C ASN C 462 -24.89 18.31 23.55
N TYR C 463 -23.81 19.11 23.49
CA TYR C 463 -23.65 20.21 24.43
C TYR C 463 -24.71 21.28 24.25
N LEU C 464 -25.14 21.51 23.01
CA LEU C 464 -26.20 22.49 22.77
C LEU C 464 -27.51 22.07 23.42
N SER C 465 -27.82 20.77 23.35
CA SER C 465 -29.06 20.26 23.94
C SER C 465 -29.06 20.29 25.46
N MET C 466 -27.91 20.55 26.10
CA MET C 466 -27.84 20.63 27.54
C MET C 466 -28.17 22.01 28.08
N LEU C 467 -28.40 22.99 27.21
CA LEU C 467 -28.67 24.35 27.64
C LEU C 467 -30.12 24.48 28.09
N ASP C 468 -30.33 25.06 29.27
CA ASP C 468 -31.67 25.36 29.76
C ASP C 468 -32.05 26.81 29.56
N THR C 469 -31.08 27.68 29.27
CA THR C 469 -31.34 29.07 28.93
C THR C 469 -30.34 29.49 27.87
N VAL C 470 -30.70 30.52 27.10
CA VAL C 470 -29.91 30.91 25.95
C VAL C 470 -29.46 32.36 26.10
N SER C 471 -28.20 32.59 25.74
CA SER C 471 -27.63 33.93 25.66
C SER C 471 -26.44 33.85 24.71
N GLY C 472 -25.99 35.02 24.26
CA GLY C 472 -24.85 35.06 23.35
C GLY C 472 -23.62 34.42 23.95
N ASN C 473 -23.35 34.70 25.23
CA ASN C 473 -22.14 34.19 25.86
C ASN C 473 -22.13 32.68 25.94
N SER C 474 -23.25 32.07 26.33
CA SER C 474 -23.27 30.62 26.51
C SER C 474 -23.08 29.89 25.18
N VAL C 475 -23.81 30.29 24.15
CA VAL C 475 -23.67 29.67 22.84
C VAL C 475 -22.27 29.90 22.29
N TYR C 476 -21.74 31.11 22.49
CA TYR C 476 -20.37 31.40 22.06
C TYR C 476 -19.37 30.47 22.74
N GLU C 477 -19.52 30.28 24.06
CA GLU C 477 -18.61 29.39 24.78
C GLU C 477 -18.71 27.97 24.26
N VAL C 478 -19.93 27.47 24.05
CA VAL C 478 -20.08 26.10 23.56
C VAL C 478 -19.41 25.94 22.20
N ILE C 479 -19.71 26.84 21.27
CA ILE C 479 -19.18 26.73 19.92
C ILE C 479 -17.66 26.83 19.93
N THR C 480 -17.13 27.82 20.64
CA THR C 480 -15.68 28.00 20.68
C THR C 480 -14.98 26.83 21.34
N SER C 481 -15.54 26.31 22.44
CA SER C 481 -14.93 25.18 23.11
C SER C 481 -14.87 23.96 22.20
N TRP C 482 -16.00 23.63 21.53
CA TRP C 482 -15.98 22.48 20.65
C TRP C 482 -15.04 22.69 19.47
N MET C 483 -15.03 23.89 18.89
CA MET C 483 -14.22 24.11 17.70
C MET C 483 -12.73 24.25 18.02
N GLU C 484 -12.39 24.55 19.27
CA GLU C 484 -10.98 24.67 19.67
C GLU C 484 -10.42 23.35 20.19
N ASN C 485 -11.21 22.58 20.93
CA ASN C 485 -10.72 21.32 21.47
C ASN C 485 -10.71 20.20 20.44
N MET C 486 -11.37 20.38 19.30
CA MET C 486 -11.37 19.35 18.27
C MET C 486 -10.01 19.31 17.57
N PRO C 487 -9.50 18.12 17.25
CA PRO C 487 -8.27 18.03 16.47
C PRO C 487 -8.43 18.70 15.12
N GLU C 488 -7.34 19.31 14.65
CA GLU C 488 -7.37 20.06 13.40
C GLU C 488 -7.64 19.12 12.23
N GLY C 489 -8.55 19.53 11.35
CA GLY C 489 -8.87 18.76 10.16
C GLY C 489 -9.97 17.75 10.32
N LYS C 490 -10.64 17.69 11.47
CA LYS C 490 -11.70 16.74 11.72
C LYS C 490 -13.06 17.35 11.42
N TRP C 491 -14.08 16.50 11.39
CA TRP C 491 -15.43 16.90 11.01
C TRP C 491 -16.29 17.08 12.24
N PRO C 492 -16.77 18.28 12.54
CA PRO C 492 -17.65 18.47 13.71
C PRO C 492 -19.08 18.05 13.42
N ASN C 493 -19.89 18.09 14.47
CA ASN C 493 -21.31 17.77 14.38
C ASN C 493 -22.04 18.50 15.48
N TRP C 494 -23.37 18.62 15.33
CA TRP C 494 -24.18 19.38 16.27
C TRP C 494 -25.54 18.72 16.44
N MET C 495 -26.03 18.73 17.68
CA MET C 495 -27.40 18.33 17.99
C MET C 495 -28.01 19.38 18.91
N ILE C 496 -29.33 19.54 18.81
CA ILE C 496 -30.08 20.46 19.66
C ILE C 496 -31.16 19.75 20.46
N GLY C 497 -31.32 18.45 20.29
CA GLY C 497 -32.33 17.71 21.03
C GLY C 497 -32.10 16.22 20.89
N GLY C 498 -32.91 15.46 21.62
CA GLY C 498 -32.81 14.02 21.60
C GLY C 498 -33.90 13.35 22.42
N PRO C 499 -33.92 12.01 22.39
CA PRO C 499 -34.95 11.28 23.14
C PRO C 499 -34.78 11.35 24.65
N ASP C 500 -33.67 11.88 25.16
CA ASP C 500 -33.41 11.96 26.58
C ASP C 500 -33.30 13.41 27.05
N SER C 501 -33.90 14.33 26.30
CA SER C 501 -33.88 15.74 26.66
C SER C 501 -35.26 16.34 26.38
N SER C 502 -35.62 17.35 27.16
CA SER C 502 -36.88 18.04 26.94
C SER C 502 -36.87 18.74 25.59
N ARG C 503 -38.03 18.76 24.93
CA ARG C 503 -38.12 19.33 23.59
C ARG C 503 -37.83 20.82 23.62
N LEU C 504 -37.33 21.33 22.50
CA LEU C 504 -36.75 22.67 22.47
C LEU C 504 -37.79 23.75 22.79
N THR C 505 -38.99 23.62 22.23
CA THR C 505 -40.00 24.66 22.44
C THR C 505 -40.48 24.72 23.88
N SER C 506 -40.25 23.67 24.67
CA SER C 506 -40.56 23.70 26.09
C SER C 506 -39.35 24.04 26.94
N ARG C 507 -38.15 23.71 26.47
CA ARG C 507 -36.95 24.03 27.22
C ARG C 507 -36.65 25.53 27.18
N LEU C 508 -36.77 26.14 25.99
CA LEU C 508 -36.40 27.53 25.79
C LEU C 508 -37.55 28.44 25.43
N GLY C 509 -38.71 27.89 25.07
CA GLY C 509 -39.83 28.69 24.63
C GLY C 509 -40.05 28.60 23.13
N ASN C 510 -41.24 29.01 22.71
CA ASN C 510 -41.61 28.94 21.30
C ASN C 510 -40.78 29.91 20.45
N GLN C 511 -40.50 31.10 20.98
CA GLN C 511 -39.85 32.14 20.20
C GLN C 511 -38.49 31.73 19.67
N TYR C 512 -37.83 30.76 20.30
CA TYR C 512 -36.51 30.32 19.89
C TYR C 512 -36.53 29.12 18.96
N VAL C 513 -37.72 28.67 18.53
CA VAL C 513 -37.80 27.46 17.70
C VAL C 513 -37.12 27.70 16.36
N ASN C 514 -37.44 28.81 15.70
CA ASN C 514 -36.91 29.06 14.36
C ASN C 514 -35.40 29.30 14.39
N VAL C 515 -34.95 30.21 15.26
CA VAL C 515 -33.56 30.68 15.19
C VAL C 515 -32.59 29.53 15.42
N MET C 516 -32.88 28.66 16.40
CA MET C 516 -32.02 27.52 16.65
C MET C 516 -31.85 26.67 15.40
N ASN C 517 -32.95 26.45 14.66
CA ASN C 517 -32.86 25.70 13.42
C ASN C 517 -31.85 26.33 12.47
N MET C 518 -31.89 27.66 12.34
CA MET C 518 -30.90 28.35 11.51
C MET C 518 -29.50 28.09 12.04
N LEU C 519 -29.32 28.15 13.36
CA LEU C 519 -28.02 27.88 13.95
C LEU C 519 -27.56 26.48 13.61
N LEU C 520 -28.50 25.55 13.43
CA LEU C 520 -28.13 24.18 13.10
C LEU C 520 -27.64 24.05 11.66
N PHE C 521 -28.11 24.93 10.77
CA PHE C 521 -27.85 24.76 9.34
C PHE C 521 -26.82 25.73 8.80
N THR C 522 -26.09 26.44 9.66
CA THR C 522 -25.02 27.32 9.23
C THR C 522 -23.67 27.01 9.85
N LEU C 523 -23.64 26.30 10.97
CA LEU C 523 -22.37 25.91 11.56
C LEU C 523 -21.70 24.83 10.71
N PRO C 524 -20.37 24.79 10.69
CA PRO C 524 -19.69 23.74 9.94
C PRO C 524 -19.93 22.37 10.53
N GLY C 525 -19.91 21.37 9.67
CA GLY C 525 -20.11 19.99 10.08
C GLY C 525 -21.48 19.46 9.70
N THR C 526 -21.76 18.26 10.23
CA THR C 526 -23.00 17.57 9.93
C THR C 526 -24.06 17.91 10.97
N PRO C 527 -25.20 18.46 10.58
CA PRO C 527 -26.29 18.68 11.54
C PRO C 527 -27.16 17.45 11.72
N ILE C 528 -27.66 17.29 12.94
CA ILE C 528 -28.50 16.15 13.30
C ILE C 528 -29.81 16.69 13.85
N THR C 529 -30.92 16.16 13.36
CA THR C 529 -32.25 16.63 13.71
C THR C 529 -33.03 15.52 14.39
N TYR C 530 -33.62 15.84 15.54
CA TYR C 530 -34.53 14.92 16.21
C TYR C 530 -35.92 15.02 15.58
N TYR C 531 -36.61 13.88 15.51
CA TYR C 531 -37.91 13.86 14.84
C TYR C 531 -38.90 14.77 15.56
N GLY C 532 -39.68 15.50 14.77
CA GLY C 532 -40.65 16.44 15.31
C GLY C 532 -40.12 17.82 15.60
N GLU C 533 -38.80 18.03 15.46
CA GLU C 533 -38.24 19.35 15.72
C GLU C 533 -38.59 20.34 14.61
N GLU C 534 -38.73 19.86 13.38
CA GLU C 534 -39.09 20.75 12.28
C GLU C 534 -40.48 21.33 12.46
N ILE C 535 -41.43 20.51 12.95
CA ILE C 535 -42.78 21.00 13.22
C ILE C 535 -42.77 21.92 14.43
N GLY C 536 -42.05 21.53 15.49
CA GLY C 536 -42.04 22.32 16.71
C GLY C 536 -42.87 21.71 17.81
N MET C 537 -42.78 20.39 17.98
CA MET C 537 -43.54 19.71 19.01
C MET C 537 -43.04 20.10 20.40
N GLY C 538 -43.94 19.97 21.38
CA GLY C 538 -43.63 20.24 22.76
C GLY C 538 -43.80 19.01 23.63
N ASN C 539 -43.37 19.13 24.88
CA ASN C 539 -43.49 18.02 25.82
C ASN C 539 -44.96 17.79 26.19
N ILE C 540 -45.24 16.57 26.62
CA ILE C 540 -46.56 16.18 27.08
C ILE C 540 -46.51 16.00 28.59
N VAL C 541 -47.67 16.18 29.23
CA VAL C 541 -47.75 15.96 30.66
C VAL C 541 -47.47 14.50 30.97
N ALA C 542 -46.70 14.26 32.02
CA ALA C 542 -46.25 12.90 32.34
C ALA C 542 -47.43 12.00 32.68
N ALA C 543 -47.39 10.78 32.15
CA ALA C 543 -48.39 9.77 32.42
C ALA C 543 -47.70 8.45 32.72
N ASN C 544 -48.34 7.62 33.53
CA ASN C 544 -47.79 6.35 33.94
C ASN C 544 -48.27 5.23 33.03
N LEU C 545 -47.37 4.30 32.70
CA LEU C 545 -47.67 3.17 31.86
C LEU C 545 -47.43 1.87 32.62
N ASN C 546 -48.05 0.79 32.14
CA ASN C 546 -47.85 -0.50 32.74
C ASN C 546 -46.42 -0.99 32.56
N GLU C 547 -45.85 -0.78 31.37
CA GLU C 547 -44.48 -1.18 31.11
C GLU C 547 -43.51 -0.30 31.88
N SER C 548 -42.33 -0.85 32.16
CA SER C 548 -41.31 -0.14 32.92
C SER C 548 -40.67 0.92 32.04
N TYR C 549 -40.82 2.18 32.43
CA TYR C 549 -40.27 3.30 31.68
C TYR C 549 -39.85 4.38 32.66
N ASP C 550 -38.99 5.28 32.18
CA ASP C 550 -38.51 6.41 32.97
C ASP C 550 -39.48 7.57 32.79
N ILE C 551 -40.20 7.91 33.86
CA ILE C 551 -41.20 8.96 33.79
C ILE C 551 -40.59 10.33 33.53
N ASN C 552 -39.31 10.50 33.85
CA ASN C 552 -38.65 11.79 33.63
C ASN C 552 -38.23 12.01 32.19
N THR C 553 -38.33 10.99 31.32
CA THR C 553 -37.96 11.12 29.93
C THR C 553 -39.09 10.76 28.97
N LEU C 554 -40.25 10.31 29.46
CA LEU C 554 -41.37 10.01 28.59
C LEU C 554 -41.96 11.27 27.95
N ARG C 555 -41.61 12.45 28.47
CA ARG C 555 -42.16 13.70 27.96
C ARG C 555 -41.71 14.01 26.55
N SER C 556 -40.65 13.38 26.06
CA SER C 556 -40.09 13.68 24.75
C SER C 556 -40.26 12.52 23.77
N LYS C 557 -41.21 11.62 24.02
CA LYS C 557 -41.43 10.46 23.15
C LYS C 557 -42.86 10.37 22.66
N SER C 558 -43.55 11.51 22.56
CA SER C 558 -44.92 11.49 22.08
C SER C 558 -44.96 11.14 20.60
N PRO C 559 -46.07 10.55 20.13
CA PRO C 559 -46.15 10.15 18.72
C PRO C 559 -46.13 11.36 17.79
N MET C 560 -45.64 11.12 16.57
CA MET C 560 -45.58 12.18 15.56
C MET C 560 -46.99 12.67 15.23
N GLN C 561 -47.12 13.98 15.02
CA GLN C 561 -48.38 14.60 14.67
C GLN C 561 -48.39 14.87 13.16
N TRP C 562 -49.32 14.23 12.46
CA TRP C 562 -49.39 14.32 11.00
C TRP C 562 -50.52 15.22 10.52
N ASP C 563 -51.72 15.05 11.05
CA ASP C 563 -52.87 15.86 10.65
C ASP C 563 -53.86 15.88 11.81
N ASN C 564 -54.98 16.57 11.60
CA ASN C 564 -56.00 16.74 12.64
C ASN C 564 -57.09 15.68 12.51
N SER C 565 -56.68 14.43 12.57
CA SER C 565 -57.60 13.30 12.47
C SER C 565 -57.31 12.30 13.57
N SER C 566 -58.32 12.07 14.43
CA SER C 566 -58.23 11.09 15.51
C SER C 566 -56.97 11.26 16.34
N ASN C 567 -56.12 10.24 16.34
CA ASN C 567 -54.86 10.30 17.09
C ASN C 567 -53.79 11.00 16.28
N ALA C 568 -54.09 12.22 15.81
CA ALA C 568 -53.19 13.04 15.01
C ALA C 568 -52.70 12.33 13.76
N GLY C 569 -53.44 11.32 13.30
CA GLY C 569 -53.03 10.54 12.15
C GLY C 569 -51.94 9.53 12.42
N PHE C 570 -51.48 9.42 13.66
CA PHE C 570 -50.42 8.46 13.98
C PHE C 570 -50.93 7.03 13.89
N SER C 571 -52.15 6.78 14.32
CA SER C 571 -52.71 5.44 14.33
C SER C 571 -54.21 5.52 14.10
N GLU C 572 -54.78 4.39 13.66
CA GLU C 572 -56.22 4.26 13.48
C GLU C 572 -56.86 3.43 14.58
N ALA C 573 -56.14 3.18 15.67
CA ALA C 573 -56.63 2.38 16.77
C ALA C 573 -57.29 3.26 17.83
N SER C 574 -58.06 2.62 18.70
CA SER C 574 -58.76 3.36 19.75
C SER C 574 -57.79 4.00 20.73
N ASN C 575 -56.73 3.29 21.10
CA ASN C 575 -55.78 3.77 22.10
C ASN C 575 -54.36 3.61 21.58
N THR C 576 -53.53 4.61 21.86
CA THR C 576 -52.11 4.57 21.56
C THR C 576 -51.32 4.26 22.83
N TRP C 577 -50.07 3.85 22.63
CA TRP C 577 -49.23 3.49 23.78
C TRP C 577 -48.90 4.71 24.64
N LEU C 578 -48.89 5.90 24.03
CA LEU C 578 -48.73 7.15 24.75
C LEU C 578 -49.78 8.14 24.31
N PRO C 579 -50.25 9.00 25.21
CA PRO C 579 -51.21 10.03 24.81
C PRO C 579 -50.58 11.02 23.84
N THR C 580 -51.41 11.52 22.93
CA THR C 580 -50.98 12.52 21.96
C THR C 580 -51.12 13.91 22.56
N ASN C 581 -50.25 14.81 22.12
CA ASN C 581 -50.30 16.18 22.61
C ASN C 581 -51.63 16.84 22.24
N SER C 582 -52.13 17.67 23.16
CA SER C 582 -53.47 18.24 23.02
C SER C 582 -53.54 19.39 22.02
N ASP C 583 -52.40 19.85 21.50
CA ASP C 583 -52.37 20.95 20.56
C ASP C 583 -52.25 20.49 19.11
N TYR C 584 -52.44 19.19 18.85
CA TYR C 584 -52.30 18.67 17.50
C TYR C 584 -53.35 19.22 16.54
N HIS C 585 -54.45 19.78 17.06
CA HIS C 585 -55.47 20.36 16.20
C HIS C 585 -54.97 21.57 15.44
N THR C 586 -53.89 22.20 15.90
CA THR C 586 -53.33 23.38 15.24
C THR C 586 -51.85 23.26 14.93
N VAL C 587 -51.20 22.18 15.36
CA VAL C 587 -49.77 21.97 15.14
C VAL C 587 -49.60 20.57 14.58
N ASN C 588 -49.50 20.45 13.26
CA ASN C 588 -49.26 19.17 12.62
C ASN C 588 -48.66 19.42 11.24
N VAL C 589 -48.20 18.33 10.62
CA VAL C 589 -47.53 18.44 9.32
C VAL C 589 -48.49 18.97 8.26
N ASP C 590 -49.73 18.49 8.27
CA ASP C 590 -50.65 18.80 7.18
C ASP C 590 -50.96 20.30 7.11
N VAL C 591 -51.23 20.92 8.25
CA VAL C 591 -51.62 22.33 8.23
C VAL C 591 -50.43 23.21 7.88
N GLN C 592 -49.22 22.80 8.23
CA GLN C 592 -48.05 23.65 8.00
C GLN C 592 -47.56 23.61 6.56
N LYS C 593 -47.99 22.62 5.77
CA LYS C 593 -47.61 22.58 4.36
C LYS C 593 -48.32 23.63 3.53
N THR C 594 -49.38 24.25 4.07
CA THR C 594 -50.11 25.31 3.38
C THR C 594 -49.74 26.70 3.89
N GLN C 595 -49.49 26.84 5.19
CA GLN C 595 -49.12 28.13 5.74
C GLN C 595 -47.73 28.53 5.23
N PRO C 596 -47.57 29.75 4.72
CA PRO C 596 -46.26 30.21 4.24
C PRO C 596 -45.33 30.72 5.33
N ARG C 597 -45.79 30.79 6.57
CA ARG C 597 -44.97 31.29 7.67
C ARG C 597 -44.64 30.20 8.70
N SER C 598 -44.94 28.94 8.39
CA SER C 598 -44.73 27.86 9.33
C SER C 598 -43.25 27.51 9.44
N ALA C 599 -42.91 26.79 10.51
CA ALA C 599 -41.52 26.38 10.74
C ALA C 599 -41.07 25.35 9.71
N LEU C 600 -42.00 24.54 9.19
CA LEU C 600 -41.63 23.54 8.20
C LEU C 600 -41.07 24.17 6.93
N LYS C 601 -41.69 25.27 6.49
CA LYS C 601 -41.20 25.96 5.29
C LYS C 601 -39.79 26.50 5.51
N LEU C 602 -39.54 27.10 6.68
CA LEU C 602 -38.22 27.62 7.00
C LEU C 602 -37.20 26.49 7.05
N TYR C 603 -37.57 25.36 7.66
CA TYR C 603 -36.67 24.21 7.71
C TYR C 603 -36.33 23.71 6.32
N GLN C 604 -37.33 23.60 5.45
CA GLN C 604 -37.07 23.15 4.08
C GLN C 604 -36.18 24.13 3.33
N ASP C 605 -36.43 25.42 3.50
CA ASP C 605 -35.61 26.42 2.83
C ASP C 605 -34.16 26.36 3.31
N LEU C 606 -33.97 26.22 4.63
CA LEU C 606 -32.61 26.12 5.16
C LEU C 606 -31.91 24.87 4.67
N SER C 607 -32.62 23.74 4.65
CA SER C 607 -32.02 22.49 4.15
C SER C 607 -31.63 22.61 2.69
N LEU C 608 -32.50 23.21 1.86
CA LEU C 608 -32.18 23.38 0.45
C LEU C 608 -30.99 24.31 0.27
N LEU C 609 -30.94 25.41 1.03
CA LEU C 609 -29.83 26.33 0.94
C LEU C 609 -28.51 25.66 1.34
N HIS C 610 -28.54 24.85 2.40
CA HIS C 610 -27.35 24.12 2.80
C HIS C 610 -26.92 23.10 1.75
N ALA C 611 -27.89 22.42 1.11
CA ALA C 611 -27.56 21.40 0.13
C ALA C 611 -27.10 21.98 -1.21
N ASN C 612 -27.49 23.21 -1.54
CA ASN C 612 -27.18 23.79 -2.84
C ASN C 612 -26.18 24.94 -2.77
N GLU C 613 -25.31 24.95 -1.76
CA GLU C 613 -24.30 26.00 -1.63
C GLU C 613 -23.00 25.39 -1.13
N LEU C 614 -21.92 25.65 -1.85
CA LEU C 614 -20.60 25.20 -1.39
C LEU C 614 -20.16 25.95 -0.15
N LEU C 615 -20.61 27.19 0.01
CA LEU C 615 -20.19 28.01 1.15
C LEU C 615 -20.69 27.45 2.48
N LEU C 616 -21.74 26.63 2.47
CA LEU C 616 -22.33 26.12 3.70
C LEU C 616 -21.88 24.70 4.03
N ASN C 617 -21.87 23.80 3.06
CA ASN C 617 -21.40 22.44 3.27
C ASN C 617 -19.88 22.35 3.27
N ARG C 618 -19.19 23.44 2.96
CA ARG C 618 -17.73 23.47 2.94
C ARG C 618 -17.29 24.92 3.13
N GLY C 619 -16.00 25.09 3.39
CA GLY C 619 -15.43 26.42 3.50
C GLY C 619 -15.15 26.81 4.94
N TRP C 620 -14.51 27.97 5.07
CA TRP C 620 -14.07 28.47 6.36
C TRP C 620 -15.25 28.86 7.23
N PHE C 621 -15.01 28.87 8.54
CA PHE C 621 -15.97 29.36 9.53
C PHE C 621 -15.23 30.34 10.42
N CYS C 622 -15.55 31.62 10.33
CA CYS C 622 -14.85 32.65 11.06
C CYS C 622 -15.82 33.37 11.99
N HIS C 623 -15.52 33.34 13.29
CA HIS C 623 -16.38 33.92 14.30
C HIS C 623 -15.74 35.19 14.87
N LEU C 624 -16.57 36.18 15.17
CA LEU C 624 -16.10 37.44 15.72
C LEU C 624 -16.13 37.38 17.24
N ARG C 625 -15.99 38.54 17.88
CA ARG C 625 -15.91 38.60 19.34
C ARG C 625 -17.25 38.22 19.97
N ASN C 626 -17.18 37.79 21.22
CA ASN C 626 -18.36 37.42 21.98
C ASN C 626 -19.21 38.65 22.28
N ASP C 627 -20.50 38.41 22.54
CA ASP C 627 -21.42 39.46 22.94
C ASP C 627 -22.51 38.85 23.80
N SER C 628 -23.10 39.70 24.65
CA SER C 628 -24.14 39.23 25.56
C SER C 628 -25.46 38.99 24.86
N HIS C 629 -25.71 39.69 23.75
CA HIS C 629 -27.00 39.64 23.07
C HIS C 629 -26.99 38.80 21.81
N TYR C 630 -26.03 39.01 20.91
CA TYR C 630 -26.07 38.43 19.59
C TYR C 630 -24.80 37.64 19.28
N VAL C 631 -24.93 36.71 18.35
CA VAL C 631 -23.83 35.92 17.83
C VAL C 631 -23.73 36.17 16.33
N VAL C 632 -22.54 36.56 15.87
CA VAL C 632 -22.32 36.90 14.47
C VAL C 632 -21.11 36.12 13.99
N TYR C 633 -21.24 35.46 12.84
CA TYR C 633 -20.10 34.79 12.23
C TYR C 633 -20.26 34.80 10.71
N THR C 634 -19.22 34.30 10.02
CA THR C 634 -19.17 34.35 8.58
C THR C 634 -18.69 33.01 8.03
N ARG C 635 -19.19 32.69 6.83
CA ARG C 635 -18.74 31.55 6.04
C ARG C 635 -18.25 32.06 4.69
N GLU C 636 -17.11 31.53 4.25
CA GLU C 636 -16.48 32.02 3.03
C GLU C 636 -15.62 30.91 2.44
N LEU C 637 -15.24 31.10 1.18
CA LEU C 637 -14.37 30.17 0.49
C LEU C 637 -13.45 30.97 -0.43
N ASP C 638 -12.31 30.37 -0.77
CA ASP C 638 -11.31 31.03 -1.60
C ASP C 638 -11.73 30.98 -3.06
N GLY C 639 -11.79 32.13 -3.70
CA GLY C 639 -12.13 32.21 -5.11
C GLY C 639 -13.59 32.23 -5.43
N ILE C 640 -14.45 32.54 -4.46
CA ILE C 640 -15.89 32.61 -4.69
C ILE C 640 -16.32 34.07 -4.80
N ASP C 641 -15.60 34.95 -4.10
CA ASP C 641 -15.88 36.38 -4.01
C ASP C 641 -17.21 36.68 -3.34
N ARG C 642 -17.79 35.72 -2.64
CA ARG C 642 -19.02 35.92 -1.89
C ARG C 642 -18.86 35.33 -0.49
N ILE C 643 -19.52 35.96 0.47
CA ILE C 643 -19.50 35.51 1.86
C ILE C 643 -20.92 35.50 2.40
N PHE C 644 -21.16 34.62 3.37
CA PHE C 644 -22.40 34.61 4.12
C PHE C 644 -22.13 35.13 5.52
N ILE C 645 -22.93 36.10 5.97
CA ILE C 645 -22.85 36.66 7.30
C ILE C 645 -24.10 36.25 8.06
N VAL C 646 -23.93 35.46 9.11
CA VAL C 646 -25.03 34.96 9.92
C VAL C 646 -25.07 35.75 11.22
N VAL C 647 -26.21 36.36 11.50
CA VAL C 647 -26.43 37.14 12.72
C VAL C 647 -27.65 36.56 13.43
N LEU C 648 -27.49 36.25 14.71
CA LEU C 648 -28.56 35.69 15.52
C LEU C 648 -28.68 36.48 16.81
N ASN C 649 -29.91 36.78 17.22
CA ASN C 649 -30.17 37.51 18.46
C ASN C 649 -30.74 36.54 19.48
N PHE C 650 -29.95 36.26 20.51
CA PHE C 650 -30.36 35.32 21.57
C PHE C 650 -30.82 36.02 22.84
N GLY C 651 -30.72 37.35 22.90
CA GLY C 651 -31.15 38.07 24.08
C GLY C 651 -32.50 38.75 23.90
N GLU C 652 -32.53 40.06 24.12
CA GLU C 652 -33.75 40.85 23.96
C GLU C 652 -33.67 41.65 22.67
N SER C 653 -34.77 42.33 22.35
CA SER C 653 -34.80 43.22 21.20
C SER C 653 -33.77 44.33 21.38
N THR C 654 -33.00 44.60 20.33
CA THR C 654 -31.90 45.55 20.44
C THR C 654 -31.55 46.08 19.05
N LEU C 655 -30.48 46.87 19.01
CA LEU C 655 -30.00 47.50 17.78
C LEU C 655 -28.54 47.12 17.58
N LEU C 656 -28.16 46.93 16.31
CA LEU C 656 -26.83 46.46 15.96
C LEU C 656 -26.25 47.34 14.85
N ASN C 657 -24.95 47.59 14.92
CA ASN C 657 -24.22 48.35 13.91
C ASN C 657 -23.11 47.45 13.38
N LEU C 658 -23.31 46.89 12.19
CA LEU C 658 -22.33 45.97 11.62
C LEU C 658 -21.03 46.66 11.21
N HIS C 659 -21.05 47.99 11.07
CA HIS C 659 -19.84 48.70 10.66
C HIS C 659 -18.73 48.56 11.71
N ASN C 660 -19.09 48.63 12.98
CA ASN C 660 -18.09 48.48 14.04
C ASN C 660 -17.47 47.09 14.01
N MET C 661 -18.29 46.06 13.86
CA MET C 661 -17.78 44.69 13.93
C MET C 661 -17.03 44.31 12.65
N ILE C 662 -17.56 44.68 11.49
CA ILE C 662 -16.93 44.39 10.21
C ILE C 662 -16.79 45.68 9.41
N SER C 663 -15.60 45.90 8.85
CA SER C 663 -15.30 47.09 8.08
C SER C 663 -15.36 46.79 6.60
N GLY C 664 -15.86 47.76 5.82
CA GLY C 664 -15.94 47.61 4.39
C GLY C 664 -17.26 47.03 3.91
N LEU C 665 -18.37 47.65 4.32
CA LEU C 665 -19.70 47.19 3.94
C LEU C 665 -20.51 48.35 3.40
N PRO C 666 -21.43 48.08 2.47
CA PRO C 666 -22.29 49.14 1.94
C PRO C 666 -23.31 49.60 2.98
N ALA C 667 -23.90 50.77 2.70
CA ALA C 667 -24.89 51.33 3.62
C ALA C 667 -26.13 50.46 3.71
N LYS C 668 -26.53 49.83 2.61
CA LYS C 668 -27.73 48.99 2.58
C LYS C 668 -27.36 47.58 2.15
N MET C 669 -28.00 46.60 2.77
CA MET C 669 -27.76 45.20 2.48
C MET C 669 -29.09 44.47 2.29
N ARG C 670 -29.05 43.40 1.50
CA ARG C 670 -30.24 42.63 1.16
C ARG C 670 -30.23 41.32 1.93
N ILE C 671 -31.35 41.02 2.60
CA ILE C 671 -31.46 39.81 3.39
C ILE C 671 -31.67 38.62 2.47
N ARG C 672 -30.78 37.64 2.54
CA ARG C 672 -30.94 36.40 1.79
C ARG C 672 -31.96 35.46 2.43
N LEU C 673 -32.01 35.42 3.77
CA LEU C 673 -32.95 34.58 4.48
C LEU C 673 -33.09 35.09 5.90
N SER C 674 -34.30 34.93 6.46
CA SER C 674 -34.59 35.41 7.80
C SER C 674 -35.59 34.47 8.46
N THR C 675 -35.56 34.45 9.80
CA THR C 675 -36.53 33.65 10.53
C THR C 675 -37.95 34.14 10.29
N ASN C 676 -38.13 35.46 10.27
CA ASN C 676 -39.42 36.05 9.90
C ASN C 676 -39.49 36.06 8.38
N SER C 677 -40.26 35.12 7.83
CA SER C 677 -40.25 34.89 6.38
C SER C 677 -40.79 36.08 5.60
N ALA C 678 -41.51 37.00 6.25
CA ALA C 678 -42.05 38.16 5.55
C ALA C 678 -40.98 39.15 5.10
N ASP C 679 -39.77 39.05 5.64
CA ASP C 679 -38.70 39.99 5.33
C ASP C 679 -37.70 39.44 4.32
N LYS C 680 -38.00 38.31 3.68
CA LYS C 680 -37.09 37.73 2.71
C LYS C 680 -36.95 38.65 1.51
N GLY C 681 -35.70 38.97 1.15
CA GLY C 681 -35.42 39.83 0.02
C GLY C 681 -35.46 41.32 0.31
N SER C 682 -35.79 41.71 1.54
CA SER C 682 -35.89 43.13 1.87
C SER C 682 -34.50 43.75 2.03
N LYS C 683 -34.49 45.08 2.11
CA LYS C 683 -33.27 45.85 2.30
C LYS C 683 -33.24 46.44 3.71
N VAL C 684 -32.07 46.39 4.34
CA VAL C 684 -31.87 46.94 5.67
C VAL C 684 -30.64 47.83 5.65
N ASP C 685 -30.57 48.72 6.63
CA ASP C 685 -29.44 49.63 6.77
C ASP C 685 -28.37 48.98 7.63
N THR C 686 -27.11 49.10 7.19
CA THR C 686 -26.02 48.43 7.89
C THR C 686 -25.87 48.92 9.32
N SER C 687 -25.98 50.24 9.52
CA SER C 687 -25.85 50.84 10.84
C SER C 687 -27.26 51.10 11.38
N GLY C 688 -27.74 50.20 12.24
CA GLY C 688 -29.07 50.35 12.79
C GLY C 688 -29.99 49.18 12.55
N ILE C 689 -29.44 47.98 12.39
CA ILE C 689 -30.26 46.79 12.24
C ILE C 689 -31.02 46.54 13.54
N PHE C 690 -32.34 46.46 13.45
CA PHE C 690 -33.20 46.29 14.62
C PHE C 690 -33.60 44.82 14.71
N LEU C 691 -33.30 44.19 15.85
CA LEU C 691 -33.55 42.77 16.04
C LEU C 691 -34.52 42.55 17.18
N ASP C 692 -35.44 41.61 16.99
CA ASP C 692 -36.40 41.21 18.00
C ASP C 692 -35.89 40.00 18.76
N LYS C 693 -36.58 39.66 19.84
CA LYS C 693 -36.21 38.51 20.66
C LYS C 693 -36.35 37.23 19.86
N GLY C 694 -35.22 36.58 19.56
CA GLY C 694 -35.23 35.37 18.77
C GLY C 694 -35.35 35.62 17.28
N GLU C 695 -34.38 36.34 16.72
CA GLU C 695 -34.38 36.70 15.31
C GLU C 695 -33.06 36.26 14.67
N GLY C 696 -33.12 35.96 13.38
CA GLY C 696 -31.93 35.53 12.66
C GLY C 696 -31.91 36.01 11.23
N LEU C 697 -30.75 36.49 10.77
CA LEU C 697 -30.59 37.00 9.43
C LEU C 697 -29.34 36.40 8.78
N ILE C 698 -29.45 36.10 7.49
CA ILE C 698 -28.33 35.63 6.70
C ILE C 698 -28.15 36.62 5.55
N PHE C 699 -27.04 37.35 5.55
CA PHE C 699 -26.73 38.27 4.48
C PHE C 699 -25.73 37.63 3.52
N GLU C 700 -25.93 37.88 2.24
CA GLU C 700 -25.01 37.46 1.20
C GLU C 700 -24.28 38.69 0.68
N HIS C 701 -22.95 38.70 0.83
CA HIS C 701 -22.16 39.88 0.52
C HIS C 701 -21.13 39.55 -0.55
N ASN C 702 -21.00 40.46 -1.51
CA ASN C 702 -20.01 40.33 -2.59
C ASN C 702 -18.81 41.19 -2.24
N THR C 703 -17.65 40.55 -2.09
CA THR C 703 -16.43 41.26 -1.73
C THR C 703 -15.25 40.36 -2.05
N LYS C 704 -14.05 40.84 -1.74
CA LYS C 704 -12.82 40.09 -1.95
C LYS C 704 -11.92 40.06 -0.73
N ASN C 705 -12.32 40.67 0.38
CA ASN C 705 -11.51 40.74 1.60
C ASN C 705 -11.98 39.64 2.56
N LEU C 706 -11.53 38.42 2.30
CA LEU C 706 -11.87 37.30 3.16
C LEU C 706 -11.19 37.47 4.52
N LEU C 707 -11.94 37.16 5.58
CA LEU C 707 -11.44 37.37 6.94
C LEU C 707 -10.26 36.46 7.25
N HIS C 708 -10.32 35.20 6.81
CA HIS C 708 -9.30 34.23 7.18
C HIS C 708 -7.94 34.54 6.58
N ARG C 709 -7.87 35.44 5.60
CA ARG C 709 -6.59 35.87 5.06
C ARG C 709 -6.01 37.08 5.79
N GLN C 710 -6.83 37.80 6.55
CA GLN C 710 -6.35 38.95 7.30
C GLN C 710 -5.57 38.48 8.53
N THR C 711 -4.70 39.36 9.03
CA THR C 711 -3.81 38.99 10.12
C THR C 711 -4.54 38.94 11.47
N ALA C 712 -5.61 39.70 11.64
CA ALA C 712 -6.27 39.74 12.93
C ALA C 712 -7.13 38.50 13.17
N PHE C 713 -7.49 37.78 12.11
CA PHE C 713 -8.46 36.70 12.22
C PHE C 713 -7.91 35.33 11.84
N ARG C 714 -6.59 35.16 11.75
CA ARG C 714 -6.09 33.81 11.49
C ARG C 714 -6.26 32.88 12.68
N ASP C 715 -6.53 33.40 13.87
CA ASP C 715 -6.68 32.59 15.06
C ASP C 715 -8.12 32.21 15.35
N ARG C 716 -9.07 32.60 14.50
CA ARG C 716 -10.48 32.36 14.75
C ARG C 716 -11.17 31.86 13.48
N CYS C 717 -10.49 31.01 12.72
CA CYS C 717 -11.06 30.44 11.50
C CYS C 717 -10.61 28.99 11.40
N PHE C 718 -11.53 28.10 10.99
CA PHE C 718 -11.25 26.67 10.95
C PHE C 718 -11.83 26.07 9.68
N VAL C 719 -11.19 25.01 9.20
CA VAL C 719 -11.65 24.25 8.04
C VAL C 719 -11.39 22.77 8.25
N SER C 720 -12.08 21.96 7.45
CA SER C 720 -11.75 20.55 7.25
C SER C 720 -11.85 20.27 5.77
N ASN C 721 -10.86 19.57 5.23
CA ASN C 721 -10.76 19.29 3.79
C ASN C 721 -10.73 20.61 2.99
N ARG C 722 -9.65 21.36 3.22
CA ARG C 722 -9.47 22.64 2.57
C ARG C 722 -9.43 22.49 1.05
N ALA C 723 -10.05 23.44 0.36
CA ALA C 723 -10.06 23.43 -1.09
C ALA C 723 -10.28 24.86 -1.60
N CYS C 724 -9.94 25.09 -2.86
CA CYS C 724 -10.12 26.37 -3.51
C CYS C 724 -10.85 26.16 -4.83
N TYR C 725 -11.68 27.14 -5.19
CA TYR C 725 -12.55 27.04 -6.36
C TYR C 725 -12.07 27.96 -7.46
N SER C 726 -11.99 27.44 -8.68
CA SER C 726 -11.63 28.22 -9.86
C SER C 726 -12.87 28.36 -10.74
N SER C 727 -13.34 29.60 -10.88
CA SER C 727 -14.53 29.86 -11.69
C SER C 727 -14.21 29.82 -13.19
N VAL C 728 -13.01 30.27 -13.58
CA VAL C 728 -12.63 30.21 -14.98
C VAL C 728 -12.61 28.77 -15.47
N LEU C 729 -12.01 27.88 -14.69
CA LEU C 729 -12.05 26.46 -14.99
C LEU C 729 -13.22 25.75 -14.35
N ASN C 730 -13.89 26.39 -13.38
CA ASN C 730 -15.05 25.83 -12.70
C ASN C 730 -14.73 24.48 -12.07
N ILE C 731 -13.64 24.44 -11.30
CA ILE C 731 -13.15 23.21 -10.69
C ILE C 731 -12.68 23.52 -9.27
N LEU C 732 -12.20 22.49 -8.58
CA LEU C 732 -11.64 22.60 -7.24
C LEU C 732 -10.22 22.08 -7.23
N TYR C 733 -9.33 22.79 -6.54
CA TYR C 733 -7.93 22.41 -6.44
C TYR C 733 -7.42 22.68 -5.03
N THR C 734 -6.37 21.96 -4.66
CA THR C 734 -5.85 21.98 -3.30
C THR C 734 -4.82 23.08 -3.06
N SER C 735 -3.88 23.26 -3.99
CA SER C 735 -2.79 24.21 -3.80
C SER C 735 -3.31 25.64 -3.92
N CYS C 736 -3.21 26.39 -2.84
CA CYS C 736 -3.66 27.78 -2.84
C CYS C 736 -2.58 28.71 -2.29
N TRP D 44 -21.57 -21.90 -40.16
CA TRP D 44 -20.71 -21.13 -41.06
C TRP D 44 -20.15 -19.91 -40.34
N TRP D 45 -18.99 -19.43 -40.79
CA TRP D 45 -18.29 -18.33 -40.16
C TRP D 45 -18.81 -16.96 -40.61
N GLY D 46 -19.65 -16.91 -41.65
CA GLY D 46 -20.19 -15.64 -42.09
C GLY D 46 -21.00 -14.95 -41.03
N THR D 47 -21.88 -15.69 -40.36
CA THR D 47 -22.63 -15.13 -39.24
C THR D 47 -21.72 -14.75 -38.08
N SER D 48 -20.61 -15.46 -37.89
CA SER D 48 -19.66 -15.09 -36.85
C SER D 48 -19.05 -13.72 -37.14
N PHE D 49 -18.58 -13.51 -38.37
CA PHE D 49 -18.06 -12.21 -38.74
C PHE D 49 -19.13 -11.14 -38.64
N LEU D 50 -20.37 -11.47 -39.04
CA LEU D 50 -21.46 -10.50 -38.98
C LEU D 50 -21.72 -10.06 -37.54
N LEU D 51 -21.80 -11.01 -36.60
CA LEU D 51 -22.05 -10.65 -35.21
C LEU D 51 -20.87 -9.90 -34.61
N ILE D 52 -19.64 -10.28 -34.97
CA ILE D 52 -18.46 -9.57 -34.48
C ILE D 52 -18.49 -8.12 -34.94
N ASN D 53 -18.93 -7.88 -36.17
CA ASN D 53 -19.09 -6.51 -36.64
C ASN D 53 -20.23 -5.81 -35.92
N ILE D 54 -21.34 -6.52 -35.68
CA ILE D 54 -22.55 -5.89 -35.18
C ILE D 54 -22.39 -5.45 -33.72
N ILE D 55 -21.69 -6.24 -32.90
CA ILE D 55 -21.72 -6.02 -31.46
C ILE D 55 -21.29 -4.60 -31.10
N GLY D 56 -20.27 -4.08 -31.77
CA GLY D 56 -19.94 -2.67 -31.63
C GLY D 56 -19.47 -2.31 -30.24
N ALA D 57 -19.73 -1.06 -29.84
CA ALA D 57 -19.27 -0.57 -28.55
C ALA D 57 -20.29 0.26 -27.78
N GLY D 58 -21.51 0.46 -28.31
CA GLY D 58 -22.49 1.25 -27.61
C GLY D 58 -23.08 0.59 -26.39
N ILE D 59 -23.01 -0.75 -26.33
CA ILE D 59 -23.62 -1.49 -25.23
C ILE D 59 -23.05 -1.06 -23.88
N PHE D 60 -21.87 -0.46 -23.87
CA PHE D 60 -21.24 -0.03 -22.62
C PHE D 60 -21.82 1.26 -22.06
N VAL D 61 -22.53 2.06 -22.85
CA VAL D 61 -23.00 3.36 -22.43
C VAL D 61 -24.51 3.44 -22.35
N SER D 62 -25.22 2.77 -23.26
CA SER D 62 -26.68 2.89 -23.33
C SER D 62 -27.43 2.51 -22.05
N PRO D 63 -27.06 1.47 -21.30
CA PRO D 63 -27.94 1.05 -20.19
C PRO D 63 -28.30 2.16 -19.21
N LYS D 64 -27.39 3.11 -18.98
CA LYS D 64 -27.74 4.26 -18.16
C LYS D 64 -28.73 5.17 -18.87
N GLY D 65 -28.40 5.61 -20.08
CA GLY D 65 -29.23 6.58 -20.78
C GLY D 65 -30.66 6.12 -20.96
N VAL D 66 -30.85 4.88 -21.42
CA VAL D 66 -32.20 4.32 -21.54
C VAL D 66 -32.89 4.31 -20.19
N LEU D 67 -32.15 3.94 -19.14
CA LEU D 67 -32.71 4.00 -17.79
C LEU D 67 -32.75 5.44 -17.28
N ALA D 68 -31.94 6.33 -17.85
CA ALA D 68 -32.05 7.74 -17.51
C ALA D 68 -33.42 8.29 -17.88
N TYR D 69 -33.90 7.93 -19.07
CA TYR D 69 -35.27 8.21 -19.46
C TYR D 69 -36.18 7.09 -18.95
N SER D 70 -37.48 7.28 -19.16
CA SER D 70 -38.55 6.40 -18.69
C SER D 70 -38.69 6.40 -17.17
N CYS D 71 -37.82 7.12 -16.45
CA CYS D 71 -37.93 7.31 -15.01
C CYS D 71 -37.90 5.97 -14.25
N MET D 72 -36.79 5.26 -14.42
CA MET D 72 -36.46 4.06 -13.65
C MET D 72 -37.52 2.96 -13.76
N ASN D 73 -38.11 2.78 -14.93
CA ASN D 73 -39.08 1.70 -15.15
C ASN D 73 -38.39 0.59 -15.94
N VAL D 74 -38.20 -0.57 -15.30
CA VAL D 74 -37.45 -1.65 -15.92
C VAL D 74 -38.21 -2.24 -17.10
N GLY D 75 -39.50 -2.50 -16.93
CA GLY D 75 -40.28 -3.09 -18.00
C GLY D 75 -40.35 -2.19 -19.22
N VAL D 76 -40.50 -0.88 -19.00
CA VAL D 76 -40.49 0.06 -20.10
C VAL D 76 -39.18 -0.01 -20.87
N SER D 77 -38.05 -0.10 -20.15
CA SER D 77 -36.75 -0.18 -20.80
C SER D 77 -36.61 -1.47 -21.61
N LEU D 78 -37.09 -2.58 -21.06
CA LEU D 78 -37.04 -3.84 -21.79
C LEU D 78 -37.86 -3.76 -23.08
N CYS D 79 -39.06 -3.19 -22.99
CA CYS D 79 -39.88 -3.01 -24.19
C CYS D 79 -39.20 -2.05 -25.17
N VAL D 80 -38.53 -1.02 -24.66
CA VAL D 80 -37.85 -0.07 -25.53
C VAL D 80 -36.76 -0.74 -26.32
N TRP D 81 -35.92 -1.55 -25.68
CA TRP D 81 -34.90 -2.26 -26.47
C TRP D 81 -35.53 -3.30 -27.38
N ALA D 82 -36.65 -3.92 -26.99
CA ALA D 82 -37.32 -4.83 -27.91
C ALA D 82 -37.73 -4.11 -29.19
N GLY D 83 -38.37 -2.95 -29.05
CA GLY D 83 -38.76 -2.17 -30.21
C GLY D 83 -37.57 -1.69 -31.02
N CYS D 84 -36.49 -1.28 -30.34
CA CYS D 84 -35.28 -0.86 -31.04
C CYS D 84 -34.69 -2.01 -31.83
N ALA D 85 -34.69 -3.22 -31.26
CA ALA D 85 -34.19 -4.38 -31.96
C ALA D 85 -35.01 -4.67 -33.20
N ILE D 86 -36.34 -4.58 -33.09
CA ILE D 86 -37.19 -4.83 -34.27
C ILE D 86 -36.94 -3.77 -35.35
N LEU D 87 -36.84 -2.50 -34.93
CA LEU D 87 -36.58 -1.43 -35.89
C LEU D 87 -35.24 -1.63 -36.58
N ALA D 88 -34.23 -2.07 -35.83
CA ALA D 88 -32.93 -2.35 -36.43
C ALA D 88 -33.00 -3.56 -37.35
N MET D 89 -33.82 -4.56 -37.02
CA MET D 89 -34.05 -5.68 -37.93
C MET D 89 -34.50 -5.16 -39.29
N THR D 90 -35.54 -4.32 -39.27
CA THR D 90 -36.09 -3.81 -40.53
C THR D 90 -35.10 -2.94 -41.28
N SER D 91 -34.40 -2.05 -40.56
CA SER D 91 -33.44 -1.17 -41.21
C SER D 91 -32.28 -1.96 -41.79
N THR D 92 -31.81 -2.98 -41.09
CA THR D 92 -30.75 -3.83 -41.60
C THR D 92 -31.19 -4.60 -42.83
N LEU D 93 -32.43 -5.09 -42.85
CA LEU D 93 -32.92 -5.78 -44.04
C LEU D 93 -32.98 -4.84 -45.24
N CYS D 94 -33.48 -3.62 -45.03
CA CYS D 94 -33.53 -2.65 -46.12
C CYS D 94 -32.13 -2.28 -46.59
N SER D 95 -31.19 -2.10 -45.65
CA SER D 95 -29.82 -1.77 -46.01
C SER D 95 -29.17 -2.91 -46.80
N ALA D 96 -29.46 -4.16 -46.42
CA ALA D 96 -28.95 -5.29 -47.19
C ALA D 96 -29.54 -5.32 -48.59
N GLU D 97 -30.83 -4.98 -48.72
CA GLU D 97 -31.43 -4.85 -50.03
C GLU D 97 -30.70 -3.82 -50.89
N ILE D 98 -30.45 -2.64 -50.31
CA ILE D 98 -29.76 -1.59 -51.06
C ILE D 98 -28.34 -2.02 -51.41
N SER D 99 -27.68 -2.73 -50.50
CA SER D 99 -26.30 -3.15 -50.74
C SER D 99 -26.21 -4.21 -51.83
N ILE D 100 -27.15 -5.15 -51.85
CA ILE D 100 -27.16 -6.13 -52.93
C ILE D 100 -27.64 -5.52 -54.24
N SER D 101 -28.34 -4.38 -54.18
CA SER D 101 -28.70 -3.66 -55.40
C SER D 101 -27.69 -2.57 -55.76
N PHE D 102 -26.73 -2.25 -54.88
CA PHE D 102 -25.80 -1.17 -55.13
C PHE D 102 -24.48 -1.42 -54.39
N PRO D 103 -23.34 -1.33 -55.08
CA PRO D 103 -22.06 -1.75 -54.49
C PRO D 103 -21.64 -1.08 -53.18
N CYS D 104 -21.47 0.24 -53.16
CA CYS D 104 -20.80 0.89 -52.04
C CYS D 104 -21.56 2.17 -51.68
N SER D 105 -20.94 3.00 -50.82
CA SER D 105 -21.59 4.23 -50.37
C SER D 105 -21.86 5.17 -51.55
N GLY D 106 -20.88 5.32 -52.45
CA GLY D 106 -21.14 6.03 -53.68
C GLY D 106 -22.27 5.43 -54.48
N ALA D 107 -22.51 4.13 -54.32
CA ALA D 107 -23.65 3.52 -54.99
C ALA D 107 -24.98 3.87 -54.34
N GLN D 108 -25.04 4.08 -53.02
CA GLN D 108 -26.25 4.68 -52.45
C GLN D 108 -26.42 6.11 -52.93
N TYR D 109 -25.31 6.84 -53.10
CA TYR D 109 -25.39 8.17 -53.70
C TYR D 109 -26.00 8.09 -55.10
N TYR D 110 -25.57 7.11 -55.89
CA TYR D 110 -26.12 6.92 -57.23
C TYR D 110 -27.57 6.44 -57.18
N PHE D 111 -27.93 5.68 -56.14
CA PHE D 111 -29.33 5.28 -55.95
C PHE D 111 -30.21 6.51 -55.74
N LEU D 112 -29.76 7.42 -54.88
CA LEU D 112 -30.46 8.69 -54.71
C LEU D 112 -30.52 9.47 -56.02
N LYS D 113 -29.43 9.44 -56.79
CA LYS D 113 -29.45 10.09 -58.10
C LYS D 113 -30.51 9.47 -59.01
N ARG D 114 -30.64 8.15 -58.98
CA ARG D 114 -31.64 7.47 -59.81
C ARG D 114 -33.05 7.85 -59.40
N TYR D 115 -33.33 7.86 -58.10
CA TYR D 115 -34.70 8.05 -57.63
C TYR D 115 -34.98 9.44 -57.06
N PHE D 116 -33.97 10.31 -56.99
CA PHE D 116 -34.18 11.69 -56.57
C PHE D 116 -33.19 12.56 -57.32
N GLY D 117 -33.26 13.87 -57.07
CA GLY D 117 -32.34 14.80 -57.68
C GLY D 117 -30.95 14.72 -57.07
N SER D 118 -30.00 15.37 -57.75
CA SER D 118 -28.63 15.41 -57.25
C SER D 118 -28.54 16.18 -55.93
N THR D 119 -29.45 17.12 -55.70
CA THR D 119 -29.46 17.87 -54.46
C THR D 119 -29.65 16.95 -53.26
N VAL D 120 -30.54 15.97 -53.38
CA VAL D 120 -30.80 15.04 -52.29
C VAL D 120 -29.55 14.23 -51.98
N ALA D 121 -28.86 13.75 -53.02
CA ALA D 121 -27.66 12.96 -52.82
C ALA D 121 -26.54 13.78 -52.19
N PHE D 122 -26.35 15.02 -52.65
CA PHE D 122 -25.33 15.88 -52.05
C PHE D 122 -25.66 16.18 -50.59
N LEU D 123 -26.94 16.44 -50.30
CA LEU D 123 -27.34 16.68 -48.92
C LEU D 123 -27.10 15.45 -48.05
N ASN D 124 -27.40 14.26 -48.59
CA ASN D 124 -27.11 13.03 -47.85
C ASN D 124 -25.61 12.90 -47.57
N LEU D 125 -24.78 13.20 -48.58
CA LEU D 125 -23.34 13.12 -48.37
C LEU D 125 -22.90 14.02 -47.23
N TRP D 126 -23.33 15.28 -47.24
CA TRP D 126 -22.82 16.21 -46.25
C TRP D 126 -23.40 15.91 -44.87
N THR D 127 -24.65 15.41 -44.82
CA THR D 127 -25.23 14.98 -43.55
C THR D 127 -24.48 13.76 -42.99
N SER D 128 -24.13 12.81 -43.86
CA SER D 128 -23.36 11.65 -43.40
C SER D 128 -21.99 12.07 -42.89
N LEU D 129 -21.43 13.14 -43.46
CA LEU D 129 -20.21 13.71 -42.90
C LEU D 129 -20.39 14.08 -41.43
N PHE D 130 -21.44 14.83 -41.12
CA PHE D 130 -21.72 15.20 -39.73
C PHE D 130 -22.03 13.98 -38.88
N LEU D 131 -22.73 12.99 -39.44
CA LEU D 131 -23.00 11.75 -38.72
C LEU D 131 -21.71 11.07 -38.29
N GLY D 132 -20.77 10.92 -39.22
CA GLY D 132 -19.50 10.31 -38.88
C GLY D 132 -18.71 11.10 -37.86
N SER D 133 -18.71 12.43 -38.01
CA SER D 133 -18.00 13.28 -37.06
C SER D 133 -18.59 13.12 -35.66
N GLY D 134 -19.92 13.12 -35.55
CA GLY D 134 -20.54 12.93 -34.26
C GLY D 134 -20.27 11.56 -33.67
N VAL D 135 -20.26 10.52 -34.52
CA VAL D 135 -20.01 9.17 -34.03
C VAL D 135 -18.60 9.06 -33.46
N VAL D 136 -17.61 9.59 -34.19
CA VAL D 136 -16.24 9.50 -33.71
C VAL D 136 -16.05 10.35 -32.46
N ALA D 137 -16.73 11.50 -32.38
CA ALA D 137 -16.65 12.32 -31.18
C ALA D 137 -17.24 11.59 -29.98
N GLY D 138 -18.38 10.92 -30.16
CA GLY D 138 -18.98 10.17 -29.07
C GLY D 138 -18.11 9.02 -28.62
N GLN D 139 -17.48 8.31 -29.56
CA GLN D 139 -16.58 7.23 -29.19
C GLN D 139 -15.38 7.76 -28.43
N ALA D 140 -14.84 8.91 -28.84
CA ALA D 140 -13.71 9.50 -28.13
C ALA D 140 -14.10 9.89 -26.71
N LEU D 141 -15.28 10.50 -26.54
CA LEU D 141 -15.77 10.82 -25.21
C LEU D 141 -15.91 9.58 -24.35
N LEU D 142 -16.50 8.51 -24.91
CA LEU D 142 -16.70 7.30 -24.13
C LEU D 142 -15.36 6.69 -23.71
N LEU D 143 -14.39 6.64 -24.63
CA LEU D 143 -13.10 6.06 -24.32
C LEU D 143 -12.39 6.85 -23.22
N ALA D 144 -12.28 8.17 -23.39
CA ALA D 144 -11.60 8.99 -22.40
C ALA D 144 -12.31 8.93 -21.06
N GLU D 145 -13.64 8.92 -21.08
CA GLU D 145 -14.43 8.94 -19.86
C GLU D 145 -14.28 7.63 -19.08
N TYR D 146 -14.32 6.49 -19.78
CA TYR D 146 -14.04 5.22 -19.13
C TYR D 146 -12.63 5.15 -18.59
N SER D 147 -11.64 5.67 -19.34
CA SER D 147 -10.27 5.64 -18.85
C SER D 147 -10.11 6.50 -17.61
N ILE D 148 -10.88 7.60 -17.51
CA ILE D 148 -10.62 8.56 -16.46
C ILE D 148 -11.44 8.27 -15.20
N GLN D 149 -12.55 7.53 -15.33
CA GLN D 149 -13.37 7.20 -14.15
C GLN D 149 -12.62 6.57 -12.99
N PRO D 150 -11.76 5.55 -13.16
CA PRO D 150 -11.27 4.81 -11.98
C PRO D 150 -10.55 5.67 -10.95
N PHE D 151 -9.95 6.80 -11.35
CA PHE D 151 -9.26 7.63 -10.38
C PHE D 151 -10.22 8.24 -9.36
N PHE D 152 -11.40 8.66 -9.81
CA PHE D 152 -12.42 9.15 -8.89
C PHE D 152 -13.26 7.97 -8.41
N PRO D 153 -13.12 7.57 -7.14
CA PRO D 153 -13.74 6.30 -6.70
C PRO D 153 -15.26 6.34 -6.65
N SER D 154 -15.83 7.30 -5.94
CA SER D 154 -17.26 7.32 -5.69
C SER D 154 -17.84 8.72 -5.83
N CYS D 155 -17.39 9.45 -6.86
CA CYS D 155 -17.88 10.80 -7.10
C CYS D 155 -17.95 11.02 -8.61
N SER D 156 -18.30 12.25 -8.99
CA SER D 156 -18.51 12.60 -10.39
C SER D 156 -17.22 13.17 -10.97
N VAL D 157 -16.86 12.70 -12.15
CA VAL D 157 -15.65 13.18 -12.83
C VAL D 157 -15.89 14.59 -13.36
N PRO D 158 -14.99 15.54 -13.12
CA PRO D 158 -15.16 16.88 -13.70
C PRO D 158 -15.12 16.84 -15.22
N LYS D 159 -15.85 17.77 -15.84
CA LYS D 159 -15.98 17.77 -17.30
C LYS D 159 -14.69 18.18 -18.00
N LEU D 160 -13.87 19.03 -17.37
CA LEU D 160 -12.68 19.52 -18.03
C LEU D 160 -11.67 18.43 -18.34
N PRO D 161 -11.24 17.58 -17.40
CA PRO D 161 -10.30 16.51 -17.76
C PRO D 161 -10.89 15.54 -18.78
N LYS D 162 -12.18 15.25 -18.68
CA LYS D 162 -12.83 14.35 -19.64
C LYS D 162 -12.74 14.91 -21.05
N LYS D 163 -13.09 16.19 -21.21
CA LYS D 163 -13.02 16.82 -22.52
C LYS D 163 -11.59 16.89 -23.03
N CYS D 164 -10.64 17.21 -22.16
CA CYS D 164 -9.25 17.30 -22.58
C CYS D 164 -8.73 15.95 -23.05
N LEU D 165 -9.03 14.89 -22.30
CA LEU D 165 -8.57 13.55 -22.69
C LEU D 165 -9.25 13.09 -23.96
N ALA D 166 -10.54 13.40 -24.13
CA ALA D 166 -11.23 13.06 -25.36
C ALA D 166 -10.61 13.77 -26.57
N LEU D 167 -10.29 15.06 -26.42
CA LEU D 167 -9.63 15.78 -27.49
C LEU D 167 -8.27 15.18 -27.82
N ALA D 168 -7.49 14.83 -26.79
CA ALA D 168 -6.18 14.25 -27.01
C ALA D 168 -6.28 12.92 -27.74
N MET D 169 -7.21 12.06 -27.31
CA MET D 169 -7.38 10.76 -27.96
C MET D 169 -7.83 10.94 -29.41
N LEU D 170 -8.78 11.84 -29.65
CA LEU D 170 -9.25 12.07 -31.01
C LEU D 170 -8.12 12.58 -31.90
N TRP D 171 -7.32 13.51 -31.39
CA TRP D 171 -6.21 14.05 -32.18
C TRP D 171 -5.15 13.00 -32.47
N ILE D 172 -4.82 12.16 -31.47
CA ILE D 172 -3.79 11.15 -31.71
C ILE D 172 -4.30 10.10 -32.69
N VAL D 173 -5.59 9.75 -32.61
CA VAL D 173 -6.15 8.82 -33.58
C VAL D 173 -6.13 9.42 -34.97
N GLY D 174 -6.49 10.70 -35.10
CA GLY D 174 -6.47 11.36 -36.39
C GLY D 174 -5.08 11.41 -37.00
N ILE D 175 -4.07 11.73 -36.19
CA ILE D 175 -2.71 11.79 -36.71
C ILE D 175 -2.12 10.41 -36.93
N LEU D 176 -2.65 9.37 -36.28
CA LEU D 176 -2.20 8.02 -36.57
C LEU D 176 -2.82 7.49 -37.87
N THR D 177 -4.07 7.84 -38.14
CA THR D 177 -4.73 7.37 -39.35
C THR D 177 -4.01 7.86 -40.60
N SER D 178 -3.80 9.17 -40.69
CA SER D 178 -3.02 9.73 -41.78
C SER D 178 -1.53 9.55 -41.50
N ARG D 179 -0.75 9.46 -42.58
CA ARG D 179 0.71 9.29 -42.48
C ARG D 179 1.07 8.07 -41.64
N GLY D 180 0.56 6.91 -42.05
CA GLY D 180 0.92 5.69 -41.36
C GLY D 180 -0.11 4.58 -41.38
N VAL D 181 -0.46 4.08 -40.19
CA VAL D 181 -1.26 2.87 -40.08
C VAL D 181 -2.66 3.10 -40.61
N LYS D 182 -3.14 2.14 -41.41
CA LYS D 182 -4.53 2.10 -41.85
C LYS D 182 -5.35 1.04 -41.12
N GLU D 183 -4.72 -0.05 -40.68
CA GLU D 183 -5.41 -1.13 -39.99
C GLU D 183 -4.36 -2.06 -39.39
N VAL D 184 -4.65 -2.58 -38.20
CA VAL D 184 -3.79 -3.54 -37.52
C VAL D 184 -4.64 -4.78 -37.22
N THR D 185 -4.23 -5.93 -37.77
CA THR D 185 -5.03 -7.14 -37.61
C THR D 185 -4.89 -7.74 -36.22
N TRP D 186 -3.67 -7.76 -35.68
CA TRP D 186 -3.45 -8.37 -34.37
C TRP D 186 -4.23 -7.63 -33.28
N LEU D 187 -4.13 -6.30 -33.28
CA LEU D 187 -4.80 -5.51 -32.25
C LEU D 187 -6.31 -5.61 -32.35
N GLN D 188 -6.85 -5.61 -33.57
CA GLN D 188 -8.29 -5.73 -33.72
C GLN D 188 -8.79 -7.12 -33.34
N ILE D 189 -8.02 -8.17 -33.65
CA ILE D 189 -8.40 -9.51 -33.22
C ILE D 189 -8.39 -9.60 -31.70
N ALA D 190 -7.35 -9.06 -31.06
CA ALA D 190 -7.27 -9.08 -29.60
C ALA D 190 -8.43 -8.30 -28.99
N SER D 191 -8.78 -7.15 -29.58
CA SER D 191 -9.89 -6.35 -29.07
C SER D 191 -11.20 -7.09 -29.19
N SER D 192 -11.43 -7.75 -30.33
CA SER D 192 -12.66 -8.52 -30.50
C SER D 192 -12.74 -9.65 -29.49
N VAL D 193 -11.64 -10.37 -29.28
CA VAL D 193 -11.62 -11.45 -28.31
C VAL D 193 -11.91 -10.93 -26.91
N LEU D 194 -11.28 -9.81 -26.54
CA LEU D 194 -11.49 -9.24 -25.22
C LEU D 194 -12.94 -8.80 -25.04
N LYS D 195 -13.52 -8.17 -26.06
CA LYS D 195 -14.89 -7.69 -25.96
C LYS D 195 -15.87 -8.86 -25.81
N VAL D 196 -15.73 -9.89 -26.65
CA VAL D 196 -16.64 -11.02 -26.53
C VAL D 196 -16.44 -11.75 -25.20
N SER D 197 -15.20 -11.82 -24.72
CA SER D 197 -14.96 -12.47 -23.42
C SER D 197 -15.61 -11.69 -22.29
N ILE D 198 -15.50 -10.36 -22.30
CA ILE D 198 -16.12 -9.56 -21.25
C ILE D 198 -17.63 -9.69 -21.29
N LEU D 199 -18.21 -9.64 -22.49
CA LEU D 199 -19.66 -9.79 -22.62
C LEU D 199 -20.12 -11.16 -22.12
N SER D 200 -19.40 -12.21 -22.49
CA SER D 200 -19.75 -13.56 -22.06
C SER D 200 -19.63 -13.70 -20.55
N PHE D 201 -18.58 -13.12 -19.97
CA PHE D 201 -18.39 -13.18 -18.53
C PHE D 201 -19.54 -12.50 -17.79
N ILE D 202 -19.91 -11.30 -18.26
CA ILE D 202 -21.02 -10.58 -17.63
C ILE D 202 -22.31 -11.38 -17.75
N SER D 203 -22.57 -11.94 -18.94
CA SER D 203 -23.78 -12.72 -19.13
C SER D 203 -23.82 -13.95 -18.23
N LEU D 204 -22.69 -14.67 -18.14
CA LEU D 204 -22.65 -15.86 -17.30
C LEU D 204 -22.84 -15.52 -15.83
N THR D 205 -22.20 -14.44 -15.37
CA THR D 205 -22.37 -14.04 -13.98
C THR D 205 -23.81 -13.67 -13.68
N GLY D 206 -24.44 -12.91 -14.58
CA GLY D 206 -25.84 -12.57 -14.40
C GLY D 206 -26.74 -13.79 -14.38
N VAL D 207 -26.49 -14.74 -15.29
CA VAL D 207 -27.29 -15.96 -15.32
C VAL D 207 -27.14 -16.74 -14.03
N VAL D 208 -25.90 -16.87 -13.52
CA VAL D 208 -25.67 -17.60 -12.29
C VAL D 208 -26.38 -16.94 -11.12
N PHE D 209 -26.26 -15.61 -11.02
CA PHE D 209 -26.90 -14.91 -9.92
C PHE D 209 -28.42 -14.99 -9.99
N LEU D 210 -28.98 -14.94 -11.20
CA LEU D 210 -30.43 -15.12 -11.34
C LEU D 210 -30.85 -16.53 -10.97
N ILE D 211 -30.05 -17.53 -11.33
CA ILE D 211 -30.40 -18.92 -11.05
C ILE D 211 -30.34 -19.19 -9.54
N ARG D 212 -29.38 -18.59 -8.84
CA ARG D 212 -29.23 -18.86 -7.41
C ARG D 212 -30.47 -18.49 -6.62
N GLY D 213 -31.32 -17.61 -7.14
CA GLY D 213 -32.62 -17.36 -6.54
C GLY D 213 -32.61 -16.58 -5.26
N LYS D 214 -31.58 -15.80 -4.99
CA LYS D 214 -31.58 -14.94 -3.81
C LYS D 214 -32.64 -13.86 -3.94
N LYS D 215 -33.31 -13.56 -2.83
CA LYS D 215 -34.39 -12.57 -2.86
C LYS D 215 -33.89 -11.19 -3.24
N GLU D 216 -32.73 -10.79 -2.71
CA GLU D 216 -32.21 -9.46 -2.98
C GLU D 216 -31.79 -9.26 -4.42
N ASN D 217 -31.69 -10.34 -5.21
CA ASN D 217 -31.28 -10.25 -6.60
C ASN D 217 -32.42 -10.37 -7.58
N VAL D 218 -33.59 -10.85 -7.16
CA VAL D 218 -34.66 -11.19 -8.09
C VAL D 218 -35.88 -10.33 -7.80
N GLU D 219 -35.96 -9.80 -6.57
CA GLU D 219 -37.18 -9.09 -6.14
C GLU D 219 -37.46 -7.87 -7.01
N ARG D 220 -36.43 -7.28 -7.60
CA ARG D 220 -36.65 -6.12 -8.47
C ARG D 220 -37.35 -6.52 -9.77
N PHE D 221 -37.04 -7.71 -10.29
CA PHE D 221 -37.73 -8.18 -11.49
C PHE D 221 -39.21 -8.41 -11.23
N GLN D 222 -39.54 -9.01 -10.09
CA GLN D 222 -40.94 -9.13 -9.72
C GLN D 222 -41.51 -7.76 -9.37
N ASN D 223 -42.85 -7.69 -9.37
CA ASN D 223 -43.62 -6.46 -9.17
C ASN D 223 -42.99 -5.27 -9.89
N ALA D 224 -42.83 -5.42 -11.20
CA ALA D 224 -42.33 -4.34 -12.04
C ALA D 224 -43.47 -3.41 -12.43
N PHE D 225 -43.15 -2.42 -13.27
CA PHE D 225 -44.09 -1.49 -13.90
C PHE D 225 -44.81 -0.57 -12.91
N ASP D 226 -44.48 -0.62 -11.61
CA ASP D 226 -45.14 0.25 -10.64
C ASP D 226 -44.63 1.69 -10.71
N ALA D 227 -43.51 1.93 -11.38
CA ALA D 227 -43.04 3.29 -11.54
C ALA D 227 -43.96 4.08 -12.45
N GLU D 228 -43.91 5.41 -12.31
CA GLU D 228 -44.82 6.27 -13.06
C GLU D 228 -44.52 6.20 -14.55
N LEU D 229 -45.57 6.38 -15.35
CA LEU D 229 -45.46 6.31 -16.80
C LEU D 229 -44.93 7.63 -17.34
N PRO D 230 -43.83 7.64 -18.07
CA PRO D 230 -43.27 8.91 -18.56
C PRO D 230 -44.01 9.42 -19.78
N ASP D 231 -43.56 10.58 -20.25
CA ASP D 231 -44.13 11.18 -21.45
C ASP D 231 -43.51 10.56 -22.70
N ILE D 232 -44.12 10.85 -23.85
CA ILE D 232 -43.69 10.25 -25.11
C ILE D 232 -42.28 10.70 -25.49
N SER D 233 -41.89 11.91 -25.09
CA SER D 233 -40.55 12.40 -25.41
C SER D 233 -39.48 11.51 -24.78
N HIS D 234 -39.69 11.09 -23.52
CA HIS D 234 -38.74 10.19 -22.88
C HIS D 234 -38.71 8.83 -23.57
N LEU D 235 -39.87 8.35 -24.04
CA LEU D 235 -39.89 7.12 -24.83
C LEU D 235 -39.05 7.26 -26.09
N ILE D 236 -39.16 8.40 -26.77
CA ILE D 236 -38.39 8.60 -27.99
C ILE D 236 -36.90 8.68 -27.69
N GLN D 237 -36.53 9.36 -26.60
CA GLN D 237 -35.13 9.43 -26.22
C GLN D 237 -34.58 8.04 -25.89
N ALA D 238 -35.36 7.24 -25.15
CA ALA D 238 -34.94 5.88 -24.84
C ALA D 238 -34.80 5.04 -26.11
N ILE D 239 -35.70 5.24 -27.07
CA ILE D 239 -35.60 4.54 -28.35
C ILE D 239 -34.31 4.93 -29.06
N PHE D 240 -33.98 6.23 -29.05
CA PHE D 240 -32.74 6.68 -29.67
C PHE D 240 -31.53 6.01 -29.02
N GLN D 241 -31.49 5.99 -27.69
CA GLN D 241 -30.36 5.37 -27.00
C GLN D 241 -30.27 3.87 -27.29
N GLY D 242 -31.41 3.19 -27.28
CA GLY D 242 -31.40 1.75 -27.56
C GLY D 242 -30.98 1.44 -28.99
N TYR D 243 -31.43 2.25 -29.94
CA TYR D 243 -31.02 2.07 -31.33
C TYR D 243 -29.52 2.32 -31.48
N PHE D 244 -28.99 3.31 -30.76
CA PHE D 244 -27.55 3.53 -30.76
C PHE D 244 -26.82 2.31 -30.20
N ALA D 245 -27.37 1.72 -29.13
CA ALA D 245 -26.76 0.54 -28.55
C ALA D 245 -26.73 -0.62 -29.54
N TYR D 246 -27.87 -0.90 -30.16
CA TYR D 246 -28.01 -2.16 -30.88
C TYR D 246 -27.50 -2.05 -32.32
N SER D 247 -27.88 -0.98 -33.02
CA SER D 247 -27.36 -0.73 -34.37
C SER D 247 -25.93 -0.23 -34.36
N GLY D 248 -25.38 0.12 -33.20
CA GLY D 248 -24.01 0.58 -33.10
C GLY D 248 -23.02 -0.46 -33.59
N GLY D 249 -22.32 -0.13 -34.67
CA GLY D 249 -21.43 -1.07 -35.33
C GLY D 249 -22.09 -1.91 -36.39
N ALA D 250 -23.42 -1.84 -36.53
CA ALA D 250 -24.13 -2.57 -37.57
C ALA D 250 -24.26 -1.75 -38.84
N CYS D 251 -23.11 -1.25 -39.32
CA CYS D 251 -23.03 -0.47 -40.55
C CYS D 251 -22.31 -1.27 -41.64
N PHE D 252 -22.61 -2.57 -41.71
CA PHE D 252 -21.95 -3.48 -42.63
C PHE D 252 -22.56 -3.47 -44.02
N THR D 253 -23.25 -2.39 -44.39
CA THR D 253 -23.85 -2.29 -45.73
C THR D 253 -22.81 -2.49 -46.81
N LEU D 254 -21.69 -1.77 -46.72
CA LEU D 254 -20.59 -1.99 -47.64
C LEU D 254 -20.04 -3.40 -47.50
N ILE D 255 -19.92 -3.88 -46.26
CA ILE D 255 -19.46 -5.26 -46.02
C ILE D 255 -20.43 -6.26 -46.61
N ALA D 256 -21.73 -6.03 -46.42
CA ALA D 256 -22.74 -6.91 -47.01
C ALA D 256 -22.75 -6.83 -48.53
N GLY D 257 -22.19 -5.76 -49.11
CA GLY D 257 -22.17 -5.62 -50.55
C GLY D 257 -21.25 -6.59 -51.26
N GLU D 258 -20.29 -7.18 -50.55
CA GLU D 258 -19.34 -8.11 -51.16
C GLU D 258 -19.70 -9.56 -50.93
N LEU D 259 -20.90 -9.84 -50.44
CA LEU D 259 -21.31 -11.23 -50.22
C LEU D 259 -21.58 -11.92 -51.55
N LYS D 260 -21.70 -13.25 -51.51
CA LYS D 260 -21.76 -14.06 -52.72
C LYS D 260 -23.01 -14.91 -52.83
N LYS D 261 -23.98 -14.73 -51.92
CA LYS D 261 -25.23 -15.50 -51.95
C LYS D 261 -26.41 -14.54 -51.84
N PRO D 262 -26.71 -13.79 -52.91
CA PRO D 262 -27.84 -12.86 -52.86
C PRO D 262 -29.17 -13.60 -52.78
N ARG D 263 -30.00 -13.18 -51.82
CA ARG D 263 -31.33 -13.77 -51.59
C ARG D 263 -31.26 -15.27 -51.30
N THR D 264 -30.10 -15.78 -50.91
CA THR D 264 -29.92 -17.18 -50.57
C THR D 264 -29.63 -17.41 -49.10
N THR D 265 -28.67 -16.69 -48.53
CA THR D 265 -28.33 -16.83 -47.12
C THR D 265 -28.29 -15.52 -46.36
N ILE D 266 -28.26 -14.37 -47.03
CA ILE D 266 -28.16 -13.09 -46.32
C ILE D 266 -29.35 -12.85 -45.40
N PRO D 267 -30.61 -12.99 -45.84
CA PRO D 267 -31.71 -12.94 -44.87
C PRO D 267 -31.60 -14.02 -43.80
N LYS D 268 -31.16 -15.22 -44.19
CA LYS D 268 -30.95 -16.28 -43.21
C LYS D 268 -29.81 -15.94 -42.26
N CYS D 269 -28.74 -15.34 -42.79
CA CYS D 269 -27.63 -14.92 -41.91
C CYS D 269 -28.08 -13.88 -40.91
N ILE D 270 -28.89 -12.91 -41.35
CA ILE D 270 -29.43 -11.91 -40.43
C ILE D 270 -30.32 -12.56 -39.38
N PHE D 271 -31.22 -13.45 -39.83
CA PHE D 271 -32.13 -14.14 -38.92
C PHE D 271 -31.39 -15.02 -37.92
N THR D 272 -30.19 -15.51 -38.26
CA THR D 272 -29.39 -16.30 -37.34
C THR D 272 -28.49 -15.48 -36.44
N ALA D 273 -28.11 -14.27 -36.85
CA ALA D 273 -27.17 -13.46 -36.10
C ALA D 273 -27.82 -12.42 -35.21
N LEU D 274 -28.71 -11.59 -35.76
CA LEU D 274 -29.22 -10.44 -35.02
C LEU D 274 -29.98 -10.80 -33.74
N PRO D 275 -30.91 -11.77 -33.72
CA PRO D 275 -31.57 -12.09 -32.45
C PRO D 275 -30.60 -12.57 -31.37
N LEU D 276 -29.47 -13.15 -31.76
CA LEU D 276 -28.49 -13.58 -30.77
C LEU D 276 -27.94 -12.39 -29.99
N VAL D 277 -27.49 -11.35 -30.69
CA VAL D 277 -26.99 -10.18 -30.00
C VAL D 277 -28.12 -9.44 -29.29
N THR D 278 -29.35 -9.53 -29.82
CA THR D 278 -30.49 -8.97 -29.09
C THR D 278 -30.64 -9.62 -27.72
N VAL D 279 -30.58 -10.95 -27.69
CA VAL D 279 -30.70 -11.68 -26.42
C VAL D 279 -29.52 -11.36 -25.51
N VAL D 280 -28.33 -11.23 -26.09
CA VAL D 280 -27.15 -10.89 -25.28
C VAL D 280 -27.35 -9.54 -24.60
N TYR D 281 -27.82 -8.54 -25.36
CA TYR D 281 -28.03 -7.21 -24.79
C TYR D 281 -29.10 -7.23 -23.70
N LEU D 282 -30.19 -7.94 -23.97
CA LEU D 282 -31.27 -7.99 -22.98
C LEU D 282 -30.81 -8.66 -21.69
N LEU D 283 -30.06 -9.76 -21.80
CA LEU D 283 -29.59 -10.43 -20.60
C LEU D 283 -28.50 -9.63 -19.89
N VAL D 284 -27.73 -8.83 -20.64
CA VAL D 284 -26.81 -7.89 -20.00
C VAL D 284 -27.58 -6.89 -19.15
N ASN D 285 -28.70 -6.37 -19.67
CA ASN D 285 -29.55 -5.53 -18.84
C ASN D 285 -30.05 -6.29 -17.63
N ILE D 286 -30.41 -7.56 -17.82
CA ILE D 286 -30.87 -8.38 -16.71
C ILE D 286 -29.80 -8.43 -15.62
N SER D 287 -28.54 -8.66 -16.00
CA SER D 287 -27.47 -8.76 -15.01
C SER D 287 -27.24 -7.43 -14.30
N TYR D 288 -27.21 -6.33 -15.06
CA TYR D 288 -27.00 -5.01 -14.46
C TYR D 288 -28.09 -4.67 -13.45
N LEU D 289 -29.35 -4.93 -13.81
CA LEU D 289 -30.45 -4.66 -12.88
C LEU D 289 -30.47 -5.66 -11.74
N THR D 290 -29.90 -6.85 -11.95
CA THR D 290 -29.84 -7.85 -10.90
C THR D 290 -28.93 -7.40 -9.77
N VAL D 291 -27.72 -6.96 -10.12
CA VAL D 291 -26.71 -6.68 -9.10
C VAL D 291 -26.52 -5.18 -8.86
N LEU D 292 -27.31 -4.32 -9.51
CA LEU D 292 -27.30 -2.90 -9.21
C LEU D 292 -28.72 -2.38 -9.17
N THR D 293 -28.91 -1.29 -8.38
CA THR D 293 -30.18 -0.58 -8.31
C THR D 293 -30.24 0.48 -9.42
N PRO D 294 -31.43 0.84 -9.87
CA PRO D 294 -31.54 1.88 -10.91
C PRO D 294 -30.95 3.21 -10.49
N ARG D 295 -31.04 3.57 -9.20
CA ARG D 295 -30.51 4.84 -8.75
C ARG D 295 -29.01 4.94 -8.98
N GLU D 296 -28.26 3.91 -8.59
CA GLU D 296 -26.81 3.97 -8.77
C GLU D 296 -26.42 3.76 -10.23
N ILE D 297 -27.21 3.01 -11.00
CA ILE D 297 -26.93 2.88 -12.43
C ILE D 297 -27.07 4.23 -13.13
N LEU D 298 -28.14 4.96 -12.83
CA LEU D 298 -28.31 6.30 -13.38
C LEU D 298 -27.24 7.27 -12.88
N SER D 299 -26.91 7.22 -11.59
CA SER D 299 -25.93 8.16 -11.04
C SER D 299 -24.52 7.82 -11.50
N SER D 300 -24.25 6.55 -11.80
CA SER D 300 -22.92 6.13 -12.19
C SER D 300 -22.71 6.43 -13.66
N ASP D 301 -21.44 6.60 -14.02
CA ASP D 301 -21.07 6.90 -15.39
C ASP D 301 -20.63 5.65 -16.14
N ALA D 302 -19.75 4.85 -15.52
CA ALA D 302 -19.28 3.59 -16.11
C ALA D 302 -20.08 2.45 -15.49
N VAL D 303 -21.04 1.93 -16.24
CA VAL D 303 -21.87 0.84 -15.74
C VAL D 303 -21.04 -0.41 -15.49
N ALA D 304 -20.15 -0.77 -16.41
CA ALA D 304 -19.35 -1.98 -16.24
C ALA D 304 -18.42 -1.87 -15.04
N ILE D 305 -17.82 -0.70 -14.84
CA ILE D 305 -16.86 -0.54 -13.76
C ILE D 305 -17.53 -0.71 -12.39
N THR D 306 -18.67 -0.05 -12.19
CA THR D 306 -19.38 -0.20 -10.92
C THR D 306 -19.97 -1.59 -10.79
N TRP D 307 -20.39 -2.19 -11.90
CA TRP D 307 -20.87 -3.57 -11.88
C TRP D 307 -19.79 -4.50 -11.33
N ALA D 308 -18.56 -4.35 -11.84
CA ALA D 308 -17.47 -5.18 -11.36
C ALA D 308 -17.08 -4.82 -9.92
N ASP D 309 -17.17 -3.54 -9.57
CA ASP D 309 -16.86 -3.11 -8.21
C ASP D 309 -17.77 -3.80 -7.20
N ARG D 310 -19.08 -3.80 -7.48
CA ARG D 310 -20.02 -4.40 -6.54
C ARG D 310 -20.01 -5.93 -6.62
N ALA D 311 -19.79 -6.49 -7.81
CA ALA D 311 -19.83 -7.94 -7.97
C ALA D 311 -18.53 -8.59 -7.51
N PHE D 312 -17.42 -8.24 -8.15
CA PHE D 312 -16.11 -8.83 -7.85
C PHE D 312 -15.12 -7.74 -7.50
N PRO D 313 -14.96 -7.41 -6.22
CA PRO D 313 -13.99 -6.39 -5.83
C PRO D 313 -12.55 -6.89 -5.91
N SER D 314 -12.19 -7.51 -7.04
CA SER D 314 -10.84 -7.98 -7.28
C SER D 314 -10.42 -7.72 -8.73
N LEU D 315 -11.01 -6.70 -9.35
CA LEU D 315 -10.74 -6.42 -10.76
C LEU D 315 -9.32 -5.89 -10.99
N ALA D 316 -8.76 -5.21 -10.00
CA ALA D 316 -7.36 -4.77 -10.04
C ALA D 316 -7.04 -3.98 -11.30
N TRP D 317 -7.96 -3.09 -11.67
CA TRP D 317 -7.83 -2.18 -12.81
C TRP D 317 -7.76 -2.90 -14.15
N ILE D 318 -8.00 -4.22 -14.19
CA ILE D 318 -7.90 -4.96 -15.44
C ILE D 318 -9.04 -4.58 -16.37
N MET D 319 -10.27 -4.56 -15.86
CA MET D 319 -11.43 -4.26 -16.71
C MET D 319 -11.37 -2.88 -17.33
N PRO D 320 -11.06 -1.79 -16.60
CA PRO D 320 -10.95 -0.49 -17.28
C PRO D 320 -9.91 -0.49 -18.39
N PHE D 321 -8.76 -1.14 -18.18
CA PHE D 321 -7.73 -1.19 -19.21
C PHE D 321 -8.22 -1.95 -20.44
N ALA D 322 -8.86 -3.09 -20.22
CA ALA D 322 -9.36 -3.89 -21.34
C ALA D 322 -10.40 -3.12 -22.14
N ILE D 323 -11.34 -2.48 -21.44
CA ILE D 323 -12.38 -1.73 -22.14
C ILE D 323 -11.79 -0.53 -22.86
N SER D 324 -10.78 0.12 -22.26
CA SER D 324 -10.14 1.24 -22.93
C SER D 324 -9.43 0.79 -24.21
N THR D 325 -8.74 -0.35 -24.16
CA THR D 325 -8.09 -0.85 -25.37
C THR D 325 -9.11 -1.20 -26.44
N SER D 326 -10.21 -1.83 -26.04
CA SER D 326 -11.27 -2.16 -27.01
C SER D 326 -11.85 -0.89 -27.64
N LEU D 327 -12.10 0.13 -26.83
CA LEU D 327 -12.66 1.38 -27.35
C LEU D 327 -11.67 2.09 -28.25
N PHE D 328 -10.38 2.03 -27.93
CA PHE D 328 -9.38 2.62 -28.81
C PHE D 328 -9.35 1.92 -30.17
N SER D 329 -9.41 0.58 -30.15
CA SER D 329 -9.48 -0.18 -31.40
C SER D 329 -10.71 0.20 -32.20
N ASN D 330 -11.87 0.30 -31.53
CA ASN D 330 -13.09 0.68 -32.21
C ASN D 330 -12.99 2.10 -32.77
N LEU D 331 -12.32 3.00 -32.05
CA LEU D 331 -12.11 4.36 -32.55
C LEU D 331 -11.30 4.35 -33.83
N LEU D 332 -10.21 3.57 -33.86
CA LEU D 332 -9.40 3.49 -35.07
C LEU D 332 -10.21 2.92 -36.23
N ILE D 333 -10.94 1.83 -35.99
CA ILE D 333 -11.72 1.20 -37.04
C ILE D 333 -12.79 2.18 -37.55
N SER D 334 -13.47 2.86 -36.63
CA SER D 334 -14.53 3.78 -37.01
C SER D 334 -14.00 4.98 -37.79
N ILE D 335 -12.85 5.52 -37.38
CA ILE D 335 -12.32 6.67 -38.11
C ILE D 335 -11.88 6.27 -39.51
N PHE D 336 -11.29 5.08 -39.65
CA PHE D 336 -10.94 4.62 -41.00
C PHE D 336 -12.18 4.39 -41.84
N LYS D 337 -13.21 3.74 -41.26
CA LYS D 337 -14.41 3.42 -42.02
C LYS D 337 -15.22 4.66 -42.36
N SER D 338 -15.04 5.74 -41.59
CA SER D 338 -15.70 7.00 -41.91
C SER D 338 -14.89 7.83 -42.89
N SER D 339 -13.56 7.68 -42.88
CA SER D 339 -12.73 8.40 -43.84
C SER D 339 -12.86 7.81 -45.24
N ARG D 340 -13.08 6.50 -45.33
CA ARG D 340 -13.18 5.86 -46.65
C ARG D 340 -14.27 6.45 -47.54
N PRO D 341 -15.53 6.57 -47.11
CA PRO D 341 -16.57 7.05 -48.05
C PRO D 341 -16.34 8.46 -48.55
N ILE D 342 -15.73 9.34 -47.74
CA ILE D 342 -15.50 10.72 -48.16
C ILE D 342 -14.57 10.73 -49.38
N TYR D 343 -13.47 10.00 -49.31
CA TYR D 343 -12.57 9.93 -50.45
C TYR D 343 -13.19 9.15 -51.61
N LEU D 344 -13.99 8.13 -51.29
CA LEU D 344 -14.62 7.34 -52.34
C LEU D 344 -15.57 8.19 -53.18
N ALA D 345 -16.35 9.05 -52.54
CA ALA D 345 -17.30 9.90 -53.25
C ALA D 345 -16.71 11.26 -53.63
N SER D 346 -15.48 11.56 -53.22
CA SER D 346 -14.88 12.85 -53.55
C SER D 346 -14.47 12.94 -55.02
N GLN D 347 -14.33 11.81 -55.70
CA GLN D 347 -13.86 11.82 -57.08
C GLN D 347 -14.92 12.31 -58.07
N GLU D 348 -16.17 12.43 -57.66
CA GLU D 348 -17.23 12.87 -58.56
C GLU D 348 -18.23 13.74 -57.83
N GLY D 349 -18.72 14.78 -58.52
CA GLY D 349 -19.78 15.62 -58.00
C GLY D 349 -19.48 16.29 -56.67
N GLN D 350 -18.27 16.79 -56.50
CA GLN D 350 -17.85 17.41 -55.25
C GLN D 350 -17.20 18.76 -55.53
N LEU D 351 -17.67 19.80 -54.84
CA LEU D 351 -16.96 21.08 -54.86
C LEU D 351 -15.55 20.96 -54.32
N PRO D 352 -15.29 20.31 -53.17
CA PRO D 352 -13.89 20.16 -52.73
C PRO D 352 -13.13 19.14 -53.57
N LEU D 353 -12.68 19.56 -54.75
CA LEU D 353 -11.80 18.71 -55.55
C LEU D 353 -10.48 18.43 -54.83
N LEU D 354 -10.14 19.25 -53.83
CA LEU D 354 -8.99 18.99 -52.99
C LEU D 354 -9.15 17.71 -52.18
N PHE D 355 -10.39 17.25 -51.98
CA PHE D 355 -10.61 16.05 -51.18
C PHE D 355 -10.09 14.80 -51.88
N ASN D 356 -10.23 14.72 -53.21
CA ASN D 356 -9.73 13.58 -53.97
C ASN D 356 -8.22 13.71 -54.21
N THR D 357 -7.49 13.72 -53.09
CA THR D 357 -6.03 13.91 -53.13
C THR D 357 -5.40 12.93 -52.14
N LEU D 358 -5.02 11.75 -52.63
CA LEU D 358 -4.25 10.82 -51.82
C LEU D 358 -2.82 11.33 -51.65
N ASN D 359 -2.34 11.35 -50.42
CA ASN D 359 -1.06 11.99 -50.11
C ASN D 359 -0.34 11.19 -49.04
N SER D 360 0.86 11.65 -48.70
CA SER D 360 1.71 11.07 -47.65
C SER D 360 1.95 9.60 -48.02
N HIS D 361 1.83 8.66 -47.08
CA HIS D 361 1.99 7.24 -47.38
C HIS D 361 0.71 6.67 -47.97
N SER D 362 0.27 7.28 -49.07
CA SER D 362 -0.97 6.92 -49.76
C SER D 362 -2.16 6.98 -48.81
N SER D 363 -2.34 8.13 -48.15
CA SER D 363 -3.40 8.32 -47.18
C SER D 363 -4.16 9.61 -47.46
N PRO D 364 -5.49 9.59 -47.34
CA PRO D 364 -6.25 10.84 -47.44
C PRO D 364 -5.87 11.80 -46.31
N PHE D 365 -5.87 13.09 -46.62
CA PHE D 365 -5.48 14.12 -45.66
C PHE D 365 -6.60 15.09 -45.34
N THR D 366 -7.24 15.67 -46.36
CA THR D 366 -8.25 16.69 -46.13
C THR D 366 -9.45 16.12 -45.36
N ALA D 367 -9.90 14.93 -45.75
CA ALA D 367 -11.05 14.34 -45.08
C ALA D 367 -10.73 14.05 -43.61
N VAL D 368 -9.54 13.52 -43.34
CA VAL D 368 -9.16 13.24 -41.96
C VAL D 368 -9.10 14.52 -41.14
N LEU D 369 -8.50 15.57 -41.70
CA LEU D 369 -8.41 16.83 -40.97
C LEU D 369 -9.79 17.42 -40.70
N LEU D 370 -10.67 17.38 -41.69
CA LEU D 370 -12.02 17.89 -41.50
C LEU D 370 -12.77 17.09 -40.43
N LEU D 371 -12.63 15.76 -40.46
CA LEU D 371 -13.28 14.94 -39.44
C LEU D 371 -12.74 15.26 -38.05
N VAL D 372 -11.42 15.47 -37.94
CA VAL D 372 -10.84 15.82 -36.65
C VAL D 372 -11.39 17.16 -36.16
N THR D 373 -11.48 18.15 -37.05
CA THR D 373 -11.98 19.46 -36.65
C THR D 373 -13.43 19.38 -36.19
N LEU D 374 -14.28 18.71 -36.96
CA LEU D 374 -15.68 18.60 -36.58
C LEU D 374 -15.85 17.80 -35.28
N GLY D 375 -15.06 16.74 -35.11
CA GLY D 375 -15.10 16.00 -33.87
C GLY D 375 -14.67 16.82 -32.68
N SER D 376 -13.64 17.65 -32.85
CA SER D 376 -13.19 18.51 -31.76
C SER D 376 -14.27 19.52 -31.39
N LEU D 377 -14.93 20.11 -32.40
CA LEU D 377 -16.02 21.04 -32.11
C LEU D 377 -17.16 20.34 -31.39
N ALA D 378 -17.50 19.11 -31.81
CA ALA D 378 -18.56 18.36 -31.13
C ALA D 378 -18.17 18.05 -29.69
N ILE D 379 -16.91 17.70 -29.45
CA ILE D 379 -16.44 17.43 -28.09
C ILE D 379 -16.57 18.67 -27.24
N ILE D 380 -16.14 19.82 -27.77
CA ILE D 380 -16.10 21.04 -26.97
C ILE D 380 -17.50 21.56 -26.66
N LEU D 381 -18.38 21.59 -27.67
CA LEU D 381 -19.61 22.36 -27.56
C LEU D 381 -20.76 21.63 -26.86
N THR D 382 -20.65 20.34 -26.60
CA THR D 382 -21.81 19.62 -26.07
C THR D 382 -21.37 18.34 -25.37
N SER D 383 -22.35 17.69 -24.74
CA SER D 383 -22.14 16.48 -23.97
C SER D 383 -22.36 15.25 -24.86
N LEU D 384 -22.50 14.07 -24.24
CA LEU D 384 -22.54 12.81 -24.96
C LEU D 384 -23.95 12.37 -25.32
N ILE D 385 -24.88 12.39 -24.36
CA ILE D 385 -26.21 11.83 -24.58
C ILE D 385 -26.95 12.63 -25.65
N ASP D 386 -26.94 13.96 -25.54
CA ASP D 386 -27.61 14.79 -26.54
C ASP D 386 -26.98 14.64 -27.91
N LEU D 387 -25.67 14.36 -27.96
CA LEU D 387 -25.03 14.04 -29.23
C LEU D 387 -25.67 12.81 -29.86
N ILE D 388 -25.90 11.76 -29.06
CA ILE D 388 -26.54 10.56 -29.56
C ILE D 388 -27.95 10.88 -30.05
N ASN D 389 -28.68 11.68 -29.27
CA ASN D 389 -30.05 12.04 -29.63
C ASN D 389 -30.09 12.73 -30.99
N TYR D 390 -29.26 13.77 -31.17
CA TYR D 390 -29.25 14.49 -32.44
C TYR D 390 -28.79 13.59 -33.58
N ILE D 391 -27.74 12.80 -33.34
CA ILE D 391 -27.18 11.94 -34.38
C ILE D 391 -28.24 10.99 -34.92
N PHE D 392 -28.92 10.29 -34.02
CA PHE D 392 -29.86 9.28 -34.52
C PHE D 392 -31.23 9.88 -34.84
N PHE D 393 -31.54 11.09 -34.37
CA PHE D 393 -32.67 11.82 -34.92
C PHE D 393 -32.44 12.11 -36.41
N THR D 394 -31.24 12.60 -36.75
CA THR D 394 -30.92 12.82 -38.16
C THR D 394 -30.88 11.50 -38.92
N GLY D 395 -30.35 10.44 -38.28
CA GLY D 395 -30.32 9.14 -38.93
C GLY D 395 -31.70 8.62 -39.29
N SER D 396 -32.64 8.73 -38.35
CA SER D 396 -34.02 8.34 -38.63
C SER D 396 -34.66 9.24 -39.68
N LEU D 397 -34.35 10.55 -39.62
CA LEU D 397 -34.90 11.48 -40.61
C LEU D 397 -34.47 11.10 -42.01
N TRP D 398 -33.23 10.68 -42.19
CA TRP D 398 -32.78 10.29 -43.52
C TRP D 398 -33.16 8.86 -43.87
N SER D 399 -33.34 7.98 -42.87
CA SER D 399 -33.93 6.67 -43.15
C SER D 399 -35.34 6.83 -43.68
N ILE D 400 -36.04 7.91 -43.28
CA ILE D 400 -37.34 8.20 -43.86
C ILE D 400 -37.22 8.36 -45.38
N LEU D 401 -36.26 9.16 -45.84
CA LEU D 401 -36.09 9.36 -47.27
C LEU D 401 -35.59 8.09 -47.97
N LEU D 402 -34.76 7.30 -47.29
CA LEU D 402 -34.36 6.01 -47.86
C LEU D 402 -35.57 5.11 -48.06
N MET D 403 -36.48 5.07 -47.08
CA MET D 403 -37.68 4.25 -47.20
C MET D 403 -38.59 4.76 -48.31
N ILE D 404 -38.74 6.08 -48.42
CA ILE D 404 -39.58 6.59 -49.50
C ILE D 404 -38.94 6.36 -50.86
N GLY D 405 -37.62 6.32 -50.96
CA GLY D 405 -36.99 5.89 -52.21
C GLY D 405 -37.25 4.44 -52.53
N ILE D 406 -37.16 3.57 -51.51
CA ILE D 406 -37.49 2.16 -51.72
C ILE D 406 -38.94 2.02 -52.17
N LEU D 407 -39.83 2.83 -51.60
CA LEU D 407 -41.22 2.85 -52.07
C LEU D 407 -41.33 3.42 -53.47
N ARG D 408 -40.44 4.34 -53.84
CA ARG D 408 -40.40 4.84 -55.20
C ARG D 408 -40.05 3.73 -56.18
N ARG D 409 -39.23 2.77 -55.75
CA ARG D 409 -39.06 1.55 -56.53
C ARG D 409 -40.39 0.81 -56.71
N ARG D 410 -41.36 1.06 -55.83
CA ARG D 410 -42.68 0.44 -55.92
C ARG D 410 -43.80 1.45 -56.12
N TYR D 411 -43.48 2.74 -56.30
CA TYR D 411 -44.51 3.77 -56.37
C TYR D 411 -45.45 3.55 -57.55
N GLN D 412 -44.90 3.31 -58.73
CA GLN D 412 -45.70 2.96 -59.90
C GLN D 412 -45.42 1.55 -60.40
N GLU D 413 -44.36 0.91 -59.91
CA GLU D 413 -43.98 -0.44 -60.32
C GLU D 413 -43.71 -1.31 -59.09
N PRO D 414 -44.77 -1.69 -58.37
CA PRO D 414 -44.56 -2.53 -57.18
C PRO D 414 -43.93 -3.87 -57.49
N ASN D 415 -44.11 -4.40 -58.71
CA ASN D 415 -43.55 -5.70 -59.05
C ASN D 415 -42.03 -5.66 -59.15
N LEU D 416 -41.46 -4.51 -59.48
CA LEU D 416 -40.02 -4.37 -59.67
C LEU D 416 -39.25 -4.23 -58.36
N SER D 417 -39.87 -4.56 -57.23
CA SER D 417 -39.16 -4.53 -55.96
C SER D 417 -38.22 -5.73 -55.85
N ILE D 418 -37.32 -5.66 -54.87
CA ILE D 418 -36.38 -6.74 -54.60
C ILE D 418 -37.19 -7.93 -54.08
N PRO D 419 -36.79 -9.16 -54.36
CA PRO D 419 -37.46 -10.31 -53.74
C PRO D 419 -37.35 -10.23 -52.21
N TYR D 420 -38.46 -10.59 -51.55
CA TYR D 420 -38.56 -10.44 -50.11
C TYR D 420 -39.50 -11.51 -49.58
N LYS D 421 -39.38 -11.79 -48.27
CA LYS D 421 -40.18 -12.86 -47.67
C LYS D 421 -41.66 -12.51 -47.65
N VAL D 422 -42.00 -11.32 -47.17
CA VAL D 422 -43.40 -10.88 -47.10
C VAL D 422 -43.68 -9.73 -48.07
N PHE D 423 -42.80 -9.52 -49.05
CA PHE D 423 -43.01 -8.55 -50.13
C PHE D 423 -43.08 -7.11 -49.57
N LEU D 424 -42.07 -6.76 -48.76
CA LEU D 424 -41.85 -5.40 -48.29
C LEU D 424 -43.02 -4.83 -47.51
N SER D 425 -43.76 -5.68 -46.79
CA SER D 425 -44.85 -5.18 -45.95
C SER D 425 -44.31 -4.44 -44.74
N PHE D 426 -43.23 -4.95 -44.14
CA PHE D 426 -42.67 -4.31 -42.94
C PHE D 426 -42.16 -2.88 -43.18
N PRO D 427 -41.45 -2.57 -44.28
CA PRO D 427 -41.03 -1.17 -44.48
C PRO D 427 -42.17 -0.18 -44.48
N LEU D 428 -43.36 -0.57 -44.94
CA LEU D 428 -44.50 0.34 -44.90
C LEU D 428 -44.83 0.75 -43.47
N ALA D 429 -44.80 -0.19 -42.54
CA ALA D 429 -45.03 0.13 -41.14
C ALA D 429 -43.86 0.91 -40.55
N THR D 430 -42.63 0.57 -40.95
CA THR D 430 -41.47 1.29 -40.42
C THR D 430 -41.46 2.74 -40.86
N ILE D 431 -42.06 3.05 -42.02
CA ILE D 431 -42.20 4.44 -42.43
C ILE D 431 -43.02 5.22 -41.41
N VAL D 432 -44.16 4.65 -41.00
CA VAL D 432 -45.00 5.29 -40.00
C VAL D 432 -44.28 5.37 -38.66
N ILE D 433 -43.51 4.33 -38.33
CA ILE D 433 -42.74 4.35 -37.09
C ILE D 433 -41.75 5.50 -37.09
N ASP D 434 -41.03 5.69 -38.20
CA ASP D 434 -40.07 6.79 -38.30
C ASP D 434 -40.78 8.14 -38.27
N VAL D 435 -41.95 8.23 -38.89
CA VAL D 435 -42.73 9.48 -38.82
C VAL D 435 -43.10 9.79 -37.39
N GLY D 436 -43.54 8.79 -36.63
CA GLY D 436 -43.83 9.00 -35.22
C GLY D 436 -42.59 9.38 -34.43
N LEU D 437 -41.44 8.83 -34.81
CA LEU D 437 -40.19 9.21 -34.17
C LEU D 437 -39.88 10.68 -34.40
N VAL D 438 -40.11 11.17 -35.62
CA VAL D 438 -39.65 12.51 -35.98
C VAL D 438 -40.65 13.60 -35.62
N VAL D 439 -41.95 13.29 -35.55
CA VAL D 439 -42.95 14.35 -35.40
C VAL D 439 -42.91 14.96 -33.99
N ILE D 440 -43.12 14.14 -32.97
CA ILE D 440 -43.39 14.64 -31.62
C ILE D 440 -42.23 15.40 -30.97
N PRO D 441 -40.96 15.19 -31.31
CA PRO D 441 -39.92 16.09 -30.77
C PRO D 441 -40.13 17.55 -31.14
N LEU D 442 -40.78 17.83 -32.27
CA LEU D 442 -41.07 19.21 -32.63
C LEU D 442 -42.16 19.81 -31.75
N VAL D 443 -43.25 19.07 -31.52
CA VAL D 443 -44.34 19.61 -30.72
C VAL D 443 -43.93 19.72 -29.25
N LYS D 444 -43.15 18.75 -28.75
CA LYS D 444 -42.65 18.86 -27.38
C LYS D 444 -41.70 20.04 -27.23
N SER D 445 -40.74 20.15 -28.15
CA SER D 445 -39.78 21.25 -28.22
C SER D 445 -39.13 21.56 -26.86
N PRO D 446 -38.37 20.62 -26.29
CA PRO D 446 -37.64 20.91 -25.05
C PRO D 446 -36.25 21.48 -25.29
N ASN D 447 -35.73 21.39 -26.51
CA ASN D 447 -34.41 21.91 -26.85
C ASN D 447 -34.46 22.52 -28.23
N VAL D 448 -33.80 23.67 -28.40
CA VAL D 448 -33.80 24.36 -29.68
C VAL D 448 -32.83 23.74 -30.68
N HIS D 449 -31.92 22.88 -30.22
CA HIS D 449 -30.95 22.25 -31.12
C HIS D 449 -31.64 21.39 -32.17
N TYR D 450 -32.81 20.84 -31.84
CA TYR D 450 -33.58 20.09 -32.84
C TYR D 450 -33.92 20.98 -34.04
N VAL D 451 -34.28 22.23 -33.79
CA VAL D 451 -34.53 23.17 -34.88
C VAL D 451 -33.23 23.49 -35.60
N TYR D 452 -32.12 23.59 -34.87
CA TYR D 452 -30.84 23.90 -35.49
C TYR D 452 -30.40 22.80 -36.45
N VAL D 453 -30.73 21.54 -36.15
CA VAL D 453 -30.38 20.45 -37.06
C VAL D 453 -31.06 20.66 -38.41
N LEU D 454 -32.36 20.97 -38.39
CA LEU D 454 -33.08 21.23 -39.63
C LEU D 454 -32.58 22.50 -40.31
N LEU D 455 -32.16 23.50 -39.53
CA LEU D 455 -31.57 24.69 -40.11
C LEU D 455 -30.30 24.36 -40.89
N LEU D 456 -29.44 23.50 -40.33
CA LEU D 456 -28.26 23.05 -41.06
C LEU D 456 -28.65 22.25 -42.30
N VAL D 457 -29.68 21.41 -42.19
CA VAL D 457 -30.12 20.62 -43.35
C VAL D 457 -30.57 21.55 -44.48
N LEU D 458 -31.35 22.59 -44.15
CA LEU D 458 -31.79 23.54 -45.16
C LEU D 458 -30.62 24.36 -45.69
N SER D 459 -29.66 24.70 -44.83
CA SER D 459 -28.46 25.37 -45.29
C SER D 459 -27.68 24.49 -46.27
N GLY D 460 -27.86 23.18 -46.19
CA GLY D 460 -27.28 22.30 -47.19
C GLY D 460 -27.72 22.67 -48.60
N LEU D 461 -29.04 22.76 -48.81
CA LEU D 461 -29.57 23.21 -50.09
C LEU D 461 -29.18 24.66 -50.37
N LEU D 462 -29.16 25.50 -49.33
CA LEU D 462 -28.79 26.90 -49.52
C LEU D 462 -27.38 27.04 -50.10
N PHE D 463 -26.46 26.19 -49.65
CA PHE D 463 -25.12 26.18 -50.22
C PHE D 463 -25.08 25.48 -51.56
N TYR D 464 -25.91 24.45 -51.76
CA TYR D 464 -25.90 23.70 -53.01
C TYR D 464 -26.34 24.58 -54.18
N ILE D 465 -27.34 25.42 -53.97
CA ILE D 465 -27.98 26.16 -55.05
C ILE D 465 -27.00 27.03 -55.85
N PRO D 466 -26.21 27.91 -55.22
CA PRO D 466 -25.35 28.80 -56.04
C PRO D 466 -24.17 28.08 -56.67
N LEU D 467 -23.67 27.03 -56.04
CA LEU D 467 -22.51 26.32 -56.57
C LEU D 467 -22.82 25.63 -57.89
N ILE D 468 -23.97 24.97 -57.99
CA ILE D 468 -24.30 24.12 -59.12
C ILE D 468 -25.15 24.86 -60.15
N HIS D 469 -26.26 25.46 -59.71
CA HIS D 469 -27.15 26.13 -60.65
C HIS D 469 -26.48 27.33 -61.31
N PHE D 470 -25.73 28.12 -60.54
CA PHE D 470 -25.07 29.30 -61.08
C PHE D 470 -23.67 29.02 -61.61
N LYS D 471 -23.05 27.92 -61.18
CA LYS D 471 -21.72 27.51 -61.67
C LYS D 471 -20.67 28.61 -61.46
N ILE D 472 -20.71 29.25 -60.31
CA ILE D 472 -19.77 30.31 -59.99
C ILE D 472 -18.48 29.70 -59.45
N ARG D 473 -17.35 30.20 -59.94
CA ARG D 473 -16.03 29.77 -59.49
C ARG D 473 -15.28 30.96 -58.92
N LEU D 474 -14.46 30.68 -57.91
CA LEU D 474 -13.74 31.72 -57.18
C LEU D 474 -12.24 31.58 -57.43
N ALA D 475 -11.61 32.67 -57.87
CA ALA D 475 -10.16 32.66 -58.09
C ALA D 475 -9.40 32.48 -56.79
N TRP D 476 -9.83 33.17 -55.73
CA TRP D 476 -9.15 33.02 -54.44
C TRP D 476 -9.32 31.61 -53.89
N PHE D 477 -10.40 30.93 -54.25
CA PHE D 477 -10.53 29.51 -53.89
C PHE D 477 -9.42 28.69 -54.53
N GLU D 478 -9.15 28.94 -55.82
CA GLU D 478 -8.06 28.24 -56.49
C GLU D 478 -6.71 28.59 -55.87
N LYS D 479 -6.53 29.87 -55.50
CA LYS D 479 -5.29 30.28 -54.85
C LYS D 479 -5.09 29.55 -53.52
N MET D 480 -6.14 29.45 -52.72
CA MET D 480 -6.06 28.73 -51.46
C MET D 480 -5.76 27.25 -51.70
N THR D 481 -6.42 26.65 -52.69
CA THR D 481 -6.18 25.23 -52.97
C THR D 481 -4.74 24.99 -53.39
N CYS D 482 -4.19 25.86 -54.24
CA CYS D 482 -2.81 25.67 -54.68
C CYS D 482 -1.83 25.88 -53.53
N TYR D 483 -2.08 26.89 -52.68
CA TYR D 483 -1.22 27.10 -51.53
C TYR D 483 -1.24 25.89 -50.60
N LEU D 484 -2.42 25.35 -50.32
CA LEU D 484 -2.52 24.18 -49.46
C LEU D 484 -1.89 22.96 -50.10
N GLN D 485 -1.99 22.83 -51.42
CA GLN D 485 -1.34 21.73 -52.12
C GLN D 485 0.18 21.81 -51.97
N LEU D 486 0.74 23.01 -52.12
CA LEU D 486 2.18 23.17 -51.95
C LEU D 486 2.61 22.99 -50.51
N LEU D 487 1.74 23.32 -49.55
CA LEU D 487 2.12 23.23 -48.14
C LEU D 487 2.28 21.78 -47.70
N PHE D 488 1.31 20.92 -48.01
CA PHE D 488 1.28 19.56 -47.49
C PHE D 488 1.61 18.52 -48.55
N ASN D 489 2.23 18.93 -49.66
CA ASN D 489 2.51 18.02 -50.79
C ASN D 489 1.22 17.37 -51.28
N ILE D 490 0.13 18.13 -51.27
CA ILE D 490 -1.18 17.59 -51.64
C ILE D 490 -1.26 17.51 -53.17
N CYS D 491 -1.49 16.31 -53.68
CA CYS D 491 -1.56 16.06 -55.11
C CYS D 491 -2.75 15.18 -55.43
N LEU D 492 -3.25 15.32 -56.65
CA LEU D 492 -4.41 14.56 -57.12
C LEU D 492 -3.94 13.47 -58.06
N PRO D 493 -3.94 12.19 -57.64
CA PRO D 493 -3.53 11.08 -58.49
C PRO D 493 -4.54 10.76 -59.60
C1 NAG E . -1.48 -0.50 60.33
C2 NAG E . -2.04 0.39 61.42
C3 NAG E . -3.20 -0.33 62.08
C4 NAG E . -2.72 -1.68 62.57
C5 NAG E . -2.18 -2.48 61.40
C6 NAG E . -3.00 -3.74 61.16
C7 NAG E . -1.05 1.85 63.05
C8 NAG E . 0.24 2.62 63.02
N2 NAG E . -1.03 0.69 62.40
O3 NAG E . -4.24 -0.51 61.12
O4 NAG E . -1.67 -1.50 63.50
O5 NAG E . -2.25 -1.69 60.22
O6 NAG E . -2.92 -4.07 59.76
O7 NAG E . -2.03 2.24 63.65
C1 NAG E . -2.25 -1.35 64.81
C2 NAG E . -1.15 -1.56 65.85
C3 NAG E . -0.71 -0.25 66.46
C4 NAG E . -1.88 0.48 67.10
C5 NAG E . -3.16 0.20 66.34
C6 NAG E . -4.12 1.37 66.41
C7 NAG E . -0.92 -2.59 68.01
C8 NAG E . -1.64 -2.21 69.28
N2 NAG E . -1.61 -2.46 66.89
O3 NAG E . -0.14 0.57 65.44
O4 NAG E . -2.03 0.06 68.46
O5 NAG E . -2.83 -0.06 64.98
O6 NAG E . -3.79 2.17 67.56
O7 NAG E . 0.23 -2.99 68.01
C1 NAG F . 3.53 -29.04 40.14
C2 NAG F . 3.95 -29.50 41.53
C3 NAG F . 2.72 -29.77 42.37
C4 NAG F . 2.01 -28.46 42.69
C5 NAG F . 1.96 -27.54 41.47
C6 NAG F . 2.86 -26.34 41.57
C7 NAG F . 5.92 -30.85 42.12
C8 NAG F . 6.33 -29.71 43.00
N2 NAG F . 4.77 -30.70 41.44
O3 NAG F . 3.11 -30.42 43.58
O4 NAG F . 0.68 -28.75 43.09
O5 NAG F . 2.29 -28.22 40.24
O6 NAG F . 2.12 -25.12 41.50
O7 NAG F . 6.60 -31.87 42.02
C1 NAG F . 0.25 -27.80 44.10
C2 NAG F . -1.07 -28.31 44.65
C3 NAG F . -1.41 -27.65 45.99
C4 NAG F . -0.57 -26.40 46.25
C5 NAG F . 0.93 -26.60 46.02
C6 NAG F . 1.69 -26.88 47.30
C7 NAG F . -2.57 -26.98 43.19
C8 NAG F . -3.70 -27.04 42.22
N2 NAG F . -2.17 -28.15 43.69
O3 NAG F . -1.22 -28.58 47.04
O4 NAG F . -1.03 -25.31 45.44
O5 NAG F . 1.18 -27.71 45.15
O6 NAG F . 0.80 -27.07 48.40
O7 NAG F . -2.04 -25.91 43.50
C1 NAG G . 49.72 -12.98 36.64
C2 NAG G . 50.04 -14.28 37.37
C3 NAG G . 51.30 -14.93 36.79
C4 NAG G . 51.15 -15.09 35.28
C5 NAG G . 50.78 -13.76 34.63
C6 NAG G . 50.51 -13.88 33.15
C7 NAG G . 51.12 -13.28 39.36
C8 NAG G . 51.11 -13.20 40.86
N2 NAG G . 50.19 -14.07 38.80
O3 NAG G . 51.51 -16.20 37.40
O4 NAG G . 52.36 -15.60 34.71
O5 NAG G . 49.58 -13.25 35.24
O6 NAG G . 50.47 -15.24 32.73
O7 NAG G . 51.94 -12.65 38.69
C1 NAG G . 53.50 -14.80 35.07
C2 NAG G . 54.62 -15.71 35.60
C3 NAG G . 55.94 -15.39 34.93
C4 NAG G . 55.80 -15.57 33.43
C5 NAG G . 54.75 -14.60 32.89
C6 NAG G . 53.73 -15.26 31.99
C7 NAG G . 54.91 -16.67 37.84
C8 NAG G . 55.01 -16.37 39.31
N2 NAG G . 54.73 -15.60 37.05
O3 NAG G . 56.94 -16.26 35.44
O4 NAG G . 57.05 -15.32 32.79
O5 NAG G . 54.02 -13.96 33.95
O6 NAG G . 53.71 -16.67 32.18
O7 NAG G . 54.98 -17.81 37.40
C1 NAG H . 12.76 13.25 54.19
C2 NAG H . 12.47 13.79 55.61
C3 NAG H . 11.98 12.70 56.58
C4 NAG H . 12.91 11.48 56.61
C5 NAG H . 13.79 11.43 55.37
C6 NAG H . 14.29 10.04 55.05
C7 NAG H . 14.02 15.70 55.75
C8 NAG H . 15.24 16.26 56.43
N2 NAG H . 13.63 14.49 56.16
O3 NAG H . 10.67 12.30 56.20
O4 NAG H . 13.65 11.43 57.82
O5 NAG H . 13.00 11.84 54.25
O6 NAG H . 13.30 9.29 54.33
O7 NAG H . 13.42 16.31 54.87
C1 NAG H . 14.92 12.13 57.78
C2 NAG H . 15.05 12.98 59.04
C3 NAG H . 16.40 13.69 59.07
C4 NAG H . 17.54 12.69 58.88
C5 NAG H . 17.30 11.85 57.64
C6 NAG H . 18.33 10.75 57.47
C7 NAG H . 13.20 14.10 60.21
C8 NAG H . 13.53 13.21 61.38
N2 NAG H . 13.96 13.94 59.13
O3 NAG H . 16.55 14.38 60.29
O4 NAG H . 18.77 13.38 58.76
O5 NAG H . 16.03 11.21 57.71
O6 NAG H . 18.91 10.39 58.71
O7 NAG H . 12.29 14.92 60.26
C1 NAG I . 36.37 13.77 48.18
C2 NAG I . 36.06 14.82 49.22
C3 NAG I . 37.28 15.04 50.12
C4 NAG I . 37.76 13.72 50.71
C5 NAG I . 37.92 12.64 49.64
C6 NAG I . 38.14 11.27 50.23
C7 NAG I . 34.39 16.43 48.44
C8 NAG I . 34.15 17.75 47.77
N2 NAG I . 35.66 16.07 48.59
O3 NAG I . 36.94 15.96 51.15
O4 NAG I . 38.98 13.94 51.41
O5 NAG I . 36.73 12.54 48.83
O6 NAG I . 36.93 10.52 50.28
O7 NAG I . 33.46 15.73 48.84
C1 NAG I . 40.16 14.00 50.55
C2 NAG I . 40.71 15.44 50.45
C3 NAG I . 41.95 15.60 51.30
C4 NAG I . 41.79 14.85 52.61
C5 NAG I . 41.79 13.35 52.32
C6 NAG I . 40.99 12.56 53.34
C7 NAG I . 40.27 16.65 48.35
C8 NAG I . 40.71 16.87 46.94
N2 NAG I . 41.00 15.78 49.06
O3 NAG I . 42.17 16.98 51.57
O4 NAG I . 42.86 15.17 53.50
O5 NAG I . 41.22 13.09 51.03
O6 NAG I . 40.34 11.45 52.73
O7 NAG I . 39.31 17.23 48.84
C1 NAG J . -21.35 16.93 53.84
C2 NAG J . -21.27 16.41 55.27
C3 NAG J . -20.40 17.34 56.09
C4 NAG J . -20.96 18.75 55.97
C5 NAG J . -21.00 19.17 54.53
C6 NAG J . -20.10 20.37 54.26
C7 NAG J . -22.90 15.41 56.74
C8 NAG J . -24.14 14.62 56.46
N2 NAG J . -22.59 16.34 55.84
O3 NAG J . -19.08 17.32 55.57
O4 NAG J . -22.29 18.78 56.48
O5 NAG J . -20.53 18.09 53.72
O6 NAG J . -19.63 20.29 52.91
O7 NAG J . -22.21 15.22 57.72
C1 NAG J . -22.23 19.01 57.90
C2 NAG J . -23.60 19.47 58.37
C3 NAG J . -24.34 18.34 59.05
C4 NAG J . -23.57 17.84 60.25
C5 NAG J . -22.07 17.96 59.99
C6 NAG J . -21.30 16.87 60.74
C7 NAG J . -24.52 21.12 59.87
C8 NAG J . -24.25 21.74 61.22
N2 NAG J . -23.47 20.61 59.26
O3 NAG J . -24.54 17.28 58.13
O4 NAG J . -23.91 18.59 61.41
O5 NAG J . -21.85 17.83 58.60
O6 NAG J . -22.12 16.36 61.80
O7 NAG J . -25.64 21.09 59.40
C1 NAG K . -16.82 38.61 26.34
C2 NAG K . -17.71 39.41 27.28
C3 NAG K . -16.88 39.96 28.42
C4 NAG K . -16.40 38.83 29.32
C5 NAG K . -15.94 37.62 28.50
C6 NAG K . -16.89 36.43 28.59
C7 NAG K . -19.68 40.76 26.70
C8 NAG K . -20.45 39.88 27.64
N2 NAG K . -18.38 40.49 26.56
O3 NAG K . -17.65 40.89 29.17
O4 NAG K . -15.31 39.28 30.11
O5 NAG K . -15.75 37.92 27.11
O6 NAG K . -16.24 35.30 29.13
O7 NAG K . -20.22 41.67 26.09
C1 NAG K . -15.34 38.67 31.41
C2 NAG K . -14.30 39.38 32.25
C3 NAG K . -14.53 39.13 33.75
C4 NAG K . -15.47 37.95 34.01
C5 NAG K . -16.76 38.01 33.19
C6 NAG K . -17.93 38.58 33.95
C7 NAG K . -12.44 37.78 31.89
C8 NAG K . -11.02 37.65 31.44
N2 NAG K . -12.95 39.03 31.86
O3 NAG K . -15.06 40.30 34.36
O4 NAG K . -14.81 36.71 33.76
O5 NAG K . -16.60 38.82 32.01
O6 NAG K . -17.52 39.11 35.20
O7 NAG K . -13.10 36.82 32.27
C1 NAG L . -59.08 19.72 10.18
C2 NAG L . -59.59 21.16 10.35
C3 NAG L . -60.49 21.55 9.19
C4 NAG L . -59.77 21.31 7.86
C5 NAG L . -59.27 19.87 7.79
C6 NAG L . -58.44 19.60 6.55
C7 NAG L . -61.39 20.67 11.98
C8 NAG L . -61.95 21.01 13.33
N2 NAG L . -60.29 21.33 11.63
O3 NAG L . -60.85 22.92 9.30
O4 NAG L . -60.64 21.57 6.76
O5 NAG L . -58.41 19.60 8.91
O6 NAG L . -58.18 20.79 5.82
O7 NAG L . -61.93 19.84 11.25
C1 NAG L . -61.89 20.83 6.87
C2 NAG L . -63.06 21.80 6.67
C3 NAG L . -64.05 21.23 5.66
C4 NAG L . -63.34 21.01 4.34
C5 NAG L . -62.22 19.98 4.52
C6 NAG L . -60.90 20.44 3.93
C7 NAG L . -64.13 23.31 8.28
C8 NAG L . -64.79 23.42 9.63
N2 NAG L . -63.72 22.08 7.93
O3 NAG L . -65.12 22.14 5.49
O4 NAG L . -64.27 20.52 3.37
O5 NAG L . -61.99 19.70 5.91
O6 NAG L . -60.89 21.84 3.71
O7 NAG L . -63.97 24.28 7.55
C1 NAG M . -32.93 1.31 46.77
C2 NAG M . -33.24 1.17 48.28
C3 NAG M . -33.10 2.52 49.02
C4 NAG M . -33.89 3.64 48.38
C5 NAG M . -34.24 3.31 46.93
C6 NAG M . -34.50 4.54 46.10
C7 NAG M . -34.82 -0.70 48.33
C8 NAG M . -36.23 -1.13 48.61
N2 NAG M . -34.55 0.59 48.52
O3 NAG M . -31.72 2.87 49.10
O4 NAG M . -35.04 3.98 49.15
O5 NAG M . -33.11 2.66 46.36
O6 NAG M . -33.29 5.12 45.62
O7 NAG M . -33.96 -1.50 47.96
C1 NAG M . -36.24 3.24 48.83
C2 NAG M . -36.88 2.74 50.13
C3 NAG M . -38.17 1.99 49.83
C4 NAG M . -39.10 2.84 48.97
C5 NAG M . -38.36 3.33 47.72
C6 NAG M . -39.20 4.28 46.90
C7 NAG M . -35.68 2.09 52.17
C8 NAG M . -36.37 3.23 52.84
N2 NAG M . -35.95 1.90 50.87
O3 NAG M . -38.81 1.65 51.06
O4 NAG M . -40.23 2.07 48.58
O5 NAG M . -37.18 4.04 48.11
O6 NAG M . -40.18 4.93 47.68
O7 NAG M . -34.89 1.36 52.78
C1 NAG N . -52.54 -2.11 32.69
C2 NAG N . -52.71 -2.83 34.01
C3 NAG N . -54.18 -2.87 34.41
C4 NAG N . -54.77 -1.47 34.41
C5 NAG N . -54.46 -0.73 33.09
C6 NAG N . -54.82 0.74 33.16
C7 NAG N . -50.95 -4.51 34.40
C8 NAG N . -50.55 -5.95 34.24
N2 NAG N . -52.16 -4.18 33.94
O3 NAG N . -54.30 -3.45 35.70
O4 NAG N . -56.19 -1.56 34.61
O5 NAG N . -53.06 -0.79 32.81
O6 NAG N . -53.67 1.54 33.45
O7 NAG N . -50.21 -3.68 34.91
C1 NAG N . -56.95 -1.91 33.43
C2 NAG N . -57.49 -3.35 33.50
C3 NAG N . -58.98 -3.34 33.84
C4 NAG N . -59.29 -2.25 34.85
C5 NAG N . -59.10 -0.89 34.20
C6 NAG N . -58.70 0.19 35.17
C7 NAG N . -56.37 -5.06 32.15
C8 NAG N . -56.25 -5.67 30.79
N2 NAG N . -57.25 -4.06 32.26
O3 NAG N . -59.36 -4.62 34.36
O4 NAG N . -60.63 -2.37 35.31
O5 NAG N . -58.06 -0.96 33.19
O6 NAG N . -57.80 1.12 34.58
O7 NAG N . -55.69 -5.43 33.09
CA CA O . 5.83 12.36 34.13
CA CA P . -18.93 -2.93 31.38
#